data_1S9F
#
_entry.id   1S9F
#
_cell.length_a   104.800
_cell.length_b   100.300
_cell.length_c   110.800
_cell.angle_alpha   90.00
_cell.angle_beta   95.20
_cell.angle_gamma   90.00
#
_symmetry.space_group_name_H-M   'P 1 21 1'
#
loop_
_entity.id
_entity.type
_entity.pdbx_description
1 polymer "5'-D(*GP*GP*GP*GP*GP*AP*AP*GP*GP*AP*CP*TP*A)-3'"
2 polymer "5'-D(*T*TP*CP*AP*GP*TP*AP*GP*TP*CP*CP*TP*TP*CP*CP*CP*CP*C)-3'"
3 polymer 'DNA polymerase IV'
4 non-polymer 'CALCIUM ION'
5 non-polymer 'MAGNESIUM ION'
6 non-polymer "2',3'-DIDEOXYCYTOSINE-5'-DIPHOSPHATE"
7 water water
#
loop_
_entity_poly.entity_id
_entity_poly.type
_entity_poly.pdbx_seq_one_letter_code
_entity_poly.pdbx_strand_id
1 'polydeoxyribonucleotide' (DG)(DG)(DG)(DG)(DG)(DA)(DA)(DG)(DG)(DA)(DC)(DT)(DA) E,F,G,H
2 'polydeoxyribonucleotide' (DT)(DT)(DC)(DA)(DG)(DT)(DA)(DG)(DT)(DC)(DC)(DT)(DT)(DC)(DC)(DC)(DC)(DC) I,J,K,L
3 'polypeptide(L)'
;MIVLFVDFDYFYAQVEEVLNPSLKGKPVVVCVFSGRFEDSGAVATANYEARKFGVKAGIPIVEAKKILPNAVYLPMRKEV
YQQVSSRIMNLLREYSEKIEIASIDEAYLDISDKVRDYREAYNLGLEIKNKILEKEKITVTVGISKNKVFAKIAADMAKP
NGIKVIDDEEVKRLIRELDIADVPGIGNITAEKLKKLGINKLVDTLSIEFDKLKGMIGEAKAKYLISLARDEYNEPIRTR
VRKSIGRIVTMKRNSRNLEEIKPYLFRAIEESYYKLDKRIPKAIHVVAVTEDLDIVSRGRTFPHGISKETAYSESVKLLQ
KILEEDERKIRRIGVRFSKFIEAIGLDKFFDT
;
A,B,C,D
#
loop_
_chem_comp.id
_chem_comp.type
_chem_comp.name
_chem_comp.formula
CA non-polymer 'CALCIUM ION' 'Ca 2'
DA DNA linking 2'-DEOXYADENOSINE-5'-MONOPHOSPHATE 'C10 H14 N5 O6 P'
DC DNA linking 2'-DEOXYCYTIDINE-5'-MONOPHOSPHATE 'C9 H14 N3 O7 P'
DDY non-polymer 2',3'-DIDEOXYCYTOSINE-5'-DIPHOSPHATE 'C9 H15 N3 O9 P2'
DG DNA linking 2'-DEOXYGUANOSINE-5'-MONOPHOSPHATE 'C10 H14 N5 O7 P'
DT DNA linking THYMIDINE-5'-MONOPHOSPHATE 'C10 H15 N2 O8 P'
MG non-polymer 'MAGNESIUM ION' 'Mg 2'
#
# COMPACT_ATOMS: atom_id res chain seq x y z
N MET I 1 -13.41 27.53 -28.16
CA MET I 1 -12.41 27.10 -29.18
C MET I 1 -11.32 26.23 -28.55
N ILE I 2 -11.02 25.12 -29.21
CA ILE I 2 -10.01 24.19 -28.74
C ILE I 2 -8.96 24.00 -29.83
N VAL I 3 -7.70 24.30 -29.50
CA VAL I 3 -6.60 24.17 -30.45
C VAL I 3 -5.61 23.06 -30.04
N LEU I 4 -5.22 22.25 -31.01
CA LEU I 4 -4.28 21.16 -30.74
C LEU I 4 -3.02 21.39 -31.58
N PHE I 5 -1.91 21.59 -30.90
CA PHE I 5 -0.62 21.85 -31.54
C PHE I 5 0.25 20.61 -31.54
N VAL I 6 0.85 20.29 -32.69
CA VAL I 6 1.72 19.14 -32.82
C VAL I 6 3.13 19.62 -33.14
N ASP I 7 4.10 19.12 -32.38
CA ASP I 7 5.49 19.52 -32.53
C ASP I 7 6.38 18.28 -32.51
N PHE I 8 6.94 17.90 -33.67
CA PHE I 8 7.79 16.71 -33.77
C PHE I 8 9.02 16.84 -32.86
N ASP I 9 9.39 15.78 -32.14
CA ASP I 9 10.54 15.86 -31.23
C ASP I 9 11.92 15.83 -31.93
N TYR I 10 12.82 16.75 -31.55
CA TYR I 10 14.17 16.86 -32.13
C TYR I 10 14.19 16.29 -33.54
N PHE I 11 13.25 16.78 -34.35
CA PHE I 11 12.98 16.28 -35.69
C PHE I 11 14.08 15.77 -36.60
N TYR I 12 14.99 16.62 -37.03
CA TYR I 12 16.02 16.14 -37.95
C TYR I 12 16.82 14.98 -37.35
N ALA I 13 17.26 15.14 -36.11
CA ALA I 13 18.03 14.10 -35.45
C ALA I 13 17.17 12.84 -35.28
N GLN I 14 15.89 13.00 -34.96
CA GLN I 14 15.02 11.83 -34.79
C GLN I 14 14.86 11.09 -36.12
N VAL I 15 14.72 11.82 -37.21
CA VAL I 15 14.59 11.17 -38.52
C VAL I 15 15.84 10.33 -38.85
N GLU I 16 17.02 10.85 -38.50
CA GLU I 16 18.23 10.11 -38.78
C GLU I 16 18.28 8.84 -37.91
N GLU I 17 17.74 8.90 -36.69
CA GLU I 17 17.73 7.72 -35.83
C GLU I 17 16.78 6.66 -36.40
N VAL I 18 15.65 7.11 -36.94
CA VAL I 18 14.68 6.18 -37.52
C VAL I 18 15.27 5.53 -38.78
N LEU I 19 16.00 6.30 -39.58
CA LEU I 19 16.59 5.74 -40.79
C LEU I 19 17.81 4.88 -40.46
N ASN I 20 18.38 5.07 -39.28
CA ASN I 20 19.55 4.31 -38.84
C ASN I 20 19.46 4.08 -37.34
N PRO I 21 18.62 3.12 -36.92
CA PRO I 21 18.40 2.76 -35.52
C PRO I 21 19.64 2.48 -34.67
N SER I 22 20.76 2.19 -35.32
CA SER I 22 21.99 1.92 -34.56
C SER I 22 22.47 3.19 -33.85
N LEU I 23 21.91 4.34 -34.22
CA LEU I 23 22.30 5.61 -33.60
C LEU I 23 21.58 5.90 -32.29
N LYS I 24 20.47 5.20 -32.06
CA LYS I 24 19.70 5.38 -30.83
C LYS I 24 20.57 5.17 -29.60
N GLY I 25 20.38 6.02 -28.59
CA GLY I 25 21.16 5.91 -27.38
C GLY I 25 22.37 6.81 -27.38
N LYS I 26 22.91 7.10 -28.56
CA LYS I 26 24.09 7.97 -28.69
C LYS I 26 23.69 9.42 -28.92
N PRO I 27 24.61 10.34 -28.65
CA PRO I 27 24.28 11.74 -28.88
C PRO I 27 24.39 11.92 -30.40
N VAL I 28 23.39 12.53 -31.01
CA VAL I 28 23.39 12.75 -32.45
C VAL I 28 23.24 14.24 -32.72
N VAL I 29 24.10 14.78 -33.58
CA VAL I 29 24.07 16.19 -33.91
C VAL I 29 23.99 16.40 -35.42
N VAL I 30 22.89 16.99 -35.89
CA VAL I 30 22.72 17.26 -37.31
C VAL I 30 23.29 18.65 -37.60
N CYS I 31 24.25 18.70 -38.51
CA CYS I 31 24.95 19.93 -38.83
C CYS I 31 24.77 20.52 -40.22
N VAL I 32 24.97 21.84 -40.26
CA VAL I 32 24.92 22.59 -41.50
C VAL I 32 26.39 22.99 -41.73
N PHE I 33 27.08 22.24 -42.58
CA PHE I 33 28.49 22.50 -42.89
C PHE I 33 28.55 23.58 -43.99
N SER I 34 29.21 24.71 -43.69
CA SER I 34 29.30 25.81 -44.64
C SER I 34 30.34 25.59 -45.73
N GLY I 35 31.42 24.88 -45.40
CA GLY I 35 32.45 24.60 -46.37
C GLY I 35 33.64 25.55 -46.39
N ARG I 36 33.58 26.64 -45.64
CA ARG I 36 34.69 27.60 -45.61
C ARG I 36 35.97 26.97 -45.07
N PHE I 37 35.81 25.96 -44.23
CA PHE I 37 36.95 25.25 -43.66
C PHE I 37 36.49 24.01 -42.92
N GLU I 38 37.44 23.20 -42.46
CA GLU I 38 37.13 21.98 -41.73
C GLU I 38 36.19 22.23 -40.56
N ASP I 39 34.98 21.66 -40.63
CA ASP I 39 33.99 21.80 -39.58
C ASP I 39 33.37 23.18 -39.39
N SER I 40 33.48 24.04 -40.40
CA SER I 40 32.88 25.37 -40.29
C SER I 40 31.38 25.15 -40.44
N GLY I 41 30.58 25.88 -39.67
CA GLY I 41 29.14 25.71 -39.77
C GLY I 41 28.46 25.73 -38.42
N ALA I 42 27.16 25.45 -38.42
CA ALA I 42 26.38 25.45 -37.20
C ALA I 42 25.54 24.18 -37.04
N VAL I 43 25.06 23.98 -35.82
CA VAL I 43 24.23 22.84 -35.47
C VAL I 43 22.78 23.20 -35.78
N ALA I 44 22.09 22.35 -36.54
CA ALA I 44 20.67 22.61 -36.85
C ALA I 44 19.85 22.12 -35.67
N THR I 45 20.20 20.94 -35.17
CA THR I 45 19.56 20.35 -34.01
C THR I 45 20.34 19.14 -33.53
N ALA I 46 20.02 18.70 -32.32
CA ALA I 46 20.69 17.55 -31.73
C ALA I 46 19.67 16.76 -30.92
N ASN I 47 19.87 15.46 -30.76
CA ASN I 47 18.90 14.73 -29.96
C ASN I 47 19.06 15.15 -28.50
N TYR I 48 18.20 14.65 -27.63
CA TYR I 48 18.27 15.05 -26.23
C TYR I 48 19.50 14.57 -25.49
N GLU I 49 20.10 13.47 -25.94
CA GLU I 49 21.31 12.98 -25.27
C GLU I 49 22.42 14.01 -25.42
N ALA I 50 22.50 14.65 -26.60
CA ALA I 50 23.52 15.65 -26.86
C ALA I 50 23.20 16.95 -26.14
N ARG I 51 21.92 17.26 -25.99
CA ARG I 51 21.51 18.49 -25.32
C ARG I 51 21.85 18.47 -23.84
N LYS I 52 21.93 17.28 -23.26
CA LYS I 52 22.27 17.17 -21.84
C LYS I 52 23.66 17.77 -21.63
N PHE I 53 24.47 17.76 -22.69
CA PHE I 53 25.83 18.27 -22.62
C PHE I 53 25.96 19.70 -23.08
N GLY I 54 24.82 20.34 -23.39
CA GLY I 54 24.87 21.72 -23.81
C GLY I 54 24.89 21.96 -25.30
N VAL I 55 24.85 20.90 -26.09
CA VAL I 55 24.86 21.05 -27.55
C VAL I 55 23.43 21.38 -27.98
N LYS I 56 23.25 22.57 -28.55
CA LYS I 56 21.93 23.01 -28.99
C LYS I 56 21.99 23.67 -30.37
N ALA I 57 20.83 23.78 -31.02
CA ALA I 57 20.74 24.40 -32.33
C ALA I 57 21.34 25.79 -32.30
N GLY I 58 22.04 26.16 -33.35
CA GLY I 58 22.63 27.49 -33.42
C GLY I 58 24.10 27.62 -33.09
N ILE I 59 24.63 26.72 -32.26
CA ILE I 59 26.03 26.81 -31.89
C ILE I 59 26.97 26.31 -32.98
N PRO I 60 28.18 26.88 -33.05
CA PRO I 60 29.16 26.47 -34.06
C PRO I 60 29.43 24.99 -33.92
N ILE I 61 29.69 24.32 -35.04
CA ILE I 61 29.98 22.89 -35.02
C ILE I 61 31.25 22.65 -34.19
N VAL I 62 32.23 23.55 -34.30
CA VAL I 62 33.48 23.38 -33.56
C VAL I 62 33.24 23.43 -32.05
N GLU I 63 32.37 24.35 -31.62
CA GLU I 63 32.05 24.48 -30.22
C GLU I 63 31.42 23.17 -29.73
N ALA I 64 30.52 22.62 -30.54
CA ALA I 64 29.87 21.36 -30.20
C ALA I 64 30.91 20.25 -30.06
N LYS I 65 31.85 20.18 -31.00
CA LYS I 65 32.88 19.14 -30.96
C LYS I 65 33.85 19.31 -29.80
N LYS I 66 33.93 20.51 -29.23
CA LYS I 66 34.81 20.74 -28.10
C LYS I 66 34.14 20.17 -26.84
N ILE I 67 32.81 20.23 -26.82
CA ILE I 67 32.00 19.74 -25.70
C ILE I 67 31.71 18.25 -25.80
N LEU I 68 31.44 17.77 -27.02
CA LEU I 68 31.12 16.38 -27.28
C LEU I 68 31.88 15.89 -28.50
N PRO I 69 33.19 15.69 -28.38
CA PRO I 69 33.98 15.21 -29.53
C PRO I 69 33.58 13.86 -30.11
N ASN I 70 32.99 12.98 -29.32
CA ASN I 70 32.63 11.67 -29.85
C ASN I 70 31.17 11.43 -30.20
N ALA I 71 30.39 12.50 -30.28
CA ALA I 71 28.99 12.36 -30.66
C ALA I 71 28.96 12.01 -32.15
N VAL I 72 27.79 11.67 -32.67
CA VAL I 72 27.66 11.36 -34.09
C VAL I 72 27.29 12.65 -34.82
N TYR I 73 28.19 13.13 -35.68
CA TYR I 73 27.95 14.35 -36.43
C TYR I 73 27.50 14.04 -37.83
N LEU I 74 26.27 14.47 -38.16
CA LEU I 74 25.70 14.19 -39.47
C LEU I 74 25.36 15.45 -40.24
N PRO I 75 25.56 15.43 -41.56
CA PRO I 75 25.25 16.58 -42.42
C PRO I 75 23.73 16.63 -42.59
N MET I 76 23.18 17.83 -42.60
CA MET I 76 21.74 17.97 -42.76
C MET I 76 21.29 17.49 -44.13
N ARG I 77 20.23 16.69 -44.15
CA ARG I 77 19.64 16.17 -45.40
C ARG I 77 18.20 16.69 -45.44
N LYS I 78 18.07 17.99 -45.67
CA LYS I 78 16.77 18.66 -45.70
C LYS I 78 15.69 18.00 -46.56
N GLU I 79 16.06 17.49 -47.73
CA GLU I 79 15.09 16.86 -48.63
C GLU I 79 14.44 15.66 -47.98
N VAL I 80 15.24 14.89 -47.24
CA VAL I 80 14.75 13.71 -46.54
C VAL I 80 13.76 14.15 -45.46
N TYR I 81 14.17 15.10 -44.63
CA TYR I 81 13.33 15.58 -43.55
C TYR I 81 12.01 16.16 -44.06
N GLN I 82 12.07 16.81 -45.23
CA GLN I 82 10.87 17.39 -45.81
C GLN I 82 9.88 16.31 -46.23
N GLN I 83 10.37 15.23 -46.83
CA GLN I 83 9.48 14.16 -47.27
C GLN I 83 8.81 13.47 -46.08
N VAL I 84 9.57 13.20 -45.02
CA VAL I 84 9.00 12.58 -43.83
C VAL I 84 7.94 13.54 -43.26
N SER I 85 8.29 14.81 -43.16
CA SER I 85 7.36 15.80 -42.64
C SER I 85 6.04 15.85 -43.41
N SER I 86 6.11 15.87 -44.74
CA SER I 86 4.90 15.94 -45.55
C SER I 86 4.00 14.73 -45.32
N ARG I 87 4.62 13.55 -45.11
CA ARG I 87 3.83 12.36 -44.86
C ARG I 87 3.12 12.52 -43.52
N ILE I 88 3.86 12.95 -42.49
CA ILE I 88 3.25 13.15 -41.18
C ILE I 88 2.16 14.22 -41.23
N MET I 89 2.40 15.29 -41.97
CA MET I 89 1.40 16.36 -42.09
C MET I 89 0.12 15.81 -42.71
N ASN I 90 0.28 14.89 -43.66
CA ASN I 90 -0.88 14.28 -44.30
C ASN I 90 -1.68 13.44 -43.30
N LEU I 91 -1.00 12.85 -42.32
CA LEU I 91 -1.73 12.07 -41.31
C LEU I 91 -2.56 13.00 -40.46
N LEU I 92 -1.99 14.15 -40.13
CA LEU I 92 -2.69 15.13 -39.31
C LEU I 92 -3.94 15.67 -40.01
N ARG I 93 -3.88 15.81 -41.33
CA ARG I 93 -5.01 16.32 -42.10
C ARG I 93 -6.28 15.47 -41.92
N GLU I 94 -6.11 14.21 -41.56
CA GLU I 94 -7.23 13.30 -41.35
C GLU I 94 -7.99 13.58 -40.05
N TYR I 95 -7.36 14.35 -39.16
CA TYR I 95 -7.98 14.67 -37.87
C TYR I 95 -8.69 16.02 -37.83
N SER I 96 -8.44 16.85 -38.83
CA SER I 96 -9.09 18.15 -38.89
C SER I 96 -8.97 18.78 -40.27
N GLU I 97 -10.02 19.50 -40.65
CA GLU I 97 -10.05 20.18 -41.94
C GLU I 97 -9.31 21.50 -41.73
N LYS I 98 -9.47 22.07 -40.53
CA LYS I 98 -8.85 23.33 -40.18
C LYS I 98 -7.46 23.04 -39.61
N ILE I 99 -6.45 23.09 -40.47
CA ILE I 99 -5.09 22.81 -40.05
C ILE I 99 -4.10 23.83 -40.59
N GLU I 100 -3.20 24.28 -39.72
CA GLU I 100 -2.21 25.27 -40.12
C GLU I 100 -0.81 24.71 -39.96
N ILE I 101 -0.15 24.45 -41.07
CA ILE I 101 1.21 23.93 -41.04
C ILE I 101 2.08 25.17 -40.89
N ALA I 102 2.60 25.37 -39.69
CA ALA I 102 3.42 26.53 -39.38
C ALA I 102 4.82 26.41 -39.96
N SER I 103 5.37 25.20 -39.93
CA SER I 103 6.71 24.99 -40.46
C SER I 103 6.96 23.51 -40.70
N ILE I 104 8.21 23.15 -40.93
CA ILE I 104 8.53 21.77 -41.24
C ILE I 104 8.13 20.75 -40.15
N ASP I 105 8.08 21.18 -38.89
CA ASP I 105 7.72 20.22 -37.86
C ASP I 105 6.72 20.70 -36.81
N GLU I 106 5.88 21.65 -37.20
CA GLU I 106 4.87 22.20 -36.30
C GLU I 106 3.59 22.41 -37.07
N ALA I 107 2.46 22.16 -36.42
CA ALA I 107 1.16 22.34 -37.05
C ALA I 107 0.10 22.56 -35.99
N TYR I 108 -0.85 23.43 -36.32
CA TYR I 108 -1.95 23.74 -35.42
C TYR I 108 -3.24 23.18 -36.02
N LEU I 109 -4.04 22.50 -35.20
CA LEU I 109 -5.31 21.95 -35.64
C LEU I 109 -6.43 22.55 -34.83
N ASP I 110 -7.46 23.05 -35.50
CA ASP I 110 -8.61 23.58 -34.77
C ASP I 110 -9.54 22.38 -34.65
N ILE I 111 -9.67 21.84 -33.45
CA ILE I 111 -10.53 20.68 -33.24
C ILE I 111 -11.78 21.01 -32.45
N SER I 112 -12.09 22.30 -32.35
CA SER I 112 -13.25 22.72 -31.59
C SER I 112 -14.56 22.08 -32.08
N ASP I 113 -14.58 21.68 -33.35
CA ASP I 113 -15.76 21.02 -33.92
C ASP I 113 -15.58 19.51 -33.96
N LYS I 114 -14.51 19.03 -33.33
CA LYS I 114 -14.21 17.60 -33.31
C LYS I 114 -14.32 16.99 -31.92
N VAL I 115 -14.09 17.78 -30.89
CA VAL I 115 -14.15 17.29 -29.53
C VAL I 115 -15.08 18.14 -28.68
N ARG I 116 -15.67 17.51 -27.66
CA ARG I 116 -16.60 18.20 -26.79
C ARG I 116 -15.94 19.01 -25.69
N ASP I 117 -14.82 18.50 -25.19
CA ASP I 117 -14.10 19.15 -24.11
C ASP I 117 -12.62 18.80 -24.15
N TYR I 118 -11.87 19.22 -23.13
CA TYR I 118 -10.45 18.92 -23.07
C TYR I 118 -10.17 17.46 -22.77
N ARG I 119 -11.14 16.76 -22.20
CA ARG I 119 -10.96 15.34 -21.91
C ARG I 119 -10.82 14.64 -23.25
N GLU I 120 -11.79 14.90 -24.14
CA GLU I 120 -11.76 14.30 -25.46
C GLU I 120 -10.58 14.85 -26.28
N ALA I 121 -10.25 16.12 -26.09
CA ALA I 121 -9.13 16.72 -26.82
C ALA I 121 -7.85 15.97 -26.45
N TYR I 122 -7.70 15.64 -25.18
CA TYR I 122 -6.53 14.91 -24.71
C TYR I 122 -6.48 13.53 -25.37
N ASN I 123 -7.63 12.88 -25.46
CA ASN I 123 -7.69 11.56 -26.08
C ASN I 123 -7.35 11.61 -27.58
N LEU I 124 -7.80 12.65 -28.26
CA LEU I 124 -7.48 12.79 -29.69
C LEU I 124 -5.97 12.98 -29.80
N GLY I 125 -5.41 13.70 -28.83
CA GLY I 125 -3.98 13.93 -28.79
C GLY I 125 -3.23 12.61 -28.71
N LEU I 126 -3.69 11.72 -27.83
CA LEU I 126 -3.05 10.41 -27.69
C LEU I 126 -3.22 9.61 -28.96
N GLU I 127 -4.36 9.75 -29.63
CA GLU I 127 -4.61 9.01 -30.85
C GLU I 127 -3.70 9.52 -31.96
N ILE I 128 -3.49 10.83 -31.99
CA ILE I 128 -2.62 11.42 -33.00
C ILE I 128 -1.18 10.94 -32.80
N LYS I 129 -0.73 10.92 -31.54
CA LYS I 129 0.63 10.46 -31.25
C LYS I 129 0.80 9.00 -31.66
N ASN I 130 -0.16 8.16 -31.29
CA ASN I 130 -0.09 6.75 -31.63
C ASN I 130 -0.12 6.51 -33.14
N LYS I 131 -0.90 7.30 -33.87
CA LYS I 131 -0.97 7.14 -35.32
C LYS I 131 0.37 7.47 -35.98
N ILE I 132 0.99 8.56 -35.56
CA ILE I 132 2.27 8.98 -36.13
C ILE I 132 3.36 7.98 -35.75
N LEU I 133 3.28 7.46 -34.53
CA LEU I 133 4.26 6.49 -34.07
C LEU I 133 4.12 5.20 -34.87
N GLU I 134 2.88 4.80 -35.09
CA GLU I 134 2.57 3.58 -35.84
C GLU I 134 3.03 3.67 -37.28
N LYS I 135 2.65 4.75 -37.94
CA LYS I 135 2.97 4.95 -39.35
C LYS I 135 4.42 5.36 -39.65
N GLU I 136 4.96 6.32 -38.91
CA GLU I 136 6.33 6.79 -39.18
C GLU I 136 7.35 6.55 -38.08
N LYS I 137 6.93 5.95 -36.98
CA LYS I 137 7.83 5.67 -35.87
C LYS I 137 8.51 6.93 -35.33
N ILE I 138 7.78 8.05 -35.35
CA ILE I 138 8.28 9.33 -34.88
C ILE I 138 7.47 9.78 -33.68
N THR I 139 8.16 10.24 -32.63
CA THR I 139 7.48 10.72 -31.43
C THR I 139 7.27 12.22 -31.60
N VAL I 140 6.14 12.71 -31.10
CA VAL I 140 5.81 14.12 -31.19
C VAL I 140 5.22 14.57 -29.85
N THR I 141 5.20 15.89 -29.63
CA THR I 141 4.62 16.42 -28.41
C THR I 141 3.37 17.18 -28.82
N VAL I 142 2.30 17.01 -28.05
CA VAL I 142 1.03 17.68 -28.34
C VAL I 142 0.70 18.71 -27.28
N GLY I 143 0.34 19.92 -27.73
CA GLY I 143 -0.04 20.97 -26.80
C GLY I 143 -1.50 21.30 -27.05
N ILE I 144 -2.30 21.38 -25.99
CA ILE I 144 -3.73 21.67 -26.13
C ILE I 144 -4.21 22.82 -25.24
N SER I 145 -4.92 23.79 -25.83
CA SER I 145 -5.46 24.90 -25.05
C SER I 145 -6.56 25.65 -25.79
N LYS I 146 -6.92 26.83 -25.30
CA LYS I 146 -8.00 27.63 -25.89
C LYS I 146 -7.64 28.43 -27.13
N ASN I 147 -6.34 28.60 -27.38
CA ASN I 147 -5.90 29.32 -28.57
C ASN I 147 -4.50 28.83 -29.01
N LYS I 148 -4.05 29.28 -30.16
CA LYS I 148 -2.75 28.85 -30.68
C LYS I 148 -1.55 29.17 -29.81
N VAL I 149 -1.53 30.34 -29.19
CA VAL I 149 -0.39 30.71 -28.35
C VAL I 149 -0.22 29.78 -27.15
N PHE I 150 -1.31 29.51 -26.43
CA PHE I 150 -1.20 28.62 -25.28
C PHE I 150 -1.09 27.15 -25.65
N ALA I 151 -1.51 26.78 -26.86
CA ALA I 151 -1.38 25.38 -27.29
C ALA I 151 0.11 25.15 -27.48
N LYS I 152 0.78 26.12 -28.09
CA LYS I 152 2.22 26.03 -28.31
C LYS I 152 2.97 26.05 -26.98
N ILE I 153 2.57 26.93 -26.07
CA ILE I 153 3.23 27.01 -24.77
C ILE I 153 3.12 25.65 -24.07
N ALA I 154 1.96 25.01 -24.22
CA ALA I 154 1.74 23.71 -23.61
C ALA I 154 2.74 22.70 -24.16
N ALA I 155 2.94 22.70 -25.47
CA ALA I 155 3.90 21.79 -26.09
C ALA I 155 5.31 22.08 -25.58
N ASP I 156 5.65 23.36 -25.45
CA ASP I 156 6.99 23.72 -24.96
C ASP I 156 7.21 23.15 -23.56
N MET I 157 6.18 23.20 -22.72
CA MET I 157 6.25 22.67 -21.36
C MET I 157 6.31 21.15 -21.29
N ALA I 158 5.77 20.48 -22.32
CA ALA I 158 5.73 19.02 -22.30
C ALA I 158 6.75 18.25 -23.12
N LYS I 159 7.40 18.88 -24.10
CA LYS I 159 8.36 18.15 -24.92
C LYS I 159 9.55 17.63 -24.11
N PRO I 160 10.15 16.51 -24.54
CA PRO I 160 9.77 15.71 -25.71
C PRO I 160 8.81 14.56 -25.37
N ASN I 161 8.21 14.00 -26.41
CA ASN I 161 7.28 12.88 -26.27
C ASN I 161 6.22 13.12 -25.20
N GLY I 162 5.62 14.30 -25.20
CA GLY I 162 4.61 14.58 -24.20
C GLY I 162 3.28 15.01 -24.75
N ILE I 163 2.36 15.30 -23.83
CA ILE I 163 1.03 15.76 -24.17
C ILE I 163 0.61 16.58 -22.97
N LYS I 164 0.15 17.81 -23.21
CA LYS I 164 -0.22 18.69 -22.11
C LYS I 164 -1.43 19.56 -22.44
N VAL I 165 -2.34 19.66 -21.48
CA VAL I 165 -3.53 20.48 -21.64
C VAL I 165 -3.39 21.66 -20.68
N ILE I 166 -3.60 22.86 -21.19
CA ILE I 166 -3.55 24.06 -20.36
C ILE I 166 -4.97 24.58 -20.33
N ASP I 167 -5.69 24.30 -19.25
CA ASP I 167 -7.09 24.73 -19.14
C ASP I 167 -7.22 26.21 -18.79
N ASP I 168 -8.46 26.70 -18.84
CA ASP I 168 -8.76 28.10 -18.55
C ASP I 168 -8.16 28.62 -17.25
N GLU I 169 -8.14 27.80 -16.21
CA GLU I 169 -7.58 28.24 -14.95
C GLU I 169 -6.06 28.36 -15.02
N GLU I 170 -5.43 27.48 -15.79
CA GLU I 170 -3.98 27.55 -15.90
C GLU I 170 -3.55 28.70 -16.81
N VAL I 171 -4.41 29.06 -17.76
CA VAL I 171 -4.11 30.18 -18.65
C VAL I 171 -4.02 31.43 -17.79
N LYS I 172 -5.00 31.58 -16.90
CA LYS I 172 -5.05 32.73 -15.99
C LYS I 172 -3.80 32.74 -15.13
N ARG I 173 -3.39 31.57 -14.65
CA ARG I 173 -2.20 31.48 -13.81
C ARG I 173 -0.97 31.88 -14.63
N LEU I 174 -0.90 31.39 -15.86
CA LEU I 174 0.24 31.70 -16.73
C LEU I 174 0.30 33.19 -17.07
N ILE I 175 -0.85 33.81 -17.29
CA ILE I 175 -0.89 35.24 -17.61
C ILE I 175 -0.18 36.01 -16.51
N ARG I 176 -0.29 35.51 -15.28
CA ARG I 176 0.32 36.18 -14.13
C ARG I 176 1.71 35.69 -13.76
N GLU I 177 2.01 34.42 -14.03
CA GLU I 177 3.30 33.86 -13.64
C GLU I 177 4.30 33.52 -14.74
N LEU I 178 3.83 33.36 -15.97
CA LEU I 178 4.73 33.02 -17.06
C LEU I 178 5.65 34.18 -17.45
N ASP I 179 6.94 33.92 -17.53
CA ASP I 179 7.86 34.97 -17.92
C ASP I 179 7.48 35.35 -19.35
N ILE I 180 7.31 36.64 -19.59
CA ILE I 180 6.89 37.11 -20.91
C ILE I 180 7.86 36.75 -22.04
N ALA I 181 9.11 36.44 -21.68
CA ALA I 181 10.10 36.07 -22.67
C ALA I 181 9.78 34.71 -23.28
N ASP I 182 9.00 33.90 -22.56
CA ASP I 182 8.61 32.58 -23.03
C ASP I 182 7.36 32.58 -23.89
N VAL I 183 6.81 33.76 -24.13
CA VAL I 183 5.62 33.89 -24.96
C VAL I 183 6.09 33.93 -26.42
N PRO I 184 5.46 33.14 -27.30
CA PRO I 184 5.85 33.12 -28.71
C PRO I 184 5.87 34.53 -29.32
N GLY I 185 6.93 34.84 -30.05
CA GLY I 185 7.02 36.15 -30.68
C GLY I 185 7.83 37.15 -29.87
N ILE I 186 8.22 36.78 -28.65
CA ILE I 186 9.00 37.68 -27.82
C ILE I 186 10.43 37.16 -27.73
N GLY I 187 11.35 37.81 -28.45
CA GLY I 187 12.74 37.38 -28.42
C GLY I 187 13.54 38.23 -27.44
N ASN I 188 14.85 38.05 -27.42
CA ASN I 188 15.71 38.81 -26.50
C ASN I 188 15.55 40.31 -26.66
N ILE I 189 15.59 40.79 -27.90
CA ILE I 189 15.46 42.22 -28.14
C ILE I 189 14.16 42.77 -27.56
N THR I 190 13.03 42.15 -27.87
CA THR I 190 11.76 42.62 -27.37
C THR I 190 11.65 42.45 -25.85
N ALA I 191 12.23 41.36 -25.33
CA ALA I 191 12.19 41.10 -23.90
C ALA I 191 12.90 42.21 -23.13
N GLU I 192 14.00 42.70 -23.68
CA GLU I 192 14.77 43.77 -23.04
C GLU I 192 14.01 45.09 -23.09
N LYS I 193 13.35 45.35 -24.21
CA LYS I 193 12.57 46.58 -24.33
C LYS I 193 11.48 46.59 -23.26
N LEU I 194 10.84 45.44 -23.08
CA LEU I 194 9.78 45.28 -22.10
C LEU I 194 10.35 45.45 -20.69
N LYS I 195 11.53 44.90 -20.45
CA LYS I 195 12.20 45.01 -19.16
C LYS I 195 12.29 46.46 -18.74
N LYS I 196 12.70 47.32 -19.68
CA LYS I 196 12.85 48.74 -19.43
C LYS I 196 11.53 49.39 -19.03
N LEU I 197 10.41 48.76 -19.38
CA LEU I 197 9.10 49.28 -19.03
C LEU I 197 8.60 48.58 -17.78
N GLY I 198 9.43 47.72 -17.22
CA GLY I 198 9.06 46.98 -16.02
C GLY I 198 8.02 45.91 -16.31
N ILE I 199 8.03 45.39 -17.52
CA ILE I 199 7.09 44.34 -17.92
C ILE I 199 7.81 43.00 -18.05
N ASN I 200 7.44 42.06 -17.19
CA ASN I 200 8.06 40.73 -17.18
C ASN I 200 7.00 39.63 -17.23
N LYS I 201 5.74 40.03 -17.15
CA LYS I 201 4.63 39.09 -17.19
C LYS I 201 3.56 39.70 -18.06
N LEU I 202 2.75 38.84 -18.69
CA LEU I 202 1.67 39.32 -19.54
C LEU I 202 0.76 40.28 -18.77
N VAL I 203 0.40 39.90 -17.54
CA VAL I 203 -0.48 40.74 -16.75
C VAL I 203 0.06 42.16 -16.62
N ASP I 204 1.39 42.30 -16.59
CA ASP I 204 2.02 43.62 -16.48
C ASP I 204 1.65 44.58 -17.60
N THR I 205 1.25 44.04 -18.75
CA THR I 205 0.89 44.90 -19.88
C THR I 205 -0.46 45.58 -19.66
N LEU I 206 -1.14 45.20 -18.58
CA LEU I 206 -2.43 45.79 -18.27
C LEU I 206 -2.30 46.88 -17.20
N SER I 207 -1.07 47.13 -16.76
CA SER I 207 -0.81 48.14 -15.74
C SER I 207 -0.10 49.37 -16.32
N ILE I 208 0.18 49.34 -17.62
CA ILE I 208 0.86 50.44 -18.29
C ILE I 208 -0.03 51.03 -19.38
N GLU I 209 0.21 52.29 -19.74
CA GLU I 209 -0.57 52.94 -20.79
C GLU I 209 -0.27 52.28 -22.13
N PHE I 210 -1.31 52.04 -22.93
CA PHE I 210 -1.12 51.43 -24.23
C PHE I 210 -0.16 52.25 -25.07
N ASP I 211 -0.32 53.58 -25.02
CA ASP I 211 0.54 54.49 -25.80
C ASP I 211 2.00 54.28 -25.48
N LYS I 212 2.32 54.08 -24.20
CA LYS I 212 3.68 53.88 -23.77
C LYS I 212 4.21 52.52 -24.23
N LEU I 213 3.34 51.51 -24.23
CA LEU I 213 3.74 50.18 -24.67
C LEU I 213 3.93 50.16 -26.18
N LYS I 214 3.00 50.77 -26.91
CA LYS I 214 3.07 50.81 -28.36
C LYS I 214 4.31 51.57 -28.82
N GLY I 215 4.69 52.58 -28.05
CA GLY I 215 5.86 53.36 -28.41
C GLY I 215 7.15 52.58 -28.22
N MET I 216 7.11 51.56 -27.37
CA MET I 216 8.30 50.76 -27.10
C MET I 216 8.47 49.55 -28.01
N ILE I 217 7.38 48.84 -28.28
CA ILE I 217 7.46 47.64 -29.10
C ILE I 217 6.63 47.64 -30.38
N GLY I 218 5.97 48.75 -30.67
CA GLY I 218 5.15 48.83 -31.86
C GLY I 218 3.72 48.41 -31.61
N GLU I 219 2.78 48.93 -32.39
CA GLU I 219 1.38 48.62 -32.22
C GLU I 219 1.03 47.14 -32.39
N ALA I 220 1.64 46.49 -33.37
CA ALA I 220 1.34 45.07 -33.60
C ALA I 220 1.60 44.20 -32.37
N LYS I 221 2.81 44.25 -31.83
CA LYS I 221 3.12 43.41 -30.68
C LYS I 221 2.41 43.85 -29.40
N ALA I 222 2.11 45.14 -29.31
CA ALA I 222 1.43 45.69 -28.14
C ALA I 222 -0.01 45.15 -28.07
N LYS I 223 -0.72 45.17 -29.20
CA LYS I 223 -2.09 44.67 -29.24
C LYS I 223 -2.10 43.17 -29.02
N TYR I 224 -1.06 42.50 -29.51
CA TYR I 224 -0.90 41.06 -29.38
C TYR I 224 -0.81 40.67 -27.90
N LEU I 225 0.17 41.25 -27.19
CA LEU I 225 0.35 40.95 -25.78
C LEU I 225 -0.85 41.29 -24.91
N ILE I 226 -1.50 42.41 -25.19
CA ILE I 226 -2.66 42.82 -24.41
C ILE I 226 -3.84 41.87 -24.62
N SER I 227 -4.06 41.47 -25.88
CA SER I 227 -5.15 40.54 -26.18
C SER I 227 -4.91 39.24 -25.42
N LEU I 228 -3.64 38.84 -25.35
CA LEU I 228 -3.29 37.62 -24.62
C LEU I 228 -3.54 37.82 -23.13
N ALA I 229 -3.02 38.91 -22.58
CA ALA I 229 -3.19 39.20 -21.15
C ALA I 229 -4.66 39.31 -20.75
N ARG I 230 -5.47 39.89 -21.64
CA ARG I 230 -6.90 40.04 -21.39
C ARG I 230 -7.61 38.73 -21.66
N ASP I 231 -6.87 37.74 -22.16
CA ASP I 231 -7.42 36.43 -22.49
C ASP I 231 -8.50 36.58 -23.55
N GLU I 232 -8.23 37.41 -24.55
CA GLU I 232 -9.15 37.64 -25.65
C GLU I 232 -8.58 37.14 -26.98
N TYR I 233 -7.31 36.75 -26.96
CA TYR I 233 -6.65 36.25 -28.17
C TYR I 233 -7.41 35.04 -28.71
N ASN I 234 -7.86 35.12 -29.95
CA ASN I 234 -8.61 34.01 -30.54
C ASN I 234 -8.36 33.87 -32.04
N GLU I 235 -7.19 34.31 -32.49
CA GLU I 235 -6.82 34.22 -33.91
C GLU I 235 -7.14 32.84 -34.47
N PRO I 236 -7.86 32.80 -35.60
CA PRO I 236 -8.23 31.53 -36.25
C PRO I 236 -7.07 30.76 -36.86
N ILE I 237 -7.27 29.46 -37.01
CA ILE I 237 -6.28 28.58 -37.61
C ILE I 237 -6.53 28.77 -39.11
N ARG I 238 -5.50 29.19 -39.83
CA ARG I 238 -5.64 29.41 -41.26
C ARG I 238 -4.72 28.51 -42.08
N THR I 239 -5.23 28.03 -43.21
CA THR I 239 -4.43 27.18 -44.09
C THR I 239 -3.21 28.00 -44.54
N ARG I 240 -2.04 27.43 -44.34
CA ARG I 240 -0.79 28.08 -44.70
C ARG I 240 -0.50 28.01 -46.20
N VAL I 241 -0.11 29.16 -46.77
CA VAL I 241 0.24 29.23 -48.19
C VAL I 241 1.64 29.83 -48.31
N ARG I 242 2.57 29.06 -48.87
CA ARG I 242 3.94 29.53 -49.05
C ARG I 242 3.98 30.88 -49.75
N LYS I 243 4.64 31.85 -49.14
CA LYS I 243 4.72 33.18 -49.73
C LYS I 243 6.06 33.44 -50.40
N SER I 244 7.09 32.70 -50.01
CA SER I 244 8.41 32.87 -50.62
C SER I 244 9.23 31.60 -50.62
N ILE I 245 10.16 31.53 -51.55
CA ILE I 245 11.03 30.38 -51.71
C ILE I 245 12.40 30.90 -52.12
N GLY I 246 13.44 30.42 -51.45
CA GLY I 246 14.77 30.89 -51.76
C GLY I 246 15.89 29.96 -51.32
N ARG I 247 17.11 30.43 -51.56
CA ARG I 247 18.31 29.68 -51.22
C ARG I 247 19.48 30.64 -51.04
N ILE I 248 20.25 30.45 -49.98
CA ILE I 248 21.39 31.30 -49.70
C ILE I 248 22.55 30.39 -49.31
N VAL I 249 23.72 30.65 -49.87
CA VAL I 249 24.88 29.80 -49.59
C VAL I 249 26.08 30.60 -49.09
N THR I 250 27.01 29.90 -48.45
CA THR I 250 28.22 30.54 -47.95
C THR I 250 29.34 30.35 -48.96
N MET I 251 30.03 31.43 -49.31
CA MET I 251 31.11 31.30 -50.30
C MET I 251 32.41 30.81 -49.67
N LYS I 252 33.26 30.19 -50.47
CA LYS I 252 34.54 29.69 -49.97
C LYS I 252 35.32 30.79 -49.26
N ARG I 253 35.28 32.00 -49.81
CA ARG I 253 35.99 33.12 -49.21
C ARG I 253 35.20 34.41 -49.43
N ASN I 254 35.39 35.37 -48.55
CA ASN I 254 34.68 36.64 -48.70
C ASN I 254 35.11 37.28 -50.01
N SER I 255 34.19 37.98 -50.66
CA SER I 255 34.52 38.60 -51.94
C SER I 255 33.69 39.82 -52.29
N ARG I 256 34.19 40.55 -53.28
CA ARG I 256 33.57 41.76 -53.79
C ARG I 256 33.67 41.69 -55.32
N ASN I 257 34.19 40.56 -55.79
CA ASN I 257 34.36 40.29 -57.22
C ASN I 257 33.08 39.68 -57.80
N LEU I 258 32.41 40.44 -58.65
CA LEU I 258 31.18 40.01 -59.30
C LEU I 258 31.27 38.64 -59.95
N GLU I 259 32.35 38.39 -60.67
CA GLU I 259 32.54 37.11 -61.36
C GLU I 259 32.83 35.95 -60.41
N GLU I 260 33.28 36.27 -59.21
CA GLU I 260 33.57 35.25 -58.22
C GLU I 260 32.29 34.90 -57.44
N ILE I 261 31.42 35.89 -57.28
CA ILE I 261 30.17 35.71 -56.55
C ILE I 261 29.05 35.10 -57.39
N LYS I 262 29.03 35.44 -58.68
CA LYS I 262 27.99 34.97 -59.59
C LYS I 262 27.66 33.48 -59.58
N PRO I 263 28.68 32.60 -59.63
CA PRO I 263 28.43 31.14 -59.62
C PRO I 263 27.57 30.69 -58.44
N TYR I 264 27.85 31.24 -57.26
CA TYR I 264 27.11 30.91 -56.04
C TYR I 264 25.69 31.41 -56.18
N LEU I 265 25.56 32.62 -56.72
CA LEU I 265 24.25 33.23 -56.93
C LEU I 265 23.43 32.41 -57.94
N PHE I 266 24.03 32.03 -59.06
CA PHE I 266 23.30 31.25 -60.06
C PHE I 266 22.93 29.86 -59.52
N ARG I 267 23.80 29.28 -58.72
CA ARG I 267 23.53 27.98 -58.13
C ARG I 267 22.28 28.12 -57.24
N ALA I 268 22.21 29.20 -56.49
CA ALA I 268 21.06 29.44 -55.61
C ALA I 268 19.77 29.62 -56.44
N ILE I 269 19.88 30.25 -57.60
CA ILE I 269 18.72 30.42 -58.46
C ILE I 269 18.24 29.06 -58.99
N GLU I 270 19.18 28.24 -59.45
CA GLU I 270 18.82 26.92 -59.97
C GLU I 270 18.09 26.12 -58.90
N GLU I 271 18.63 26.09 -57.68
CA GLU I 271 17.97 25.36 -56.61
C GLU I 271 16.61 25.96 -56.27
N SER I 272 16.51 27.29 -56.34
CA SER I 272 15.26 27.97 -56.04
C SER I 272 14.17 27.61 -57.04
N TYR I 273 14.53 27.55 -58.32
CA TYR I 273 13.54 27.20 -59.34
C TYR I 273 13.15 25.74 -59.22
N TYR I 274 14.06 24.90 -58.77
CA TYR I 274 13.73 23.50 -58.58
C TYR I 274 12.63 23.45 -57.52
N LYS I 275 12.82 24.18 -56.43
CA LYS I 275 11.84 24.20 -55.34
C LYS I 275 10.53 24.91 -55.70
N LEU I 276 10.59 25.90 -56.59
CA LEU I 276 9.39 26.62 -56.97
C LEU I 276 8.37 25.69 -57.62
N ASP I 277 8.86 24.78 -58.46
CA ASP I 277 8.02 23.81 -59.15
C ASP I 277 6.57 24.24 -59.41
N LYS I 278 6.31 24.75 -60.60
CA LYS I 278 4.99 25.21 -61.03
C LYS I 278 4.68 26.64 -60.58
N ARG I 279 5.06 26.99 -59.35
CA ARG I 279 4.80 28.35 -58.87
C ARG I 279 5.68 29.32 -59.66
N ILE I 280 5.10 30.43 -60.09
CA ILE I 280 5.83 31.44 -60.85
C ILE I 280 5.83 32.75 -60.07
N PRO I 281 7.02 33.21 -59.64
CA PRO I 281 7.14 34.45 -58.87
C PRO I 281 7.18 35.73 -59.69
N LYS I 282 6.68 36.81 -59.09
CA LYS I 282 6.68 38.11 -59.74
C LYS I 282 7.73 39.00 -59.08
N ALA I 283 8.28 38.54 -57.97
CA ALA I 283 9.30 39.33 -57.26
C ALA I 283 10.54 38.50 -56.99
N ILE I 284 11.69 39.17 -57.07
CA ILE I 284 12.97 38.54 -56.81
C ILE I 284 13.79 39.46 -55.92
N HIS I 285 14.47 38.88 -54.94
CA HIS I 285 15.32 39.66 -54.03
C HIS I 285 16.67 38.96 -53.96
N VAL I 286 17.75 39.72 -54.03
CA VAL I 286 19.07 39.14 -53.88
C VAL I 286 19.44 39.52 -52.46
N VAL I 287 19.85 38.54 -51.67
CA VAL I 287 20.21 38.76 -50.27
C VAL I 287 21.67 38.45 -50.05
N ALA I 288 22.37 39.38 -49.41
CA ALA I 288 23.78 39.16 -49.13
C ALA I 288 24.07 39.33 -47.63
N VAL I 289 24.95 38.48 -47.12
CA VAL I 289 25.37 38.57 -45.73
C VAL I 289 26.82 39.03 -45.85
N THR I 290 27.12 40.19 -45.25
CA THR I 290 28.46 40.76 -45.33
C THR I 290 29.46 40.12 -44.38
N GLU I 291 30.74 40.47 -44.55
CA GLU I 291 31.81 39.92 -43.73
C GLU I 291 31.54 40.08 -42.23
N ASP I 292 30.89 41.16 -41.84
CA ASP I 292 30.58 41.38 -40.43
C ASP I 292 29.21 40.83 -40.05
N LEU I 293 28.66 39.97 -40.91
CA LEU I 293 27.38 39.32 -40.70
C LEU I 293 26.12 40.19 -40.72
N ASP I 294 26.21 41.35 -41.35
CA ASP I 294 25.05 42.23 -41.47
C ASP I 294 24.33 41.66 -42.69
N ILE I 295 23.04 41.93 -42.82
CA ILE I 295 22.26 41.42 -43.95
C ILE I 295 21.77 42.56 -44.82
N VAL I 296 22.11 42.52 -46.11
CA VAL I 296 21.70 43.54 -47.06
C VAL I 296 20.94 42.89 -48.20
N SER I 297 19.90 43.55 -48.70
CA SER I 297 19.12 43.00 -49.79
C SER I 297 18.61 44.04 -50.78
N ARG I 298 18.44 43.61 -52.02
CA ARG I 298 17.92 44.47 -53.07
C ARG I 298 17.02 43.60 -53.92
N GLY I 299 15.80 44.08 -54.17
CA GLY I 299 14.87 43.31 -54.96
C GLY I 299 14.13 44.10 -56.02
N ARG I 300 13.28 43.41 -56.75
CA ARG I 300 12.48 44.01 -57.80
C ARG I 300 11.23 43.19 -58.02
N THR I 301 10.10 43.87 -58.19
CA THR I 301 8.83 43.22 -58.44
C THR I 301 8.45 43.56 -59.87
N PHE I 302 8.10 42.54 -60.66
CA PHE I 302 7.72 42.75 -62.05
C PHE I 302 6.20 42.61 -62.16
N PRO I 303 5.59 43.20 -63.20
CA PRO I 303 4.14 43.08 -63.36
C PRO I 303 3.75 41.73 -63.98
N HIS I 304 4.75 40.86 -64.13
CA HIS I 304 4.52 39.54 -64.72
C HIS I 304 5.41 38.51 -64.02
N GLY I 305 5.25 37.25 -64.41
CA GLY I 305 6.06 36.20 -63.82
C GLY I 305 7.50 36.32 -64.28
N ILE I 306 8.42 35.80 -63.48
CA ILE I 306 9.85 35.87 -63.77
C ILE I 306 10.34 34.54 -64.31
N SER I 307 10.83 34.55 -65.56
CA SER I 307 11.33 33.32 -66.17
C SER I 307 12.71 33.07 -65.58
N LYS I 308 13.22 31.86 -65.70
CA LYS I 308 14.54 31.57 -65.16
C LYS I 308 15.59 32.49 -65.79
N GLU I 309 15.44 32.77 -67.08
CA GLU I 309 16.40 33.64 -67.75
C GLU I 309 16.35 35.05 -67.17
N THR I 310 15.16 35.55 -66.92
CA THR I 310 15.02 36.88 -66.36
C THR I 310 15.64 36.89 -64.96
N ALA I 311 15.46 35.80 -64.21
CA ALA I 311 16.01 35.70 -62.86
C ALA I 311 17.53 35.83 -62.91
N TYR I 312 18.15 35.18 -63.89
CA TYR I 312 19.60 35.25 -64.05
C TYR I 312 20.05 36.69 -64.28
N SER I 313 19.46 37.34 -65.28
CA SER I 313 19.86 38.70 -65.62
C SER I 313 19.54 39.69 -64.52
N GLU I 314 18.34 39.60 -63.96
CA GLU I 314 17.96 40.55 -62.92
C GLU I 314 18.77 40.35 -61.64
N SER I 315 19.09 39.11 -61.30
CA SER I 315 19.87 38.86 -60.09
C SER I 315 21.25 39.52 -60.18
N VAL I 316 21.83 39.50 -61.38
CA VAL I 316 23.15 40.13 -61.56
C VAL I 316 23.04 41.64 -61.32
N LYS I 317 21.99 42.26 -61.85
CA LYS I 317 21.80 43.70 -61.66
C LYS I 317 21.60 44.05 -60.18
N LEU I 318 20.81 43.23 -59.48
CA LEU I 318 20.55 43.49 -58.07
C LEU I 318 21.84 43.36 -57.25
N LEU I 319 22.68 42.39 -57.62
CA LEU I 319 23.94 42.17 -56.94
C LEU I 319 24.88 43.35 -57.20
N GLN I 320 24.90 43.84 -58.44
CA GLN I 320 25.76 44.98 -58.78
C GLN I 320 25.31 46.16 -57.94
N LYS I 321 23.99 46.28 -57.76
CA LYS I 321 23.46 47.37 -56.97
C LYS I 321 24.00 47.27 -55.54
N ILE I 322 23.97 46.07 -54.97
CA ILE I 322 24.46 45.85 -53.62
C ILE I 322 25.94 46.23 -53.49
N LEU I 323 26.74 45.82 -54.47
CA LEU I 323 28.16 46.12 -54.46
C LEU I 323 28.43 47.61 -54.63
N GLU I 324 27.58 48.29 -55.38
CA GLU I 324 27.73 49.72 -55.61
C GLU I 324 27.30 50.54 -54.40
N GLU I 325 26.33 50.04 -53.65
CA GLU I 325 25.81 50.79 -52.50
C GLU I 325 26.37 50.40 -51.14
N ASP I 326 27.03 49.25 -51.04
CA ASP I 326 27.62 48.82 -49.79
C ASP I 326 29.07 48.46 -50.12
N GLU I 327 30.00 48.93 -49.30
CA GLU I 327 31.42 48.71 -49.54
C GLU I 327 32.03 47.45 -48.93
N ARG I 328 31.31 46.82 -48.00
CA ARG I 328 31.80 45.62 -47.34
C ARG I 328 31.90 44.40 -48.25
N LYS I 329 32.74 43.45 -47.85
CA LYS I 329 32.90 42.21 -48.62
C LYS I 329 31.72 41.29 -48.29
N ILE I 330 31.35 40.43 -49.24
CA ILE I 330 30.24 39.51 -49.04
C ILE I 330 30.74 38.14 -48.62
N ARG I 331 30.00 37.53 -47.68
CA ARG I 331 30.33 36.21 -47.13
C ARG I 331 29.33 35.15 -47.61
N ARG I 332 28.06 35.50 -47.60
CA ARG I 332 26.99 34.58 -48.04
C ARG I 332 26.18 35.32 -49.08
N ILE I 333 25.69 34.58 -50.09
CA ILE I 333 24.90 35.22 -51.14
C ILE I 333 23.75 34.28 -51.49
N GLY I 334 22.58 34.87 -51.72
CA GLY I 334 21.44 34.06 -52.06
C GLY I 334 20.35 34.86 -52.73
N VAL I 335 19.22 34.20 -52.97
CA VAL I 335 18.10 34.84 -53.61
C VAL I 335 16.80 34.32 -53.00
N ARG I 336 15.74 35.11 -53.12
CA ARG I 336 14.43 34.72 -52.61
C ARG I 336 13.38 35.25 -53.57
N PHE I 337 12.46 34.36 -53.96
CA PHE I 337 11.38 34.70 -54.89
C PHE I 337 10.07 34.73 -54.12
N SER I 338 9.18 35.66 -54.50
CA SER I 338 7.89 35.78 -53.82
C SER I 338 6.81 36.33 -54.76
N LYS I 339 5.66 36.69 -54.18
CA LYS I 339 4.54 37.21 -54.96
C LYS I 339 4.19 36.25 -56.10
N PHE I 340 3.82 35.02 -55.75
CA PHE I 340 3.50 34.03 -56.77
C PHE I 340 2.18 34.33 -57.48
N ILE I 341 2.13 33.96 -58.76
CA ILE I 341 0.91 34.16 -59.55
C ILE I 341 -0.07 33.06 -59.12
N MET J 1 6.82 4.07 16.88
CA MET J 1 7.63 3.68 15.71
C MET J 1 8.67 2.62 16.11
N ILE J 2 8.81 1.60 15.27
CA ILE J 2 9.77 0.53 15.53
C ILE J 2 10.73 0.42 14.35
N VAL J 3 12.01 0.63 14.62
CA VAL J 3 13.05 0.56 13.61
C VAL J 3 13.92 -0.67 13.85
N LEU J 4 14.26 -1.37 12.76
CA LEU J 4 15.10 -2.54 12.85
C LEU J 4 16.35 -2.26 12.00
N PHE J 5 17.50 -2.27 12.67
CA PHE J 5 18.77 -2.00 12.02
C PHE J 5 19.56 -3.29 11.79
N VAL J 6 20.12 -3.42 10.59
CA VAL J 6 20.90 -4.61 10.25
C VAL J 6 22.32 -4.17 9.92
N ASP J 7 23.28 -4.91 10.45
CA ASP J 7 24.68 -4.61 10.23
C ASP J 7 25.45 -5.91 10.01
N PHE J 8 25.98 -6.10 8.79
CA PHE J 8 26.72 -7.31 8.46
C PHE J 8 28.01 -7.38 9.27
N ASP J 9 28.32 -8.52 9.86
CA ASP J 9 29.53 -8.64 10.69
C ASP J 9 30.85 -8.68 9.89
N TYR J 10 31.83 -7.90 10.33
CA TYR J 10 33.16 -7.81 9.69
C TYR J 10 33.01 -8.21 8.23
N PHE J 11 32.15 -7.45 7.55
CA PHE J 11 31.79 -7.75 6.17
C PHE J 11 32.82 -8.22 5.16
N TYR J 12 33.79 -7.39 4.82
CA TYR J 12 34.79 -7.79 3.83
C TYR J 12 35.48 -9.11 4.17
N ALA J 13 35.91 -9.24 5.42
CA ALA J 13 36.60 -10.44 5.86
C ALA J 13 35.65 -11.64 5.84
N GLN J 14 34.41 -11.42 6.26
CA GLN J 14 33.45 -12.51 6.27
C GLN J 14 33.15 -13.02 4.85
N VAL J 15 33.11 -12.10 3.88
CA VAL J 15 32.86 -12.49 2.50
C VAL J 15 34.00 -13.36 1.99
N GLU J 16 35.23 -12.99 2.32
CA GLU J 16 36.38 -13.78 1.89
C GLU J 16 36.31 -15.17 2.53
N GLU J 17 35.78 -15.24 3.74
CA GLU J 17 35.65 -16.52 4.43
C GLU J 17 34.59 -17.40 3.77
N VAL J 18 33.49 -16.80 3.35
CA VAL J 18 32.43 -17.56 2.69
C VAL J 18 32.94 -18.08 1.34
N LEU J 19 33.69 -17.25 0.64
CA LEU J 19 34.22 -17.68 -0.66
C LEU J 19 35.39 -18.66 -0.52
N ASN J 20 36.10 -18.59 0.61
CA ASN J 20 37.21 -19.51 0.85
C ASN J 20 37.15 -19.99 2.29
N PRO J 21 36.32 -21.02 2.55
CA PRO J 21 36.12 -21.63 3.87
C PRO J 21 37.38 -22.02 4.62
N SER J 22 38.45 -22.34 3.90
CA SER J 22 39.69 -22.71 4.56
C SER J 22 40.24 -21.59 5.45
N LEU J 23 39.67 -20.38 5.30
CA LEU J 23 40.10 -19.23 6.08
C LEU J 23 39.40 -19.20 7.45
N LYS J 24 38.27 -19.90 7.55
CA LYS J 24 37.52 -19.90 8.80
C LYS J 24 38.40 -20.33 9.97
N GLY J 25 38.31 -19.62 11.07
CA GLY J 25 39.13 -19.95 12.23
C GLY J 25 40.49 -19.27 12.24
N LYS J 26 40.86 -18.65 11.13
CA LYS J 26 42.14 -17.95 11.06
C LYS J 26 41.97 -16.43 11.18
N PRO J 27 43.02 -15.73 11.63
CA PRO J 27 42.81 -14.28 11.70
C PRO J 27 42.93 -13.84 10.23
N VAL J 28 41.92 -13.12 9.75
CA VAL J 28 41.88 -12.66 8.37
C VAL J 28 41.89 -11.14 8.29
N VAL J 29 42.81 -10.59 7.50
CA VAL J 29 42.97 -9.15 7.38
C VAL J 29 42.87 -8.68 5.93
N VAL J 30 41.83 -7.89 5.62
CA VAL J 30 41.63 -7.37 4.28
C VAL J 30 42.32 -6.02 4.20
N CYS J 31 43.21 -5.87 3.22
CA CYS J 31 43.99 -4.65 3.09
C CYS J 31 43.98 -3.99 1.74
N VAL J 32 44.46 -2.75 1.73
CA VAL J 32 44.60 -1.96 0.53
C VAL J 32 46.10 -1.76 0.37
N PHE J 33 46.70 -2.53 -0.54
CA PHE J 33 48.13 -2.44 -0.80
C PHE J 33 48.35 -1.27 -1.75
N SER J 34 49.08 -0.25 -1.27
CA SER J 34 49.35 0.95 -2.05
C SER J 34 50.46 0.86 -3.08
N GLY J 35 51.37 -0.10 -2.90
CA GLY J 35 52.46 -0.25 -3.86
C GLY J 35 53.60 0.76 -3.79
N ARG J 36 53.76 1.44 -2.67
CA ARG J 36 54.84 2.42 -2.51
C ARG J 36 56.11 1.70 -2.06
N PHE J 37 55.93 0.55 -1.42
CA PHE J 37 57.02 -0.30 -0.95
C PHE J 37 56.39 -1.62 -0.49
N GLU J 38 57.20 -2.63 -0.18
CA GLU J 38 56.64 -3.93 0.23
C GLU J 38 55.69 -3.79 1.41
N ASP J 39 54.46 -4.28 1.20
CA ASP J 39 53.43 -4.23 2.22
C ASP J 39 53.01 -2.82 2.61
N SER J 40 53.23 -1.84 1.73
CA SER J 40 52.79 -0.48 2.04
C SER J 40 51.28 -0.50 1.90
N GLY J 41 50.59 0.37 2.63
CA GLY J 41 49.14 0.40 2.56
C GLY J 41 48.49 0.29 3.92
N ALA J 42 47.17 0.15 3.94
CA ALA J 42 46.46 0.06 5.20
C ALA J 42 45.42 -1.05 5.24
N VAL J 43 44.98 -1.36 6.45
CA VAL J 43 43.97 -2.37 6.67
C VAL J 43 42.60 -1.72 6.45
N ALA J 44 41.72 -2.40 5.72
CA ALA J 44 40.37 -1.91 5.48
C ALA J 44 39.48 -2.49 6.57
N THR J 45 39.72 -3.74 6.91
CA THR J 45 39.00 -4.42 7.97
C THR J 45 39.60 -5.79 8.23
N ALA J 46 39.23 -6.40 9.35
CA ALA J 46 39.73 -7.71 9.72
C ALA J 46 38.66 -8.42 10.51
N ASN J 47 38.72 -9.74 10.60
CA ASN J 47 37.72 -10.45 11.37
C ASN J 47 38.04 -10.34 12.86
N TYR J 48 37.16 -10.89 13.70
CA TYR J 48 37.37 -10.81 15.14
C TYR J 48 38.62 -11.49 15.68
N GLU J 49 39.07 -12.55 15.03
CA GLU J 49 40.27 -13.26 15.48
C GLU J 49 41.46 -12.30 15.44
N ALA J 50 41.46 -11.41 14.44
CA ALA J 50 42.54 -10.45 14.29
C ALA J 50 42.29 -9.18 15.10
N ARG J 51 41.04 -8.73 15.14
CA ARG J 51 40.70 -7.50 15.86
C ARG J 51 40.96 -7.56 17.36
N LYS J 52 40.79 -8.74 17.95
CA LYS J 52 41.00 -8.85 19.37
C LYS J 52 42.42 -8.51 19.77
N PHE J 53 43.33 -8.47 18.80
CA PHE J 53 44.72 -8.13 19.07
C PHE J 53 45.09 -6.73 18.56
N GLY J 54 44.09 -5.98 18.14
CA GLY J 54 44.35 -4.62 17.68
C GLY J 54 44.52 -4.42 16.18
N VAL J 55 44.36 -5.48 15.39
CA VAL J 55 44.48 -5.34 13.95
C VAL J 55 43.10 -4.92 13.47
N LYS J 56 42.98 -3.65 13.06
CA LYS J 56 41.72 -3.11 12.60
C LYS J 56 41.88 -2.09 11.49
N ALA J 57 40.75 -1.71 10.91
CA ALA J 57 40.71 -0.74 9.81
C ALA J 57 41.50 0.53 10.09
N GLY J 58 42.35 0.92 9.13
CA GLY J 58 43.13 2.12 9.28
C GLY J 58 44.60 1.97 9.62
N ILE J 59 44.95 0.95 10.39
CA ILE J 59 46.36 0.79 10.75
C ILE J 59 47.19 0.36 9.56
N PRO J 60 48.47 0.76 9.53
CA PRO J 60 49.35 0.38 8.43
C PRO J 60 49.50 -1.14 8.35
N ILE J 61 49.60 -1.67 7.14
CA ILE J 61 49.76 -3.10 6.95
C ILE J 61 51.04 -3.61 7.64
N VAL J 62 52.12 -2.82 7.56
CA VAL J 62 53.36 -3.23 8.18
C VAL J 62 53.20 -3.35 9.69
N GLU J 63 52.33 -2.52 10.26
CA GLU J 63 52.09 -2.56 11.69
C GLU J 63 51.26 -3.80 12.04
N ALA J 64 50.29 -4.13 11.19
CA ALA J 64 49.43 -5.28 11.43
C ALA J 64 50.31 -6.54 11.46
N LYS J 65 51.21 -6.63 10.49
CA LYS J 65 52.10 -7.78 10.40
C LYS J 65 52.99 -7.93 11.62
N LYS J 66 53.34 -6.82 12.27
CA LYS J 66 54.18 -6.91 13.46
C LYS J 66 53.36 -7.47 14.62
N ILE J 67 52.07 -7.14 14.65
CA ILE J 67 51.19 -7.63 15.70
C ILE J 67 50.84 -9.11 15.50
N LEU J 68 50.46 -9.46 14.28
CA LEU J 68 50.06 -10.82 13.92
C LEU J 68 50.79 -11.27 12.65
N PRO J 69 52.08 -11.64 12.77
CA PRO J 69 52.83 -12.09 11.60
C PRO J 69 52.27 -13.29 10.85
N ASN J 70 51.53 -14.15 11.55
CA ASN J 70 50.95 -15.34 10.91
C ASN J 70 49.52 -15.19 10.41
N ALA J 71 48.97 -13.99 10.44
CA ALA J 71 47.60 -13.80 9.96
C ALA J 71 47.55 -13.90 8.44
N VAL J 72 46.35 -13.99 7.89
CA VAL J 72 46.18 -14.05 6.44
C VAL J 72 45.87 -12.64 5.96
N TYR J 73 46.72 -12.13 5.09
CA TYR J 73 46.57 -10.79 4.54
C TYR J 73 46.09 -10.89 3.10
N LEU J 74 44.87 -10.41 2.87
CA LEU J 74 44.25 -10.49 1.55
C LEU J 74 44.00 -9.13 0.95
N PRO J 75 44.11 -9.02 -0.38
CA PRO J 75 43.88 -7.74 -1.04
C PRO J 75 42.38 -7.45 -1.12
N MET J 76 42.03 -6.18 -0.96
CA MET J 76 40.65 -5.71 -1.02
C MET J 76 40.01 -6.08 -2.36
N ARG J 77 38.80 -6.61 -2.34
CA ARG J 77 38.09 -6.97 -3.57
C ARG J 77 36.69 -6.37 -3.48
N LYS J 78 36.66 -5.04 -3.49
CA LYS J 78 35.44 -4.24 -3.37
C LYS J 78 34.28 -4.66 -4.28
N GLU J 79 34.57 -4.99 -5.53
CA GLU J 79 33.55 -5.39 -6.49
C GLU J 79 32.77 -6.60 -5.94
N VAL J 80 33.50 -7.57 -5.42
CA VAL J 80 32.89 -8.77 -4.88
C VAL J 80 31.97 -8.45 -3.70
N TYR J 81 32.49 -7.67 -2.75
CA TYR J 81 31.71 -7.31 -1.58
C TYR J 81 30.44 -6.53 -1.93
N GLN J 82 30.53 -5.72 -2.97
CA GLN J 82 29.38 -4.92 -3.38
C GLN J 82 28.27 -5.79 -3.94
N GLN J 83 28.63 -6.81 -4.73
CA GLN J 83 27.64 -7.70 -5.30
C GLN J 83 26.96 -8.53 -4.21
N VAL J 84 27.75 -9.02 -3.25
CA VAL J 84 27.17 -9.79 -2.16
C VAL J 84 26.25 -8.88 -1.38
N SER J 85 26.72 -7.67 -1.10
CA SER J 85 25.92 -6.69 -0.37
C SER J 85 24.57 -6.39 -1.04
N SER J 86 24.59 -6.17 -2.35
CA SER J 86 23.36 -5.86 -3.06
C SER J 86 22.37 -7.01 -2.98
N ARG J 87 22.88 -8.24 -2.97
CA ARG J 87 22.02 -9.42 -2.88
C ARG J 87 21.36 -9.48 -1.50
N ILE J 88 22.12 -9.18 -0.46
CA ILE J 88 21.57 -9.21 0.89
C ILE J 88 20.56 -8.08 1.07
N MET J 89 20.85 -6.91 0.51
CA MET J 89 19.94 -5.77 0.62
C MET J 89 18.60 -6.12 -0.04
N ASN J 90 18.68 -6.84 -1.15
CA ASN J 90 17.47 -7.24 -1.86
C ASN J 90 16.64 -8.17 -0.96
N LEU J 91 17.31 -9.02 -0.19
CA LEU J 91 16.62 -9.93 0.72
C LEU J 91 15.88 -9.14 1.80
N LEU J 92 16.54 -8.12 2.34
CA LEU J 92 15.94 -7.28 3.38
C LEU J 92 14.73 -6.55 2.83
N ARG J 93 14.81 -6.16 1.56
CA ARG J 93 13.75 -5.46 0.87
C ARG J 93 12.43 -6.21 0.95
N GLU J 94 12.51 -7.52 1.17
CA GLU J 94 11.32 -8.36 1.25
C GLU J 94 10.61 -8.28 2.60
N TYR J 95 11.25 -7.67 3.59
CA TYR J 95 10.67 -7.56 4.91
C TYR J 95 10.05 -6.19 5.18
N SER J 96 10.32 -5.24 4.29
CA SER J 96 9.78 -3.89 4.42
C SER J 96 10.16 -3.05 3.23
N GLU J 97 9.21 -2.27 2.74
CA GLU J 97 9.47 -1.40 1.59
C GLU J 97 10.17 -0.15 2.12
N LYS J 98 9.90 0.17 3.38
CA LYS J 98 10.50 1.32 4.03
C LYS J 98 11.89 0.91 4.51
N ILE J 99 12.87 1.00 3.62
CA ILE J 99 14.24 0.62 3.93
C ILE J 99 15.24 1.71 3.55
N GLU J 100 16.17 1.98 4.46
CA GLU J 100 17.19 2.99 4.22
C GLU J 100 18.56 2.32 4.22
N ILE J 101 19.18 2.23 3.05
CA ILE J 101 20.50 1.63 2.93
C ILE J 101 21.55 2.67 3.27
N ALA J 102 22.08 2.59 4.49
CA ALA J 102 23.08 3.54 4.97
C ALA J 102 24.46 3.38 4.34
N SER J 103 24.94 2.16 4.21
CA SER J 103 26.25 1.93 3.62
C SER J 103 26.26 0.57 2.97
N ILE J 104 27.44 0.10 2.60
CA ILE J 104 27.56 -1.19 1.96
C ILE J 104 27.16 -2.34 2.87
N ASP J 105 27.14 -2.10 4.19
CA ASP J 105 26.79 -3.18 5.11
C ASP J 105 25.85 -2.80 6.24
N GLU J 106 25.07 -1.74 6.03
CA GLU J 106 24.13 -1.27 7.03
C GLU J 106 22.83 -0.80 6.40
N ALA J 107 21.70 -1.21 7.00
CA ALA J 107 20.39 -0.84 6.50
C ALA J 107 19.39 -0.65 7.63
N TYR J 108 18.52 0.34 7.47
CA TYR J 108 17.49 0.64 8.45
C TYR J 108 16.14 0.26 7.84
N LEU J 109 15.34 -0.47 8.60
CA LEU J 109 14.02 -0.88 8.13
C LEU J 109 12.96 -0.39 9.10
N ASP J 110 12.00 0.37 8.59
CA ASP J 110 10.92 0.84 9.45
C ASP J 110 9.90 -0.29 9.42
N ILE J 111 9.86 -1.06 10.50
CA ILE J 111 8.94 -2.21 10.58
C ILE J 111 7.76 -1.95 11.50
N SER J 112 7.43 -0.67 11.70
CA SER J 112 6.31 -0.32 12.56
C SER J 112 5.00 -0.93 12.08
N ASP J 113 4.90 -1.16 10.77
CA ASP J 113 3.69 -1.74 10.18
C ASP J 113 3.70 -3.26 10.12
N LYS J 114 4.89 -3.84 10.22
CA LYS J 114 5.02 -5.29 10.15
C LYS J 114 4.90 -5.97 11.52
N VAL J 115 5.02 -5.20 12.58
CA VAL J 115 4.94 -5.78 13.92
C VAL J 115 4.14 -4.92 14.90
N ARG J 116 3.58 -5.58 15.90
CA ARG J 116 2.77 -4.92 16.92
C ARG J 116 3.57 -4.48 18.13
N ASP J 117 4.47 -5.34 18.61
CA ASP J 117 5.30 -5.00 19.77
C ASP J 117 6.75 -5.43 19.57
N TYR J 118 7.57 -5.25 20.60
CA TYR J 118 8.98 -5.61 20.49
C TYR J 118 9.24 -7.12 20.47
N ARG J 119 8.29 -7.93 20.95
CA ARG J 119 8.48 -9.37 20.92
C ARG J 119 8.46 -9.80 19.45
N GLU J 120 7.49 -9.30 18.70
CA GLU J 120 7.36 -9.63 17.29
C GLU J 120 8.55 -9.07 16.50
N ALA J 121 8.91 -7.81 16.78
CA ALA J 121 10.04 -7.19 16.11
C ALA J 121 11.27 -8.07 16.31
N TYR J 122 11.43 -8.55 17.53
CA TYR J 122 12.55 -9.42 17.87
C TYR J 122 12.49 -10.67 16.99
N ASN J 123 11.34 -11.34 16.99
CA ASN J 123 11.18 -12.55 16.19
C ASN J 123 11.43 -12.26 14.72
N LEU J 124 11.08 -11.05 14.27
CA LEU J 124 11.31 -10.69 12.88
C LEU J 124 12.81 -10.55 12.66
N GLY J 125 13.50 -10.13 13.73
CA GLY J 125 14.94 -9.96 13.66
C GLY J 125 15.61 -11.31 13.45
N LEU J 126 15.13 -12.32 14.18
CA LEU J 126 15.67 -13.67 14.06
C LEU J 126 15.34 -14.19 12.66
N GLU J 127 14.18 -13.82 12.17
CA GLU J 127 13.72 -14.25 10.85
C GLU J 127 14.70 -13.76 9.78
N ILE J 128 15.01 -12.47 9.83
CA ILE J 128 15.93 -11.86 8.89
C ILE J 128 17.32 -12.50 9.00
N LYS J 129 17.77 -12.73 10.22
CA LYS J 129 19.08 -13.34 10.42
C LYS J 129 19.14 -14.74 9.82
N ASN J 130 18.08 -15.53 10.00
CA ASN J 130 18.07 -16.88 9.45
C ASN J 130 18.02 -16.84 7.92
N LYS J 131 17.20 -15.96 7.38
CA LYS J 131 17.08 -15.84 5.93
C LYS J 131 18.43 -15.48 5.29
N ILE J 132 19.11 -14.49 5.86
CA ILE J 132 20.41 -14.09 5.32
C ILE J 132 21.42 -15.21 5.45
N LEU J 133 21.38 -15.90 6.58
CA LEU J 133 22.30 -17.01 6.81
C LEU J 133 21.97 -18.17 5.87
N GLU J 134 20.69 -18.35 5.60
CA GLU J 134 20.23 -19.42 4.71
C GLU J 134 20.64 -19.21 3.26
N LYS J 135 20.42 -17.98 2.76
CA LYS J 135 20.72 -17.63 1.38
C LYS J 135 22.18 -17.31 1.07
N GLU J 136 22.86 -16.61 1.97
CA GLU J 136 24.25 -16.22 1.72
C GLU J 136 25.26 -16.74 2.74
N LYS J 137 24.78 -17.38 3.81
CA LYS J 137 25.68 -17.90 4.83
C LYS J 137 26.52 -16.77 5.43
N ILE J 138 25.88 -15.63 5.67
CA ILE J 138 26.55 -14.49 6.25
C ILE J 138 25.86 -14.10 7.55
N THR J 139 26.62 -13.96 8.62
CA THR J 139 26.04 -13.59 9.91
C THR J 139 25.95 -12.08 9.97
N VAL J 140 24.90 -11.60 10.61
CA VAL J 140 24.68 -10.17 10.75
C VAL J 140 24.20 -9.86 12.17
N THR J 141 24.25 -8.59 12.54
CA THR J 141 23.80 -8.19 13.85
C THR J 141 22.60 -7.28 13.64
N VAL J 142 21.57 -7.44 14.45
CA VAL J 142 20.40 -6.59 14.31
C VAL J 142 20.07 -5.87 15.60
N GLY J 143 19.70 -4.61 15.44
CA GLY J 143 19.36 -3.78 16.58
C GLY J 143 17.97 -3.25 16.35
N ILE J 144 17.15 -3.29 17.39
CA ILE J 144 15.77 -2.83 17.31
C ILE J 144 15.47 -1.82 18.41
N SER J 145 14.92 -0.68 18.02
CA SER J 145 14.56 0.35 18.99
C SER J 145 13.46 1.24 18.41
N LYS J 146 13.20 2.36 19.09
CA LYS J 146 12.15 3.28 18.67
C LYS J 146 12.55 4.29 17.59
N ASN J 147 13.85 4.37 17.29
CA ASN J 147 14.33 5.27 16.26
C ASN J 147 15.66 4.77 15.70
N LYS J 148 16.13 5.40 14.62
CA LYS J 148 17.37 4.99 13.98
C LYS J 148 18.61 4.97 14.87
N VAL J 149 18.84 6.03 15.63
CA VAL J 149 20.01 6.11 16.50
C VAL J 149 20.11 4.95 17.49
N PHE J 150 19.05 4.72 18.26
CA PHE J 150 19.09 3.66 19.24
C PHE J 150 19.08 2.26 18.64
N ALA J 151 18.56 2.13 17.42
CA ALA J 151 18.56 0.83 16.78
C ALA J 151 20.03 0.49 16.48
N LYS J 152 20.78 1.50 16.06
CA LYS J 152 22.19 1.31 15.75
C LYS J 152 22.99 1.06 17.02
N ILE J 153 22.67 1.80 18.08
CA ILE J 153 23.39 1.61 19.34
C ILE J 153 23.16 0.16 19.81
N ALA J 154 21.94 -0.34 19.61
CA ALA J 154 21.62 -1.71 20.00
C ALA J 154 22.54 -2.69 19.29
N ALA J 155 22.66 -2.52 17.97
CA ALA J 155 23.51 -3.40 17.16
C ALA J 155 24.96 -3.29 17.62
N ASP J 156 25.37 -2.09 18.00
CA ASP J 156 26.73 -1.87 18.46
C ASP J 156 26.98 -2.64 19.73
N MET J 157 25.95 -2.72 20.57
CA MET J 157 26.06 -3.42 21.84
C MET J 157 26.02 -4.93 21.65
N ALA J 158 25.38 -5.40 20.58
CA ALA J 158 25.25 -6.83 20.38
C ALA J 158 26.15 -7.49 19.34
N LYS J 159 26.84 -6.71 18.51
CA LYS J 159 27.70 -7.32 17.49
C LYS J 159 28.89 -8.02 18.13
N PRO J 160 29.39 -9.10 17.52
CA PRO J 160 28.94 -9.71 16.26
C PRO J 160 27.89 -10.81 16.41
N ASN J 161 27.24 -11.14 15.29
CA ASN J 161 26.22 -12.18 15.24
C ASN J 161 25.24 -12.12 16.40
N GLY J 162 24.65 -10.96 16.64
CA GLY J 162 23.73 -10.86 17.75
C GLY J 162 22.42 -10.20 17.35
N ILE J 163 21.64 -9.84 18.36
CA ILE J 163 20.36 -9.17 18.16
C ILE J 163 20.07 -8.56 19.51
N LYS J 164 19.59 -7.32 19.51
CA LYS J 164 19.34 -6.63 20.75
C LYS J 164 18.20 -5.65 20.61
N VAL J 165 17.30 -5.65 21.59
CA VAL J 165 16.19 -4.74 21.62
C VAL J 165 16.40 -3.75 22.75
N ILE J 166 16.18 -2.47 22.48
CA ILE J 166 16.31 -1.42 23.48
C ILE J 166 14.93 -0.79 23.59
N ASP J 167 14.14 -1.22 24.57
CA ASP J 167 12.80 -0.68 24.75
C ASP J 167 12.85 0.74 25.30
N ASP J 168 11.67 1.34 25.49
CA ASP J 168 11.58 2.71 26.00
C ASP J 168 12.26 2.91 27.35
N GLU J 169 12.28 1.87 28.17
CA GLU J 169 12.90 1.98 29.47
C GLU J 169 14.42 2.01 29.43
N GLU J 170 15.03 1.17 28.61
CA GLU J 170 16.47 1.16 28.50
C GLU J 170 16.93 2.43 27.77
N VAL J 171 16.06 2.99 26.94
CA VAL J 171 16.37 4.23 26.21
C VAL J 171 16.55 5.36 27.22
N LYS J 172 15.68 5.37 28.23
CA LYS J 172 15.75 6.39 29.27
C LYS J 172 17.03 6.17 30.07
N ARG J 173 17.34 4.90 30.35
CA ARG J 173 18.55 4.58 31.09
C ARG J 173 19.79 4.99 30.31
N LEU J 174 19.82 4.70 29.02
CA LEU J 174 20.97 5.06 28.19
C LEU J 174 21.16 6.57 28.07
N ILE J 175 20.08 7.32 27.97
CA ILE J 175 20.18 8.78 27.86
C ILE J 175 20.95 9.34 29.06
N ARG J 176 20.83 8.66 30.21
CA ARG J 176 21.49 9.09 31.42
C ARG J 176 22.82 8.40 31.69
N GLU J 177 22.98 7.17 31.20
CA GLU J 177 24.21 6.44 31.47
C GLU J 177 25.15 6.12 30.30
N LEU J 178 24.71 6.38 29.08
CA LEU J 178 25.56 6.09 27.92
C LEU J 178 26.58 7.20 27.64
N ASP J 179 27.86 6.82 27.53
CA ASP J 179 28.92 7.78 27.24
C ASP J 179 28.50 8.44 25.92
N ILE J 180 28.36 9.76 25.92
CA ILE J 180 27.93 10.47 24.74
C ILE J 180 28.85 10.27 23.52
N ALA J 181 30.05 9.74 23.75
CA ALA J 181 30.97 9.50 22.65
C ALA J 181 30.54 8.26 21.88
N ASP J 182 29.74 7.42 22.52
CA ASP J 182 29.26 6.20 21.86
C ASP J 182 28.02 6.47 21.02
N VAL J 183 27.65 7.75 20.92
CA VAL J 183 26.49 8.14 20.13
C VAL J 183 26.88 8.33 18.66
N PRO J 184 26.15 7.68 17.74
CA PRO J 184 26.47 7.80 16.31
C PRO J 184 26.54 9.26 15.88
N GLY J 185 27.62 9.61 15.18
CA GLY J 185 27.77 10.98 14.71
C GLY J 185 28.67 11.81 15.60
N ILE J 186 29.06 11.26 16.75
CA ILE J 186 29.96 11.95 17.68
C ILE J 186 31.33 11.29 17.60
N GLY J 187 32.24 11.93 16.86
CA GLY J 187 33.58 11.38 16.71
C GLY J 187 34.53 11.89 17.79
N ASN J 188 35.82 11.67 17.58
CA ASN J 188 36.82 12.10 18.55
C ASN J 188 36.79 13.61 18.79
N ILE J 189 36.80 14.38 17.71
CA ILE J 189 36.80 15.83 17.81
C ILE J 189 35.62 16.35 18.62
N THR J 190 34.41 15.93 18.25
CA THR J 190 33.23 16.37 18.98
C THR J 190 33.24 15.84 20.41
N ALA J 191 33.66 14.59 20.60
CA ALA J 191 33.72 13.98 21.93
C ALA J 191 34.62 14.79 22.86
N GLU J 192 35.80 15.15 22.38
CA GLU J 192 36.74 15.93 23.18
C GLU J 192 36.12 17.27 23.58
N LYS J 193 35.47 17.93 22.63
CA LYS J 193 34.84 19.21 22.92
C LYS J 193 33.73 19.06 23.96
N LEU J 194 32.99 17.97 23.88
CA LEU J 194 31.91 17.73 24.83
C LEU J 194 32.46 17.46 26.23
N LYS J 195 33.46 16.59 26.31
CA LYS J 195 34.07 16.25 27.59
C LYS J 195 34.62 17.50 28.26
N LYS J 196 35.14 18.42 27.45
CA LYS J 196 35.70 19.67 27.99
C LYS J 196 34.59 20.53 28.61
N LEU J 197 33.39 20.47 28.06
CA LEU J 197 32.27 21.25 28.58
C LEU J 197 31.59 20.57 29.77
N GLY J 198 31.98 19.33 30.03
CA GLY J 198 31.37 18.62 31.14
C GLY J 198 30.17 17.80 30.68
N ILE J 199 29.99 17.71 29.37
CA ILE J 199 28.87 16.94 28.83
C ILE J 199 29.36 15.52 28.56
N ASN J 200 29.02 14.61 29.46
CA ASN J 200 29.44 13.22 29.31
C ASN J 200 28.29 12.28 28.98
N LYS J 201 27.05 12.78 29.10
CA LYS J 201 25.87 11.97 28.82
C LYS J 201 24.88 12.79 28.00
N LEU J 202 23.98 12.10 27.29
CA LEU J 202 22.98 12.80 26.49
C LEU J 202 22.21 13.79 27.37
N VAL J 203 21.86 13.36 28.57
CA VAL J 203 21.11 14.22 29.50
C VAL J 203 21.81 15.55 29.75
N ASP J 204 23.13 15.52 29.87
CA ASP J 204 23.91 16.72 30.13
C ASP J 204 23.63 17.86 29.14
N THR J 205 23.18 17.52 27.94
CA THR J 205 22.90 18.53 26.92
C THR J 205 21.66 19.35 27.30
N LEU J 206 20.93 18.86 28.30
CA LEU J 206 19.72 19.54 28.74
C LEU J 206 20.00 20.48 29.91
N SER J 207 21.26 20.51 30.34
CA SER J 207 21.66 21.37 31.45
C SER J 207 22.63 22.47 31.02
N ILE J 208 22.67 22.74 29.72
CA ILE J 208 23.53 23.80 29.19
C ILE J 208 22.74 24.63 28.20
N GLU J 209 23.11 25.91 28.06
CA GLU J 209 22.42 26.79 27.14
C GLU J 209 22.67 26.35 25.71
N PHE J 210 21.62 26.35 24.90
CA PHE J 210 21.72 25.94 23.50
C PHE J 210 22.82 26.71 22.79
N ASP J 211 22.89 28.01 23.03
CA ASP J 211 23.90 28.85 22.39
C ASP J 211 25.32 28.45 22.70
N LYS J 212 25.58 28.04 23.95
CA LYS J 212 26.94 27.64 24.31
C LYS J 212 27.27 26.29 23.65
N LEU J 213 26.31 25.36 23.71
CA LEU J 213 26.53 24.04 23.12
C LEU J 213 26.69 24.22 21.61
N LYS J 214 25.78 25.00 21.01
CA LYS J 214 25.81 25.27 19.59
C LYS J 214 27.14 25.88 19.18
N GLY J 215 27.63 26.82 19.98
CA GLY J 215 28.89 27.48 19.67
C GLY J 215 30.09 26.56 19.81
N MET J 216 29.91 25.45 20.52
CA MET J 216 30.99 24.49 20.73
C MET J 216 31.07 23.39 19.68
N ILE J 217 29.93 22.77 19.37
CA ILE J 217 29.90 21.68 18.41
C ILE J 217 29.08 21.94 17.13
N GLY J 218 28.56 23.15 16.99
CA GLY J 218 27.76 23.46 15.82
C GLY J 218 26.28 23.29 16.06
N GLU J 219 25.47 23.99 15.27
CA GLU J 219 24.02 23.94 15.39
C GLU J 219 23.39 22.56 15.13
N ALA J 220 23.73 21.97 13.98
CA ALA J 220 23.21 20.67 13.60
C ALA J 220 23.43 19.59 14.68
N LYS J 221 24.66 19.43 15.14
CA LYS J 221 24.95 18.43 16.16
C LYS J 221 24.30 18.73 17.51
N ALA J 222 24.12 20.02 17.82
CA ALA J 222 23.51 20.41 19.10
C ALA J 222 22.04 19.99 19.13
N LYS J 223 21.30 20.35 18.08
CA LYS J 223 19.88 20.00 17.98
C LYS J 223 19.72 18.49 17.95
N TYR J 224 20.68 17.84 17.29
CA TYR J 224 20.68 16.39 17.17
C TYR J 224 20.71 15.72 18.55
N LEU J 225 21.76 16.00 19.31
CA LEU J 225 21.92 15.42 20.63
C LEU J 225 20.77 15.78 21.57
N ILE J 226 20.30 17.02 21.48
CA ILE J 226 19.21 17.49 22.31
C ILE J 226 17.93 16.71 22.02
N SER J 227 17.61 16.55 20.74
CA SER J 227 16.40 15.82 20.36
C SER J 227 16.48 14.42 20.93
N LEU J 228 17.69 13.86 20.94
CA LEU J 228 17.90 12.52 21.46
C LEU J 228 17.71 12.48 22.98
N ALA J 229 18.29 13.46 23.66
CA ALA J 229 18.18 13.52 25.12
C ALA J 229 16.73 13.70 25.55
N ARG J 230 15.96 14.43 24.76
CA ARG J 230 14.55 14.66 25.07
C ARG J 230 13.71 13.48 24.60
N ASP J 231 14.35 12.52 23.95
CA ASP J 231 13.66 11.36 23.42
C ASP J 231 12.60 11.85 22.44
N GLU J 232 12.96 12.87 21.67
CA GLU J 232 12.06 13.44 20.67
C GLU J 232 12.61 13.25 19.25
N TYR J 233 13.68 12.49 19.13
CA TYR J 233 14.29 12.21 17.83
C TYR J 233 13.43 11.16 17.11
N ASN J 234 12.98 11.48 15.91
CA ASN J 234 12.14 10.55 15.16
C ASN J 234 12.30 10.69 13.65
N GLU J 235 13.54 10.81 13.18
CA GLU J 235 13.80 10.94 11.76
C GLU J 235 13.30 9.72 11.00
N PRO J 236 12.50 9.95 9.95
CA PRO J 236 11.94 8.88 9.12
C PRO J 236 12.97 8.11 8.29
N ILE J 237 12.66 6.86 8.01
CA ILE J 237 13.51 6.02 7.20
C ILE J 237 13.26 6.44 5.75
N ARG J 238 14.30 6.88 5.06
CA ARG J 238 14.14 7.31 3.68
C ARG J 238 15.09 6.65 2.68
N THR J 239 14.59 6.48 1.45
CA THR J 239 15.36 5.85 0.38
C THR J 239 16.62 6.64 0.07
N ARG J 240 17.75 5.96 0.02
CA ARG J 240 19.02 6.60 -0.28
C ARG J 240 19.28 6.63 -1.77
N VAL J 241 19.67 7.79 -2.29
CA VAL J 241 19.97 7.93 -3.70
C VAL J 241 21.39 8.48 -3.81
N ARG J 242 22.23 7.82 -4.59
CA ARG J 242 23.61 8.26 -4.76
C ARG J 242 23.67 9.72 -5.18
N LYS J 243 24.49 10.50 -4.47
CA LYS J 243 24.65 11.91 -4.80
C LYS J 243 26.01 12.18 -5.46
N SER J 244 26.96 11.27 -5.29
CA SER J 244 28.28 11.42 -5.90
C SER J 244 28.99 10.09 -6.08
N ILE J 245 29.86 10.04 -7.08
CA ILE J 245 30.61 8.83 -7.41
C ILE J 245 32.03 9.26 -7.72
N GLY J 246 33.00 8.55 -7.18
CA GLY J 246 34.37 8.93 -7.43
C GLY J 246 35.38 7.84 -7.16
N ARG J 247 36.65 8.18 -7.35
CA ARG J 247 37.73 7.25 -7.13
C ARG J 247 38.99 8.03 -6.81
N ILE J 248 39.76 7.52 -5.85
CA ILE J 248 41.01 8.17 -5.47
C ILE J 248 42.06 7.07 -5.36
N VAL J 249 43.28 7.38 -5.78
CA VAL J 249 44.37 6.42 -5.76
C VAL J 249 45.65 6.98 -5.13
N THR J 250 46.52 6.09 -4.68
CA THR J 250 47.77 6.48 -4.06
C THR J 250 48.90 6.34 -5.08
N MET J 251 49.74 7.37 -5.18
CA MET J 251 50.83 7.33 -6.14
C MET J 251 52.03 6.59 -5.58
N LYS J 252 52.78 5.92 -6.46
CA LYS J 252 53.96 5.17 -6.03
C LYS J 252 54.84 6.07 -5.16
N ARG J 253 54.91 7.35 -5.49
CA ARG J 253 55.69 8.28 -4.70
C ARG J 253 55.08 9.68 -4.73
N ASN J 254 55.33 10.44 -3.68
CA ASN J 254 54.82 11.80 -3.57
C ASN J 254 55.38 12.60 -4.72
N SER J 255 54.62 13.59 -5.17
CA SER J 255 55.07 14.40 -6.30
C SER J 255 54.25 15.65 -6.52
N ARG J 256 54.84 16.61 -7.23
CA ARG J 256 54.12 17.82 -7.57
C ARG J 256 54.34 18.03 -9.07
N ASN J 257 54.75 16.96 -9.73
CA ASN J 257 55.00 16.94 -11.17
C ASN J 257 53.68 16.58 -11.87
N LEU J 258 53.06 17.60 -12.47
CA LEU J 258 51.79 17.46 -13.18
C LEU J 258 51.74 16.25 -14.13
N GLU J 259 52.79 16.07 -14.92
CA GLU J 259 52.82 14.95 -15.87
C GLU J 259 52.94 13.60 -15.19
N GLU J 260 53.46 13.59 -13.97
CA GLU J 260 53.60 12.34 -13.23
C GLU J 260 52.29 11.96 -12.55
N ILE J 261 51.54 12.97 -12.12
CA ILE J 261 50.26 12.78 -11.43
C ILE J 261 49.09 12.48 -12.38
N LYS J 262 49.09 13.10 -13.56
CA LYS J 262 48.02 12.92 -14.53
C LYS J 262 47.57 11.48 -14.78
N PRO J 263 48.50 10.55 -14.97
CA PRO J 263 48.13 9.15 -15.23
C PRO J 263 47.23 8.57 -14.13
N TYR J 264 47.52 8.88 -12.88
CA TYR J 264 46.71 8.39 -11.76
C TYR J 264 45.33 9.05 -11.83
N LEU J 265 45.32 10.36 -12.07
CA LEU J 265 44.08 11.11 -12.15
C LEU J 265 43.20 10.59 -13.29
N PHE J 266 43.79 10.34 -14.45
CA PHE J 266 43.01 9.84 -15.58
C PHE J 266 42.46 8.44 -15.29
N ARG J 267 43.24 7.63 -14.58
CA ARG J 267 42.79 6.29 -14.21
C ARG J 267 41.54 6.42 -13.33
N ALA J 268 41.56 7.40 -12.43
CA ALA J 268 40.44 7.63 -11.53
C ALA J 268 39.21 8.11 -12.32
N ILE J 269 39.43 8.93 -13.33
CA ILE J 269 38.33 9.42 -14.15
C ILE J 269 37.65 8.26 -14.90
N GLU J 270 38.46 7.38 -15.48
CA GLU J 270 37.94 6.23 -16.20
C GLU J 270 37.08 5.34 -15.30
N GLU J 271 37.65 4.95 -14.15
CA GLU J 271 36.91 4.11 -13.21
C GLU J 271 35.63 4.81 -12.77
N SER J 272 35.73 6.12 -12.55
CA SER J 272 34.57 6.90 -12.14
C SER J 272 33.46 6.89 -13.18
N TYR J 273 33.83 7.13 -14.45
CA TYR J 273 32.85 7.16 -15.52
C TYR J 273 32.22 5.79 -15.74
N TYR J 274 32.98 4.75 -15.46
CA TYR J 274 32.47 3.40 -15.59
C TYR J 274 31.37 3.19 -14.55
N LYS J 275 31.64 3.58 -13.31
CA LYS J 275 30.66 3.42 -12.24
C LYS J 275 29.48 4.39 -12.38
N LEU J 276 29.65 5.47 -13.14
CA LEU J 276 28.56 6.42 -13.35
C LEU J 276 27.40 5.76 -14.09
N ASP J 277 27.76 4.92 -15.05
CA ASP J 277 26.79 4.17 -15.86
C ASP J 277 25.52 4.93 -16.27
N LYS J 278 25.62 5.68 -17.35
CA LYS J 278 24.49 6.44 -17.88
C LYS J 278 24.22 7.74 -17.12
N ARG J 279 24.62 7.81 -15.86
CA ARG J 279 24.42 9.03 -15.09
C ARG J 279 25.37 10.10 -15.59
N ILE J 280 24.84 11.30 -15.81
CA ILE J 280 25.66 12.40 -16.31
C ILE J 280 25.81 13.47 -15.24
N PRO J 281 27.06 13.73 -14.81
CA PRO J 281 27.35 14.72 -13.78
C PRO J 281 27.51 16.14 -14.32
N LYS J 282 27.12 17.12 -13.52
CA LYS J 282 27.29 18.51 -13.90
C LYS J 282 28.42 19.09 -13.04
N ALA J 283 28.87 18.33 -12.05
CA ALA J 283 29.93 18.79 -11.17
C ALA J 283 31.11 17.83 -11.08
N ILE J 284 32.32 18.39 -11.03
CA ILE J 284 33.53 17.60 -10.91
C ILE J 284 34.42 18.22 -9.85
N HIS J 285 35.01 17.38 -9.01
CA HIS J 285 35.90 17.84 -7.95
C HIS J 285 37.16 16.98 -7.93
N VAL J 286 38.32 17.62 -8.02
CA VAL J 286 39.57 16.89 -7.95
C VAL J 286 40.02 16.97 -6.50
N VAL J 287 40.33 15.81 -5.93
CA VAL J 287 40.73 15.76 -4.53
C VAL J 287 42.15 15.24 -4.40
N ALA J 288 42.94 15.90 -3.56
CA ALA J 288 44.32 15.50 -3.36
C ALA J 288 44.65 15.37 -1.87
N VAL J 289 45.42 14.35 -1.54
CA VAL J 289 45.88 14.16 -0.17
C VAL J 289 47.36 14.48 -0.24
N THR J 290 47.79 15.48 0.53
CA THR J 290 49.18 15.89 0.52
C THR J 290 50.10 14.95 1.28
N GLU J 291 51.40 15.21 1.15
CA GLU J 291 52.42 14.41 1.80
C GLU J 291 52.25 14.38 3.32
N ASP J 292 51.72 15.47 3.89
CA ASP J 292 51.52 15.48 5.33
C ASP J 292 50.11 15.01 5.69
N LEU J 293 49.48 14.34 4.74
CA LEU J 293 48.14 13.76 4.88
C LEU J 293 46.96 14.71 5.03
N ASP J 294 47.13 15.94 4.58
CA ASP J 294 46.04 16.91 4.64
C ASP J 294 45.24 16.75 3.35
N ILE J 295 43.96 17.10 3.37
CA ILE J 295 43.12 16.97 2.18
C ILE J 295 42.85 18.32 1.53
N VAL J 296 43.06 18.39 0.22
CA VAL J 296 42.83 19.62 -0.51
C VAL J 296 42.05 19.29 -1.78
N SER J 297 41.14 20.19 -2.17
CA SER J 297 40.34 19.94 -3.36
C SER J 297 39.95 21.20 -4.11
N ARG J 298 39.65 21.02 -5.39
CA ARG J 298 39.23 22.10 -6.26
C ARG J 298 38.20 21.47 -7.20
N GLY J 299 37.08 22.15 -7.38
CA GLY J 299 36.04 21.60 -8.23
C GLY J 299 35.30 22.66 -9.01
N ARG J 300 34.38 22.22 -9.85
CA ARG J 300 33.61 23.15 -10.66
C ARG J 300 32.27 22.54 -11.06
N THR J 301 31.24 23.36 -11.04
CA THR J 301 29.91 22.92 -11.43
C THR J 301 29.64 23.56 -12.78
N PHE J 302 29.21 22.76 -13.75
CA PHE J 302 28.91 23.25 -15.09
C PHE J 302 27.41 23.39 -15.28
N PRO J 303 26.97 24.27 -16.18
CA PRO J 303 25.54 24.46 -16.41
C PRO J 303 24.92 23.26 -17.14
N HIS J 304 25.77 22.43 -17.73
CA HIS J 304 25.29 21.25 -18.44
C HIS J 304 26.11 20.00 -18.09
N GLY J 305 25.70 18.85 -18.62
CA GLY J 305 26.42 17.62 -18.34
C GLY J 305 27.87 17.68 -18.77
N ILE J 306 28.72 16.91 -18.10
CA ILE J 306 30.15 16.86 -18.39
C ILE J 306 30.49 15.59 -19.16
N SER J 307 31.05 15.75 -20.36
CA SER J 307 31.45 14.60 -21.17
C SER J 307 32.77 14.07 -20.62
N LYS J 308 33.05 12.79 -20.86
CA LYS J 308 34.30 12.22 -20.38
C LYS J 308 35.49 13.08 -20.83
N GLU J 309 35.44 13.52 -22.08
CA GLU J 309 36.50 14.35 -22.62
C GLU J 309 36.66 15.66 -21.86
N THR J 310 35.54 16.27 -21.49
CA THR J 310 35.59 17.52 -20.73
C THR J 310 36.13 17.23 -19.32
N ALA J 311 35.75 16.09 -18.77
CA ALA J 311 36.20 15.68 -17.43
C ALA J 311 37.73 15.66 -17.40
N TYR J 312 38.31 15.06 -18.44
CA TYR J 312 39.76 14.96 -18.55
C TYR J 312 40.41 16.35 -18.54
N SER J 313 39.98 17.21 -19.46
CA SER J 313 40.57 18.55 -19.56
C SER J 313 40.36 19.43 -18.33
N GLU J 314 39.17 19.39 -17.75
CA GLU J 314 38.89 20.21 -16.58
C GLU J 314 39.66 19.72 -15.34
N SER J 315 39.75 18.39 -15.19
CA SER J 315 40.45 17.82 -14.04
C SER J 315 41.91 18.27 -14.04
N VAL J 316 42.48 18.43 -15.23
CA VAL J 316 43.87 18.86 -15.33
C VAL J 316 43.99 20.30 -14.85
N LYS J 317 43.04 21.15 -15.24
CA LYS J 317 43.05 22.54 -14.82
C LYS J 317 42.87 22.63 -13.31
N LEU J 318 41.99 21.78 -12.77
CA LEU J 318 41.74 21.77 -11.34
C LEU J 318 43.00 21.29 -10.61
N LEU J 319 43.70 20.33 -11.19
CA LEU J 319 44.93 19.82 -10.58
C LEU J 319 46.01 20.92 -10.60
N GLN J 320 46.13 21.63 -11.73
CA GLN J 320 47.12 22.69 -11.82
C GLN J 320 46.83 23.75 -10.77
N LYS J 321 45.55 24.01 -10.53
CA LYS J 321 45.16 25.00 -9.53
C LYS J 321 45.64 24.60 -8.15
N ILE J 322 45.49 23.31 -7.82
CA ILE J 322 45.93 22.78 -6.54
C ILE J 322 47.45 22.93 -6.42
N LEU J 323 48.16 22.59 -7.49
CA LEU J 323 49.62 22.70 -7.47
C LEU J 323 50.11 24.15 -7.43
N GLU J 324 49.28 25.07 -7.92
CA GLU J 324 49.62 26.49 -7.94
C GLU J 324 49.33 27.19 -6.62
N GLU J 325 48.33 26.69 -5.89
CA GLU J 325 47.93 27.30 -4.63
C GLU J 325 48.41 26.61 -3.38
N ASP J 326 49.00 25.43 -3.53
CA ASP J 326 49.52 24.67 -2.39
C ASP J 326 50.90 24.17 -2.82
N GLU J 327 51.92 24.47 -2.02
CA GLU J 327 53.29 24.07 -2.35
C GLU J 327 53.72 22.68 -1.90
N ARG J 328 52.85 21.97 -1.19
CA ARG J 328 53.19 20.63 -0.73
C ARG J 328 53.11 19.59 -1.85
N LYS J 329 53.78 18.45 -1.66
CA LYS J 329 53.75 17.39 -2.65
C LYS J 329 52.46 16.60 -2.42
N ILE J 330 52.00 15.93 -3.47
CA ILE J 330 50.78 15.14 -3.40
C ILE J 330 51.08 13.65 -3.24
N ARG J 331 50.35 13.01 -2.33
CA ARG J 331 50.51 11.59 -2.04
C ARG J 331 49.40 10.76 -2.68
N ARG J 332 48.17 11.26 -2.65
CA ARG J 332 47.02 10.57 -3.24
C ARG J 332 46.27 11.56 -4.11
N ILE J 333 45.71 11.08 -5.22
CA ILE J 333 44.99 11.95 -6.13
C ILE J 333 43.71 11.27 -6.60
N GLY J 334 42.62 12.03 -6.69
CA GLY J 334 41.37 11.44 -7.11
C GLY J 334 40.38 12.45 -7.66
N VAL J 335 39.20 11.96 -8.02
CA VAL J 335 38.16 12.81 -8.58
C VAL J 335 36.81 12.34 -8.06
N ARG J 336 35.87 13.26 -8.04
CA ARG J 336 34.53 12.93 -7.58
C ARG J 336 33.52 13.70 -8.44
N PHE J 337 32.50 12.99 -8.90
CA PHE J 337 31.47 13.59 -9.75
C PHE J 337 30.14 13.64 -9.03
N SER J 338 29.40 14.72 -9.22
CA SER J 338 28.10 14.84 -8.56
C SER J 338 27.11 15.69 -9.36
N LYS J 339 25.96 15.98 -8.75
CA LYS J 339 24.91 16.76 -9.39
C LYS J 339 24.51 16.08 -10.70
N PHE J 340 24.00 14.87 -10.58
CA PHE J 340 23.59 14.09 -11.73
C PHE J 340 22.30 14.61 -12.34
N ILE J 341 22.24 14.59 -13.67
CA ILE J 341 21.07 15.05 -14.40
C ILE J 341 19.90 14.07 -14.17
N MET K 1 -53.56 -15.84 -0.12
CA MET K 1 -52.46 -14.90 0.26
C MET K 1 -52.43 -13.67 -0.63
N ILE K 2 -52.21 -12.51 -0.02
CA ILE K 2 -52.14 -11.25 -0.75
C ILE K 2 -50.84 -10.55 -0.39
N VAL K 3 -50.06 -10.20 -1.40
CA VAL K 3 -48.78 -9.53 -1.18
C VAL K 3 -48.81 -8.13 -1.76
N LEU K 4 -48.25 -7.17 -1.02
CA LEU K 4 -48.21 -5.79 -1.49
C LEU K 4 -46.73 -5.37 -1.55
N PHE K 5 -46.29 -4.99 -2.75
CA PHE K 5 -44.91 -4.60 -2.99
C PHE K 5 -44.80 -3.10 -3.15
N VAL K 6 -43.85 -2.49 -2.45
CA VAL K 6 -43.64 -1.05 -2.57
C VAL K 6 -42.27 -0.75 -3.18
N ASP K 7 -42.25 0.14 -4.16
CA ASP K 7 -41.03 0.49 -4.88
C ASP K 7 -40.90 2.00 -5.01
N PHE K 8 -39.94 2.61 -4.30
CA PHE K 8 -39.76 4.06 -4.33
C PHE K 8 -39.39 4.55 -5.73
N ASP K 9 -40.00 5.64 -6.20
CA ASP K 9 -39.71 6.12 -7.55
C ASP K 9 -38.35 6.80 -7.70
N TYR K 10 -37.59 6.40 -8.73
CA TYR K 10 -36.25 6.94 -9.03
C TYR K 10 -35.65 7.49 -7.74
N PHE K 11 -35.63 6.63 -6.72
CA PHE K 11 -35.23 6.99 -5.37
C PHE K 11 -34.15 8.02 -5.07
N TYR K 12 -32.89 7.75 -5.38
CA TYR K 12 -31.86 8.73 -5.05
C TYR K 12 -32.12 10.10 -5.65
N ALA K 13 -32.51 10.14 -6.92
CA ALA K 13 -32.78 11.40 -7.59
C ALA K 13 -33.98 12.10 -6.95
N GLN K 14 -35.02 11.34 -6.61
CA GLN K 14 -36.19 11.94 -6.00
C GLN K 14 -35.83 12.55 -4.66
N VAL K 15 -35.01 11.86 -3.88
CA VAL K 15 -34.60 12.39 -2.59
C VAL K 15 -33.89 13.73 -2.78
N GLU K 16 -32.96 13.81 -3.71
CA GLU K 16 -32.25 15.05 -3.96
C GLU K 16 -33.23 16.16 -4.36
N GLU K 17 -34.29 15.80 -5.06
CA GLU K 17 -35.30 16.77 -5.48
C GLU K 17 -36.14 17.27 -4.30
N VAL K 18 -36.38 16.39 -3.32
CA VAL K 18 -37.16 16.78 -2.15
C VAL K 18 -36.33 17.73 -1.28
N LEU K 19 -35.04 17.44 -1.16
CA LEU K 19 -34.13 18.26 -0.36
C LEU K 19 -33.78 19.57 -1.04
N ASN K 20 -33.92 19.62 -2.36
CA ASN K 20 -33.63 20.84 -3.12
C ASN K 20 -34.69 20.94 -4.21
N PRO K 21 -35.89 21.43 -3.85
CA PRO K 21 -37.00 21.56 -4.79
C PRO K 21 -36.70 22.34 -6.08
N SER K 22 -35.64 23.15 -6.07
CA SER K 22 -35.30 23.93 -7.26
C SER K 22 -34.74 23.04 -8.37
N LEU K 23 -34.64 21.73 -8.10
CA LEU K 23 -34.15 20.77 -9.08
C LEU K 23 -35.32 20.25 -9.88
N LYS K 24 -36.52 20.50 -9.36
CA LYS K 24 -37.75 20.06 -10.00
C LYS K 24 -37.86 20.57 -11.43
N GLY K 25 -38.19 19.68 -12.34
CA GLY K 25 -38.34 20.05 -13.73
C GLY K 25 -37.07 19.88 -14.54
N LYS K 26 -35.95 19.66 -13.87
CA LYS K 26 -34.67 19.49 -14.55
C LYS K 26 -34.26 18.02 -14.61
N PRO K 27 -33.42 17.66 -15.59
CA PRO K 27 -33.01 16.26 -15.63
C PRO K 27 -31.97 16.13 -14.51
N VAL K 28 -32.19 15.20 -13.59
CA VAL K 28 -31.27 15.01 -12.46
C VAL K 28 -30.60 13.64 -12.54
N VAL K 29 -29.27 13.63 -12.45
CA VAL K 29 -28.48 12.42 -12.53
C VAL K 29 -27.62 12.27 -11.25
N VAL K 30 -27.85 11.19 -10.51
CA VAL K 30 -27.08 10.92 -9.28
C VAL K 30 -25.92 10.00 -9.70
N CYS K 31 -24.70 10.46 -9.46
CA CYS K 31 -23.51 9.73 -9.89
C CYS K 31 -22.57 9.21 -8.82
N VAL K 32 -21.89 8.15 -9.19
CA VAL K 32 -20.90 7.54 -8.33
C VAL K 32 -19.55 7.94 -8.92
N PHE K 33 -18.99 9.02 -8.41
CA PHE K 33 -17.71 9.52 -8.86
C PHE K 33 -16.61 8.64 -8.27
N SER K 34 -15.80 8.04 -9.14
CA SER K 34 -14.74 7.15 -8.70
C SER K 34 -13.42 7.82 -8.30
N GLY K 35 -13.25 9.08 -8.65
CA GLY K 35 -12.02 9.78 -8.30
C GLY K 35 -10.84 9.54 -9.22
N ARG K 36 -11.04 8.67 -10.22
CA ARG K 36 -10.00 8.34 -11.17
C ARG K 36 -9.63 9.58 -11.99
N PHE K 37 -10.61 10.48 -12.15
CA PHE K 37 -10.44 11.73 -12.88
C PHE K 37 -11.76 12.48 -12.85
N GLU K 38 -11.76 13.75 -13.26
CA GLU K 38 -12.99 14.52 -13.26
C GLU K 38 -14.06 13.83 -14.07
N ASP K 39 -15.17 13.48 -13.42
CA ASP K 39 -16.29 12.81 -14.07
C ASP K 39 -16.10 11.31 -14.31
N SER K 40 -15.07 10.71 -13.71
CA SER K 40 -14.87 9.28 -13.88
C SER K 40 -15.92 8.64 -12.98
N GLY K 41 -16.49 7.52 -13.41
CA GLY K 41 -17.49 6.86 -12.61
C GLY K 41 -18.72 6.43 -13.41
N ALA K 42 -19.79 6.07 -12.71
CA ALA K 42 -21.02 5.64 -13.35
C ALA K 42 -22.24 6.28 -12.72
N VAL K 43 -23.38 6.18 -13.42
CA VAL K 43 -24.62 6.74 -12.93
C VAL K 43 -25.29 5.73 -11.99
N ALA K 44 -25.74 6.19 -10.82
CA ALA K 44 -26.43 5.34 -9.86
C ALA K 44 -27.89 5.30 -10.33
N THR K 45 -28.43 6.47 -10.59
CA THR K 45 -29.78 6.59 -11.12
C THR K 45 -30.00 7.99 -11.62
N ALA K 46 -31.14 8.22 -12.27
CA ALA K 46 -31.47 9.55 -12.79
C ALA K 46 -32.99 9.65 -12.79
N ASN K 47 -33.53 10.86 -12.81
CA ASN K 47 -34.98 10.97 -12.82
C ASN K 47 -35.51 10.67 -14.21
N TYR K 48 -36.83 10.60 -14.35
CA TYR K 48 -37.42 10.27 -15.63
C TYR K 48 -37.17 11.26 -16.76
N GLU K 49 -36.92 12.52 -16.42
CA GLU K 49 -36.63 13.53 -17.43
C GLU K 49 -35.33 13.14 -18.15
N ALA K 50 -34.37 12.61 -17.39
CA ALA K 50 -33.09 12.19 -17.96
C ALA K 50 -33.18 10.85 -18.68
N ARG K 51 -34.02 9.95 -18.15
CA ARG K 51 -34.18 8.63 -18.72
C ARG K 51 -34.79 8.57 -20.12
N LYS K 52 -35.66 9.52 -20.42
CA LYS K 52 -36.28 9.52 -21.74
C LYS K 52 -35.28 9.87 -22.84
N PHE K 53 -34.04 10.16 -22.45
CA PHE K 53 -32.98 10.47 -23.42
C PHE K 53 -31.85 9.45 -23.34
N GLY K 54 -32.07 8.40 -22.56
CA GLY K 54 -31.06 7.35 -22.45
C GLY K 54 -30.14 7.42 -21.23
N VAL K 55 -30.27 8.47 -20.43
CA VAL K 55 -29.42 8.58 -19.25
C VAL K 55 -30.06 7.78 -18.13
N LYS K 56 -29.44 6.64 -17.80
CA LYS K 56 -29.95 5.77 -16.75
C LYS K 56 -28.84 5.08 -15.96
N ALA K 57 -29.24 4.40 -14.91
CA ALA K 57 -28.33 3.66 -14.04
C ALA K 57 -27.38 2.76 -14.79
N GLY K 58 -26.11 2.77 -14.40
CA GLY K 58 -25.15 1.89 -15.03
C GLY K 58 -24.23 2.44 -16.11
N ILE K 59 -24.59 3.55 -16.74
CA ILE K 59 -23.73 4.08 -17.80
C ILE K 59 -22.66 5.01 -17.26
N PRO K 60 -21.56 5.16 -18.01
CA PRO K 60 -20.46 6.03 -17.58
C PRO K 60 -20.97 7.47 -17.47
N ILE K 61 -20.47 8.20 -16.48
CA ILE K 61 -20.88 9.58 -16.30
C ILE K 61 -20.52 10.41 -17.53
N VAL K 62 -19.38 10.12 -18.16
CA VAL K 62 -18.97 10.87 -19.34
C VAL K 62 -19.93 10.61 -20.49
N GLU K 63 -20.50 9.40 -20.50
CA GLU K 63 -21.47 9.03 -21.51
C GLU K 63 -22.75 9.86 -21.31
N ALA K 64 -23.18 9.98 -20.05
CA ALA K 64 -24.38 10.75 -19.75
C ALA K 64 -24.18 12.22 -20.16
N LYS K 65 -23.01 12.77 -19.86
CA LYS K 65 -22.70 14.15 -20.19
C LYS K 65 -22.71 14.43 -21.69
N LYS K 66 -22.44 13.40 -22.50
CA LYS K 66 -22.46 13.57 -23.94
C LYS K 66 -23.92 13.70 -24.41
N ILE K 67 -24.81 12.96 -23.75
CA ILE K 67 -26.23 12.97 -24.10
C ILE K 67 -26.97 14.21 -23.58
N LEU K 68 -26.78 14.52 -22.29
CA LEU K 68 -27.43 15.66 -21.64
C LEU K 68 -26.38 16.49 -20.93
N PRO K 69 -25.59 17.27 -21.68
CA PRO K 69 -24.54 18.10 -21.08
C PRO K 69 -25.06 19.16 -20.10
N ASN K 70 -26.34 19.50 -20.19
CA ASN K 70 -26.89 20.52 -19.31
C ASN K 70 -27.70 19.96 -18.14
N ALA K 71 -27.61 18.65 -17.92
CA ALA K 71 -28.33 18.03 -16.81
C ALA K 71 -27.62 18.38 -15.50
N VAL K 72 -28.28 18.10 -14.38
CA VAL K 72 -27.68 18.35 -13.09
C VAL K 72 -27.04 17.05 -12.63
N TYR K 73 -25.73 17.07 -12.45
CA TYR K 73 -24.96 15.90 -12.03
C TYR K 73 -24.63 16.01 -10.54
N LEU K 74 -25.22 15.13 -9.74
CA LEU K 74 -25.01 15.17 -8.29
C LEU K 74 -24.28 13.95 -7.77
N PRO K 75 -23.40 14.16 -6.80
CA PRO K 75 -22.65 13.04 -6.22
C PRO K 75 -23.59 12.24 -5.34
N MET K 76 -23.39 10.93 -5.28
CA MET K 76 -24.25 10.08 -4.47
C MET K 76 -24.03 10.38 -2.98
N ARG K 77 -25.13 10.54 -2.25
CA ARG K 77 -25.07 10.80 -0.82
C ARG K 77 -25.79 9.65 -0.12
N LYS K 78 -25.16 8.49 -0.19
CA LYS K 78 -25.69 7.25 0.38
C LYS K 78 -26.28 7.36 1.78
N GLU K 79 -25.58 8.03 2.69
CA GLU K 79 -26.05 8.16 4.08
C GLU K 79 -27.42 8.84 4.13
N VAL K 80 -27.59 9.87 3.31
CA VAL K 80 -28.85 10.58 3.27
C VAL K 80 -29.96 9.66 2.74
N TYR K 81 -29.70 8.99 1.62
CA TYR K 81 -30.72 8.11 1.07
C TYR K 81 -31.10 7.01 2.06
N GLN K 82 -30.10 6.46 2.73
CA GLN K 82 -30.36 5.39 3.70
C GLN K 82 -31.25 5.89 4.87
N GLN K 83 -31.01 7.11 5.30
CA GLN K 83 -31.77 7.72 6.39
C GLN K 83 -33.23 7.87 5.98
N VAL K 84 -33.46 8.40 4.78
CA VAL K 84 -34.80 8.60 4.28
C VAL K 84 -35.48 7.24 4.09
N SER K 85 -34.75 6.29 3.53
CA SER K 85 -35.29 4.96 3.30
C SER K 85 -35.78 4.33 4.60
N SER K 86 -34.96 4.41 5.65
CA SER K 86 -35.36 3.82 6.93
C SER K 86 -36.63 4.46 7.50
N ARG K 87 -36.80 5.76 7.33
CA ARG K 87 -38.00 6.42 7.82
C ARG K 87 -39.22 5.89 7.05
N ILE K 88 -39.06 5.71 5.74
CA ILE K 88 -40.16 5.21 4.94
C ILE K 88 -40.46 3.76 5.30
N MET K 89 -39.40 2.96 5.48
CA MET K 89 -39.57 1.56 5.85
C MET K 89 -40.26 1.46 7.21
N ASN K 90 -40.01 2.41 8.10
CA ASN K 90 -40.67 2.39 9.39
C ASN K 90 -42.15 2.67 9.19
N LEU K 91 -42.48 3.55 8.25
CA LEU K 91 -43.88 3.86 7.97
C LEU K 91 -44.57 2.60 7.48
N LEU K 92 -43.89 1.84 6.61
CA LEU K 92 -44.45 0.61 6.07
C LEU K 92 -44.64 -0.49 7.11
N ARG K 93 -43.74 -0.56 8.09
CA ARG K 93 -43.83 -1.57 9.14
C ARG K 93 -45.14 -1.40 9.91
N GLU K 94 -45.69 -0.20 9.85
CA GLU K 94 -46.94 0.10 10.54
C GLU K 94 -48.13 -0.55 9.87
N TYR K 95 -48.00 -0.82 8.57
CA TYR K 95 -49.08 -1.45 7.82
C TYR K 95 -49.05 -2.97 7.87
N SER K 96 -47.89 -3.52 8.20
CA SER K 96 -47.77 -4.97 8.33
C SER K 96 -46.47 -5.42 8.95
N GLU K 97 -46.60 -6.22 10.00
CA GLU K 97 -45.46 -6.76 10.71
C GLU K 97 -44.78 -7.78 9.79
N LYS K 98 -45.58 -8.39 8.91
CA LYS K 98 -45.06 -9.37 7.96
C LYS K 98 -44.46 -8.58 6.79
N ILE K 99 -43.26 -8.06 6.99
CA ILE K 99 -42.59 -7.25 5.97
C ILE K 99 -41.19 -7.72 5.61
N GLU K 100 -40.86 -7.64 4.32
CA GLU K 100 -39.55 -8.04 3.82
C GLU K 100 -38.91 -6.89 3.05
N ILE K 101 -37.88 -6.30 3.64
CA ILE K 101 -37.17 -5.20 3.01
C ILE K 101 -36.16 -5.81 2.07
N ALA K 102 -36.44 -5.77 0.77
CA ALA K 102 -35.56 -6.36 -0.23
C ALA K 102 -34.32 -5.54 -0.55
N SER K 103 -34.45 -4.22 -0.51
CA SER K 103 -33.32 -3.33 -0.79
C SER K 103 -33.62 -1.94 -0.24
N ILE K 104 -32.71 -1.01 -0.44
CA ILE K 104 -32.89 0.34 0.07
C ILE K 104 -34.20 0.99 -0.34
N ASP K 105 -34.78 0.56 -1.45
CA ASP K 105 -36.01 1.18 -1.87
C ASP K 105 -37.14 0.24 -2.29
N GLU K 106 -37.11 -0.99 -1.78
CA GLU K 106 -38.15 -1.98 -2.08
C GLU K 106 -38.48 -2.83 -0.86
N ALA K 107 -39.76 -3.10 -0.68
CA ALA K 107 -40.20 -3.92 0.43
C ALA K 107 -41.47 -4.70 0.06
N TYR K 108 -41.56 -5.92 0.58
CA TYR K 108 -42.72 -6.78 0.34
C TYR K 108 -43.52 -6.84 1.63
N LEU K 109 -44.83 -6.63 1.52
CA LEU K 109 -45.72 -6.68 2.67
C LEU K 109 -46.77 -7.78 2.54
N ASP K 110 -46.87 -8.64 3.54
CA ASP K 110 -47.89 -9.69 3.52
C ASP K 110 -49.06 -9.05 4.25
N ILE K 111 -50.06 -8.61 3.50
CA ILE K 111 -51.22 -7.96 4.08
C ILE K 111 -52.48 -8.83 4.07
N SER K 112 -52.28 -10.15 4.07
CA SER K 112 -53.39 -11.08 4.05
C SER K 112 -54.34 -10.89 5.23
N ASP K 113 -53.77 -10.73 6.43
CA ASP K 113 -54.56 -10.54 7.64
C ASP K 113 -55.14 -9.14 7.76
N LYS K 114 -54.84 -8.28 6.79
CA LYS K 114 -55.30 -6.89 6.81
C LYS K 114 -56.49 -6.61 5.90
N VAL K 115 -56.64 -7.39 4.84
CA VAL K 115 -57.73 -7.17 3.90
C VAL K 115 -58.46 -8.46 3.52
N ARG K 116 -59.53 -8.30 2.74
CA ARG K 116 -60.33 -9.43 2.29
C ARG K 116 -60.05 -9.76 0.83
N ASP K 117 -60.39 -8.82 -0.05
CA ASP K 117 -60.16 -9.01 -1.48
C ASP K 117 -59.16 -8.00 -2.03
N TYR K 118 -59.04 -7.96 -3.36
CA TYR K 118 -58.12 -7.05 -4.02
C TYR K 118 -58.62 -5.61 -4.06
N ARG K 119 -59.94 -5.43 -4.08
CA ARG K 119 -60.48 -4.08 -4.12
C ARG K 119 -60.01 -3.35 -2.87
N GLU K 120 -59.93 -4.08 -1.76
CA GLU K 120 -59.48 -3.53 -0.49
C GLU K 120 -57.97 -3.33 -0.54
N ALA K 121 -57.26 -4.39 -0.94
CA ALA K 121 -55.81 -4.34 -1.04
C ALA K 121 -55.44 -3.08 -1.80
N TYR K 122 -56.18 -2.80 -2.86
CA TYR K 122 -55.96 -1.62 -3.69
C TYR K 122 -56.13 -0.36 -2.84
N ASN K 123 -57.22 -0.30 -2.08
CA ASN K 123 -57.48 0.87 -1.24
C ASN K 123 -56.38 1.06 -0.21
N LEU K 124 -55.88 -0.04 0.34
CA LEU K 124 -54.80 0.06 1.32
C LEU K 124 -53.55 0.60 0.62
N GLY K 125 -53.33 0.15 -0.61
CA GLY K 125 -52.17 0.61 -1.36
C GLY K 125 -52.23 2.11 -1.53
N LEU K 126 -53.42 2.61 -1.85
CA LEU K 126 -53.64 4.05 -2.03
C LEU K 126 -53.32 4.77 -0.72
N GLU K 127 -53.72 4.16 0.39
CA GLU K 127 -53.50 4.73 1.72
C GLU K 127 -52.00 4.80 2.00
N ILE K 128 -51.29 3.72 1.68
CA ILE K 128 -49.85 3.69 1.88
C ILE K 128 -49.17 4.77 1.04
N LYS K 129 -49.55 4.88 -0.22
CA LYS K 129 -48.98 5.90 -1.09
C LYS K 129 -49.23 7.30 -0.54
N ASN K 130 -50.47 7.56 -0.13
CA ASN K 130 -50.83 8.86 0.44
C ASN K 130 -50.06 9.15 1.72
N LYS K 131 -49.85 8.12 2.53
CA LYS K 131 -49.12 8.29 3.79
C LYS K 131 -47.64 8.69 3.57
N ILE K 132 -46.97 8.00 2.65
CA ILE K 132 -45.58 8.31 2.37
C ILE K 132 -45.45 9.70 1.76
N LEU K 133 -46.45 10.11 0.99
CA LEU K 133 -46.41 11.42 0.36
C LEU K 133 -46.63 12.49 1.43
N GLU K 134 -47.52 12.21 2.38
CA GLU K 134 -47.82 13.14 3.46
C GLU K 134 -46.62 13.32 4.40
N LYS K 135 -45.98 12.21 4.74
CA LYS K 135 -44.84 12.22 5.65
C LYS K 135 -43.50 12.60 5.06
N GLU K 136 -43.19 12.10 3.87
CA GLU K 136 -41.89 12.38 3.26
C GLU K 136 -41.92 13.06 1.88
N LYS K 137 -43.10 13.26 1.32
CA LYS K 137 -43.22 13.88 -0.01
C LYS K 137 -42.52 13.04 -1.08
N ILE K 138 -42.48 11.74 -0.88
CA ILE K 138 -41.86 10.82 -1.81
C ILE K 138 -42.96 10.00 -2.50
N THR K 139 -42.90 9.90 -3.83
CA THR K 139 -43.89 9.11 -4.55
C THR K 139 -43.33 7.70 -4.68
N VAL K 140 -44.20 6.71 -4.67
CA VAL K 140 -43.79 5.32 -4.78
C VAL K 140 -44.76 4.56 -5.67
N THR K 141 -44.39 3.35 -6.07
CA THR K 141 -45.27 2.54 -6.88
C THR K 141 -45.62 1.29 -6.10
N VAL K 142 -46.90 0.90 -6.15
CA VAL K 142 -47.35 -0.27 -5.43
C VAL K 142 -47.80 -1.36 -6.37
N GLY K 143 -47.36 -2.58 -6.09
CA GLY K 143 -47.75 -3.73 -6.90
C GLY K 143 -48.46 -4.70 -5.97
N ILE K 144 -49.60 -5.21 -6.39
CA ILE K 144 -50.39 -6.13 -5.60
C ILE K 144 -50.82 -7.36 -6.40
N SER K 145 -50.57 -8.54 -5.85
CA SER K 145 -50.94 -9.79 -6.50
C SER K 145 -51.00 -10.89 -5.46
N LYS K 146 -50.97 -12.15 -5.92
CA LYS K 146 -51.05 -13.30 -5.05
C LYS K 146 -49.71 -13.79 -4.50
N ASN K 147 -48.60 -13.29 -5.06
CA ASN K 147 -47.28 -13.68 -4.58
C ASN K 147 -46.25 -12.57 -4.82
N LYS K 148 -45.05 -12.73 -4.27
CA LYS K 148 -44.00 -11.73 -4.42
C LYS K 148 -43.62 -11.42 -5.86
N VAL K 149 -43.37 -12.46 -6.65
CA VAL K 149 -42.98 -12.29 -8.03
C VAL K 149 -43.96 -11.45 -8.82
N PHE K 150 -45.24 -11.81 -8.74
CA PHE K 150 -46.26 -11.07 -9.48
C PHE K 150 -46.53 -9.70 -8.88
N ALA K 151 -46.30 -9.56 -7.58
CA ALA K 151 -46.51 -8.27 -6.93
C ALA K 151 -45.45 -7.34 -7.54
N LYS K 152 -44.26 -7.89 -7.73
CA LYS K 152 -43.16 -7.12 -8.31
C LYS K 152 -43.42 -6.78 -9.77
N ILE K 153 -43.91 -7.75 -10.52
CA ILE K 153 -44.20 -7.51 -11.93
C ILE K 153 -45.24 -6.40 -12.04
N ALA K 154 -46.24 -6.45 -11.17
CA ALA K 154 -47.30 -5.44 -11.17
C ALA K 154 -46.69 -4.05 -11.05
N ALA K 155 -45.77 -3.88 -10.11
CA ALA K 155 -45.12 -2.59 -9.91
C ALA K 155 -44.27 -2.21 -11.13
N ASP K 156 -43.53 -3.17 -11.66
CA ASP K 156 -42.71 -2.93 -12.85
C ASP K 156 -43.57 -2.34 -13.96
N MET K 157 -44.81 -2.79 -14.05
CA MET K 157 -45.73 -2.31 -15.08
C MET K 157 -46.30 -0.93 -14.80
N ALA K 158 -46.53 -0.61 -13.53
CA ALA K 158 -47.13 0.67 -13.18
C ALA K 158 -46.18 1.82 -12.83
N LYS K 159 -44.92 1.53 -12.56
CA LYS K 159 -43.98 2.60 -12.18
C LYS K 159 -43.77 3.61 -13.31
N PRO K 160 -43.56 4.89 -12.97
CA PRO K 160 -43.51 5.46 -11.62
C PRO K 160 -44.86 5.99 -11.13
N ASN K 161 -44.91 6.33 -9.85
CA ASN K 161 -46.11 6.88 -9.23
C ASN K 161 -47.38 6.14 -9.61
N GLY K 162 -47.39 4.82 -9.46
CA GLY K 162 -48.58 4.07 -9.82
C GLY K 162 -48.98 3.03 -8.80
N ILE K 163 -49.95 2.22 -9.16
CA ILE K 163 -50.44 1.15 -8.32
C ILE K 163 -51.16 0.20 -9.25
N LYS K 164 -50.88 -1.09 -9.11
CA LYS K 164 -51.49 -2.08 -9.99
C LYS K 164 -51.74 -3.39 -9.27
N VAL K 165 -52.91 -3.95 -9.50
CA VAL K 165 -53.28 -5.24 -8.92
C VAL K 165 -53.32 -6.27 -10.05
N ILE K 166 -52.76 -7.44 -9.82
CA ILE K 166 -52.80 -8.51 -10.81
C ILE K 166 -53.51 -9.65 -10.10
N ASP K 167 -54.81 -9.76 -10.32
CA ASP K 167 -55.62 -10.80 -9.70
C ASP K 167 -55.39 -12.18 -10.30
N ASP K 168 -56.01 -13.18 -9.69
CA ASP K 168 -55.88 -14.57 -10.13
C ASP K 168 -56.04 -14.78 -11.63
N GLU K 169 -56.98 -14.08 -12.25
CA GLU K 169 -57.18 -14.25 -13.68
C GLU K 169 -56.07 -13.64 -14.52
N GLU K 170 -55.64 -12.42 -14.21
CA GLU K 170 -54.59 -11.81 -15.01
C GLU K 170 -53.29 -12.58 -14.84
N VAL K 171 -53.16 -13.28 -13.72
CA VAL K 171 -51.95 -14.07 -13.48
C VAL K 171 -51.90 -15.21 -14.50
N LYS K 172 -53.07 -15.81 -14.78
CA LYS K 172 -53.14 -16.89 -15.75
C LYS K 172 -52.81 -16.36 -17.13
N ARG K 173 -53.29 -15.15 -17.42
CA ARG K 173 -53.06 -14.52 -18.71
C ARG K 173 -51.60 -14.14 -18.89
N LEU K 174 -50.96 -13.70 -17.81
CA LEU K 174 -49.57 -13.29 -17.88
C LEU K 174 -48.66 -14.50 -18.07
N ILE K 175 -48.99 -15.59 -17.38
CA ILE K 175 -48.22 -16.81 -17.49
C ILE K 175 -48.19 -17.25 -18.95
N ARG K 176 -49.22 -16.85 -19.70
CA ARG K 176 -49.33 -17.20 -21.10
C ARG K 176 -48.85 -16.13 -22.07
N GLU K 177 -49.04 -14.87 -21.71
CA GLU K 177 -48.67 -13.76 -22.59
C GLU K 177 -47.45 -12.91 -22.21
N LEU K 178 -46.97 -13.03 -20.98
CA LEU K 178 -45.84 -12.22 -20.55
C LEU K 178 -44.49 -12.73 -21.04
N ASP K 179 -43.75 -11.87 -21.72
CA ASP K 179 -42.42 -12.23 -22.20
C ASP K 179 -41.66 -12.73 -20.98
N ILE K 180 -41.23 -13.99 -21.04
CA ILE K 180 -40.52 -14.59 -19.91
C ILE K 180 -39.28 -13.81 -19.48
N ALA K 181 -38.78 -12.96 -20.36
CA ALA K 181 -37.59 -12.16 -20.04
C ALA K 181 -37.94 -11.17 -18.94
N ASP K 182 -39.19 -10.70 -18.94
CA ASP K 182 -39.64 -9.74 -17.95
C ASP K 182 -39.88 -10.33 -16.56
N VAL K 183 -39.61 -11.61 -16.40
CA VAL K 183 -39.78 -12.24 -15.10
C VAL K 183 -38.56 -11.94 -14.24
N PRO K 184 -38.78 -11.60 -12.96
CA PRO K 184 -37.69 -11.30 -12.03
C PRO K 184 -36.72 -12.45 -11.87
N GLY K 185 -35.44 -12.17 -12.11
CA GLY K 185 -34.44 -13.21 -11.99
C GLY K 185 -33.99 -13.74 -13.33
N ILE K 186 -34.65 -13.30 -14.39
CA ILE K 186 -34.32 -13.71 -15.75
C ILE K 186 -33.65 -12.56 -16.50
N GLY K 187 -32.32 -12.56 -16.54
CA GLY K 187 -31.60 -11.52 -17.24
C GLY K 187 -31.38 -11.91 -18.68
N ASN K 188 -30.53 -11.18 -19.39
CA ASN K 188 -30.26 -11.45 -20.80
C ASN K 188 -29.75 -12.87 -21.03
N ILE K 189 -28.66 -13.21 -20.34
CA ILE K 189 -28.06 -14.54 -20.46
C ILE K 189 -29.08 -15.67 -20.37
N THR K 190 -29.85 -15.69 -19.28
CA THR K 190 -30.85 -16.74 -19.10
C THR K 190 -31.94 -16.71 -20.15
N ALA K 191 -32.33 -15.50 -20.55
CA ALA K 191 -33.37 -15.33 -21.55
C ALA K 191 -32.96 -16.08 -22.81
N GLU K 192 -31.74 -15.81 -23.27
CA GLU K 192 -31.19 -16.45 -24.47
C GLU K 192 -31.30 -17.96 -24.39
N LYS K 193 -30.80 -18.53 -23.31
CA LYS K 193 -30.83 -19.99 -23.14
C LYS K 193 -32.24 -20.56 -23.15
N LEU K 194 -33.21 -19.82 -22.60
CA LEU K 194 -34.59 -20.29 -22.59
C LEU K 194 -35.14 -20.28 -24.01
N LYS K 195 -34.81 -19.23 -24.76
CA LYS K 195 -35.27 -19.09 -26.13
C LYS K 195 -34.76 -20.27 -26.98
N LYS K 196 -33.52 -20.69 -26.71
CA LYS K 196 -32.93 -21.81 -27.43
C LYS K 196 -33.75 -23.08 -27.20
N LEU K 197 -34.44 -23.14 -26.07
CA LEU K 197 -35.28 -24.29 -25.75
C LEU K 197 -36.69 -24.01 -26.28
N GLY K 198 -36.85 -22.89 -26.97
CA GLY K 198 -38.15 -22.53 -27.51
C GLY K 198 -39.11 -22.03 -26.44
N ILE K 199 -38.57 -21.48 -25.36
CA ILE K 199 -39.40 -20.96 -24.28
C ILE K 199 -39.48 -19.44 -24.30
N ASN K 200 -40.67 -18.91 -24.59
CA ASN K 200 -40.87 -17.47 -24.63
C ASN K 200 -41.86 -16.98 -23.58
N LYS K 201 -42.61 -17.91 -23.00
CA LYS K 201 -43.60 -17.57 -22.00
C LYS K 201 -43.50 -18.58 -20.87
N LEU K 202 -43.93 -18.18 -19.67
CA LEU K 202 -43.88 -19.08 -18.52
C LEU K 202 -44.58 -20.40 -18.83
N VAL K 203 -45.67 -20.34 -19.60
CA VAL K 203 -46.41 -21.55 -19.95
C VAL K 203 -45.53 -22.55 -20.70
N ASP K 204 -44.61 -22.03 -21.51
CA ASP K 204 -43.73 -22.89 -22.29
C ASP K 204 -42.88 -23.83 -21.42
N THR K 205 -42.46 -23.36 -20.25
CA THR K 205 -41.65 -24.18 -19.37
C THR K 205 -42.35 -25.47 -19.00
N LEU K 206 -43.66 -25.51 -19.23
CA LEU K 206 -44.44 -26.70 -18.91
C LEU K 206 -44.33 -27.77 -19.99
N SER K 207 -44.01 -27.36 -21.21
CA SER K 207 -43.87 -28.30 -22.32
C SER K 207 -42.42 -28.67 -22.60
N ILE K 208 -41.62 -28.77 -21.53
CA ILE K 208 -40.21 -29.14 -21.62
C ILE K 208 -39.95 -30.08 -20.46
N GLU K 209 -39.00 -31.01 -20.62
CA GLU K 209 -38.68 -31.94 -19.55
C GLU K 209 -37.82 -31.24 -18.51
N PHE K 210 -38.05 -31.56 -17.23
CA PHE K 210 -37.30 -30.95 -16.15
C PHE K 210 -35.80 -31.15 -16.32
N ASP K 211 -35.37 -32.41 -16.42
CA ASP K 211 -33.95 -32.72 -16.59
C ASP K 211 -33.39 -31.94 -17.77
N LYS K 212 -34.20 -31.75 -18.80
CA LYS K 212 -33.80 -31.01 -19.99
C LYS K 212 -33.62 -29.53 -19.68
N LEU K 213 -34.59 -28.96 -18.97
CA LEU K 213 -34.54 -27.54 -18.60
C LEU K 213 -33.40 -27.33 -17.59
N LYS K 214 -33.27 -28.28 -16.67
CA LYS K 214 -32.24 -28.24 -15.63
C LYS K 214 -30.83 -28.15 -16.21
N GLY K 215 -30.54 -29.00 -17.18
CA GLY K 215 -29.21 -28.98 -17.79
C GLY K 215 -28.94 -27.74 -18.61
N MET K 216 -29.98 -26.92 -18.80
CA MET K 216 -29.87 -25.70 -19.59
C MET K 216 -29.69 -24.44 -18.75
N ILE K 217 -30.49 -24.30 -17.69
CA ILE K 217 -30.42 -23.12 -16.83
C ILE K 217 -30.15 -23.43 -15.37
N GLY K 218 -30.19 -24.72 -15.01
CA GLY K 218 -29.94 -25.12 -13.64
C GLY K 218 -31.21 -25.54 -12.90
N GLU K 219 -31.05 -26.43 -11.93
CA GLU K 219 -32.19 -26.93 -11.15
C GLU K 219 -32.91 -25.80 -10.42
N ALA K 220 -32.14 -24.88 -9.84
CA ALA K 220 -32.72 -23.76 -9.10
C ALA K 220 -33.65 -22.91 -9.95
N LYS K 221 -33.18 -22.44 -11.10
CA LYS K 221 -33.99 -21.60 -11.97
C LYS K 221 -35.10 -22.39 -12.66
N ALA K 222 -34.87 -23.66 -12.90
CA ALA K 222 -35.86 -24.52 -13.54
C ALA K 222 -37.08 -24.67 -12.63
N LYS K 223 -36.83 -25.05 -11.38
CA LYS K 223 -37.91 -25.23 -10.41
C LYS K 223 -38.64 -23.92 -10.17
N TYR K 224 -37.88 -22.82 -10.19
CA TYR K 224 -38.45 -21.49 -9.98
C TYR K 224 -39.49 -21.17 -11.04
N LEU K 225 -39.06 -21.21 -12.31
CA LEU K 225 -39.95 -20.91 -13.43
C LEU K 225 -41.15 -21.84 -13.51
N ILE K 226 -40.92 -23.13 -13.28
CA ILE K 226 -41.98 -24.12 -13.33
C ILE K 226 -43.05 -23.89 -12.25
N SER K 227 -42.63 -23.58 -11.03
CA SER K 227 -43.57 -23.34 -9.95
C SER K 227 -44.40 -22.08 -10.24
N LEU K 228 -43.81 -21.15 -11.00
CA LEU K 228 -44.50 -19.92 -11.35
C LEU K 228 -45.52 -20.14 -12.46
N ALA K 229 -45.18 -21.02 -13.39
CA ALA K 229 -46.08 -21.33 -14.51
C ALA K 229 -47.23 -22.20 -14.03
N ARG K 230 -46.98 -23.03 -13.02
CA ARG K 230 -48.00 -23.91 -12.46
C ARG K 230 -48.79 -23.17 -11.37
N ASP K 231 -48.48 -21.89 -11.19
CA ASP K 231 -49.12 -21.05 -10.18
C ASP K 231 -48.97 -21.68 -8.79
N GLU K 232 -47.86 -22.37 -8.58
CA GLU K 232 -47.59 -23.02 -7.31
C GLU K 232 -46.53 -22.26 -6.52
N TYR K 233 -46.23 -21.03 -6.94
CA TYR K 233 -45.23 -20.22 -6.25
C TYR K 233 -45.84 -19.63 -4.99
N ASN K 234 -45.18 -19.84 -3.85
CA ASN K 234 -45.71 -19.32 -2.59
C ASN K 234 -44.63 -18.97 -1.56
N GLU K 235 -43.52 -18.39 -2.00
CA GLU K 235 -42.46 -18.02 -1.08
C GLU K 235 -42.98 -17.02 -0.05
N PRO K 236 -42.83 -17.35 1.25
CA PRO K 236 -43.31 -16.47 2.31
C PRO K 236 -42.45 -15.22 2.48
N ILE K 237 -43.08 -14.18 3.01
CA ILE K 237 -42.39 -12.92 3.27
C ILE K 237 -41.59 -13.14 4.54
N ARG K 238 -40.27 -13.05 4.44
CA ARG K 238 -39.41 -13.26 5.59
C ARG K 238 -38.44 -12.11 5.80
N THR K 239 -38.13 -11.85 7.06
CA THR K 239 -37.21 -10.79 7.43
C THR K 239 -35.84 -11.09 6.84
N ARG K 240 -35.33 -10.20 6.00
CA ARG K 240 -34.03 -10.41 5.39
C ARG K 240 -32.92 -10.22 6.43
N VAL K 241 -31.92 -11.08 6.37
CA VAL K 241 -30.79 -11.02 7.29
C VAL K 241 -29.51 -10.85 6.50
N ARG K 242 -28.75 -9.79 6.80
CA ARG K 242 -27.49 -9.52 6.10
C ARG K 242 -26.59 -10.74 6.14
N LYS K 243 -26.10 -11.15 4.98
CA LYS K 243 -25.22 -12.31 4.92
C LYS K 243 -23.78 -11.94 4.58
N SER K 244 -23.57 -10.76 4.01
CA SER K 244 -22.20 -10.33 3.71
C SER K 244 -22.14 -8.80 3.73
N ILE K 245 -20.96 -8.27 4.02
CA ILE K 245 -20.77 -6.84 4.09
C ILE K 245 -19.40 -6.53 3.52
N GLY K 246 -19.32 -5.54 2.65
CA GLY K 246 -18.05 -5.23 2.04
C GLY K 246 -17.90 -3.84 1.47
N ARG K 247 -16.74 -3.61 0.88
CA ARG K 247 -16.41 -2.33 0.31
C ARG K 247 -15.36 -2.55 -0.77
N ILE K 248 -15.59 -1.95 -1.93
CA ILE K 248 -14.64 -2.05 -3.02
C ILE K 248 -14.48 -0.65 -3.61
N VAL K 249 -13.25 -0.24 -3.85
CA VAL K 249 -12.99 1.09 -4.38
C VAL K 249 -12.16 1.08 -5.64
N THR K 250 -12.15 2.21 -6.34
CA THR K 250 -11.38 2.35 -7.57
C THR K 250 -10.07 3.04 -7.24
N MET K 251 -8.96 2.53 -7.78
CA MET K 251 -7.67 3.15 -7.52
C MET K 251 -7.38 4.26 -8.51
N LYS K 252 -6.62 5.26 -8.08
CA LYS K 252 -6.27 6.39 -8.96
C LYS K 252 -5.77 5.92 -10.32
N ARG K 253 -4.99 4.84 -10.33
CA ARG K 253 -4.46 4.30 -11.57
C ARG K 253 -4.31 2.80 -11.47
N ASN K 254 -4.42 2.11 -12.60
CA ASN K 254 -4.27 0.66 -12.61
C ASN K 254 -2.88 0.31 -12.11
N SER K 255 -2.79 -0.75 -11.31
CA SER K 255 -1.51 -1.15 -10.76
C SER K 255 -1.50 -2.61 -10.34
N ARG K 256 -0.30 -3.14 -10.20
CA ARG K 256 -0.13 -4.51 -9.76
C ARG K 256 1.02 -4.48 -8.77
N ASN K 257 1.26 -3.29 -8.24
CA ASN K 257 2.30 -3.07 -7.25
C ASN K 257 1.61 -3.16 -5.90
N LEU K 258 1.93 -4.22 -5.17
CA LEU K 258 1.34 -4.50 -3.86
C LEU K 258 1.32 -3.31 -2.90
N GLU K 259 2.44 -2.61 -2.75
CA GLU K 259 2.51 -1.47 -1.85
C GLU K 259 1.58 -0.33 -2.28
N GLU K 260 1.36 -0.22 -3.57
CA GLU K 260 0.49 0.84 -4.09
C GLU K 260 -0.99 0.48 -3.90
N ILE K 261 -1.27 -0.82 -3.94
CA ILE K 261 -2.64 -1.31 -3.78
C ILE K 261 -3.11 -1.36 -2.32
N LYS K 262 -2.22 -1.76 -1.42
CA LYS K 262 -2.53 -1.89 0.01
C LYS K 262 -3.32 -0.76 0.69
N PRO K 263 -2.93 0.51 0.48
CA PRO K 263 -3.66 1.61 1.11
C PRO K 263 -5.16 1.57 0.79
N TYR K 264 -5.47 1.22 -0.45
CA TYR K 264 -6.87 1.14 -0.86
C TYR K 264 -7.53 -0.03 -0.15
N LEU K 265 -6.84 -1.16 -0.14
CA LEU K 265 -7.36 -2.37 0.48
C LEU K 265 -7.62 -2.15 1.97
N PHE K 266 -6.68 -1.49 2.63
CA PHE K 266 -6.81 -1.23 4.06
C PHE K 266 -7.96 -0.28 4.36
N ARG K 267 -8.17 0.69 3.48
CA ARG K 267 -9.26 1.65 3.62
C ARG K 267 -10.58 0.88 3.47
N ALA K 268 -10.59 -0.09 2.57
CA ALA K 268 -11.79 -0.91 2.35
C ALA K 268 -12.11 -1.73 3.59
N ILE K 269 -11.08 -2.28 4.22
CA ILE K 269 -11.24 -3.08 5.44
C ILE K 269 -11.77 -2.22 6.58
N GLU K 270 -11.19 -1.04 6.76
CA GLU K 270 -11.63 -0.14 7.82
C GLU K 270 -13.10 0.19 7.69
N GLU K 271 -13.51 0.54 6.48
CA GLU K 271 -14.92 0.87 6.23
C GLU K 271 -15.82 -0.35 6.45
N SER K 272 -15.38 -1.51 5.95
CA SER K 272 -16.16 -2.73 6.09
C SER K 272 -16.36 -3.10 7.56
N TYR K 273 -15.30 -3.02 8.36
CA TYR K 273 -15.42 -3.35 9.77
C TYR K 273 -16.33 -2.42 10.51
N TYR K 274 -16.36 -1.17 10.10
CA TYR K 274 -17.25 -0.22 10.74
C TYR K 274 -18.67 -0.66 10.47
N LYS K 275 -18.96 -1.01 9.22
CA LYS K 275 -20.30 -1.45 8.84
C LYS K 275 -20.71 -2.76 9.51
N LEU K 276 -19.75 -3.60 9.86
CA LEU K 276 -20.08 -4.88 10.51
C LEU K 276 -20.92 -4.65 11.77
N ASP K 277 -20.73 -3.50 12.41
CA ASP K 277 -21.49 -3.14 13.62
C ASP K 277 -21.75 -4.29 14.60
N LYS K 278 -20.70 -4.73 15.27
CA LYS K 278 -20.78 -5.81 16.27
C LYS K 278 -20.81 -7.24 15.70
N ARG K 279 -21.05 -7.37 14.40
CA ARG K 279 -21.08 -8.69 13.79
C ARG K 279 -19.65 -9.19 13.67
N ILE K 280 -19.46 -10.48 13.84
CA ILE K 280 -18.11 -11.05 13.74
C ILE K 280 -18.07 -12.06 12.61
N PRO K 281 -17.30 -11.76 11.54
CA PRO K 281 -17.18 -12.64 10.39
C PRO K 281 -16.14 -13.75 10.53
N LYS K 282 -16.45 -14.89 9.92
CA LYS K 282 -15.55 -16.02 9.94
C LYS K 282 -14.93 -16.19 8.55
N ALA K 283 -15.43 -15.42 7.58
CA ALA K 283 -14.92 -15.48 6.21
C ALA K 283 -14.55 -14.12 5.66
N ILE K 284 -13.47 -14.09 4.88
CA ILE K 284 -13.01 -12.87 4.25
C ILE K 284 -12.64 -13.18 2.80
N HIS K 285 -12.97 -12.26 1.91
CA HIS K 285 -12.66 -12.43 0.50
C HIS K 285 -12.14 -11.11 -0.05
N VAL K 286 -11.02 -11.17 -0.75
CA VAL K 286 -10.47 -9.97 -1.37
C VAL K 286 -10.92 -10.06 -2.82
N VAL K 287 -11.58 -9.01 -3.30
CA VAL K 287 -12.08 -8.97 -4.67
C VAL K 287 -11.36 -7.91 -5.47
N ALA K 288 -10.95 -8.26 -6.68
CA ALA K 288 -10.27 -7.31 -7.55
C ALA K 288 -10.93 -7.26 -8.92
N VAL K 289 -10.93 -6.08 -9.51
CA VAL K 289 -11.48 -5.88 -10.84
C VAL K 289 -10.25 -5.53 -11.67
N THR K 290 -9.97 -6.32 -12.69
CA THR K 290 -8.80 -6.09 -13.52
C THR K 290 -8.95 -4.96 -14.54
N GLU K 291 -7.82 -4.63 -15.17
CA GLU K 291 -7.76 -3.59 -16.18
C GLU K 291 -8.84 -3.78 -17.24
N ASP K 292 -9.06 -5.03 -17.66
CA ASP K 292 -10.07 -5.34 -18.67
C ASP K 292 -11.45 -5.58 -18.07
N LEU K 293 -11.63 -5.12 -16.83
CA LEU K 293 -12.90 -5.24 -16.12
C LEU K 293 -13.34 -6.64 -15.77
N ASP K 294 -12.39 -7.57 -15.67
CA ASP K 294 -12.73 -8.93 -15.30
C ASP K 294 -12.70 -8.95 -13.76
N ILE K 295 -13.50 -9.83 -13.16
CA ILE K 295 -13.55 -9.90 -11.70
C ILE K 295 -12.83 -11.15 -11.20
N VAL K 296 -11.90 -10.95 -10.26
CA VAL K 296 -11.14 -12.05 -9.68
C VAL K 296 -11.18 -11.94 -8.16
N SER K 297 -11.28 -13.07 -7.47
CA SER K 297 -11.31 -13.05 -6.02
C SER K 297 -10.59 -14.22 -5.38
N ARG K 298 -10.17 -14.01 -4.13
CA ARG K 298 -9.48 -15.01 -3.33
C ARG K 298 -9.95 -14.79 -1.90
N GLY K 299 -10.35 -15.86 -1.23
CA GLY K 299 -10.83 -15.72 0.13
C GLY K 299 -10.46 -16.88 1.03
N ARG K 300 -10.94 -16.82 2.27
CA ARG K 300 -10.66 -17.87 3.23
C ARG K 300 -11.64 -17.81 4.40
N THR K 301 -12.04 -18.99 4.85
CA THR K 301 -12.95 -19.11 5.98
C THR K 301 -12.12 -19.60 7.17
N PHE K 302 -12.31 -18.98 8.33
CA PHE K 302 -11.59 -19.38 9.53
C PHE K 302 -12.52 -20.12 10.48
N PRO K 303 -11.96 -20.97 11.33
CA PRO K 303 -12.81 -21.71 12.28
C PRO K 303 -13.38 -20.80 13.37
N HIS K 304 -12.81 -19.61 13.52
CA HIS K 304 -13.23 -18.63 14.52
C HIS K 304 -13.50 -17.26 13.89
N GLY K 305 -13.99 -16.32 14.70
CA GLY K 305 -14.24 -14.98 14.21
C GLY K 305 -12.94 -14.31 13.86
N ILE K 306 -12.99 -13.39 12.90
CA ILE K 306 -11.80 -12.68 12.44
C ILE K 306 -11.70 -11.28 13.04
N SER K 307 -10.63 -11.01 13.76
CA SER K 307 -10.41 -9.69 14.34
C SER K 307 -10.01 -8.78 13.17
N LYS K 308 -10.13 -7.48 13.37
CA LYS K 308 -9.75 -6.55 12.32
C LYS K 308 -8.27 -6.72 11.96
N GLU K 309 -7.42 -6.92 12.95
CA GLU K 309 -5.99 -7.09 12.69
C GLU K 309 -5.72 -8.33 11.85
N THR K 310 -6.50 -9.39 12.09
CA THR K 310 -6.32 -10.62 11.31
C THR K 310 -6.78 -10.32 9.87
N ALA K 311 -7.82 -9.49 9.72
CA ALA K 311 -8.34 -9.14 8.40
C ALA K 311 -7.25 -8.43 7.57
N TYR K 312 -6.51 -7.53 8.22
CA TYR K 312 -5.44 -6.79 7.54
C TYR K 312 -4.37 -7.76 7.02
N SER K 313 -3.83 -8.57 7.92
CA SER K 313 -2.79 -9.52 7.54
C SER K 313 -3.26 -10.54 6.52
N GLU K 314 -4.49 -11.06 6.67
CA GLU K 314 -4.98 -12.03 5.69
C GLU K 314 -5.26 -11.39 4.33
N SER K 315 -5.77 -10.16 4.33
CA SER K 315 -6.06 -9.46 3.07
C SER K 315 -4.81 -9.35 2.21
N VAL K 316 -3.69 -9.01 2.81
CA VAL K 316 -2.44 -8.88 2.08
C VAL K 316 -2.08 -10.21 1.41
N LYS K 317 -2.24 -11.31 2.14
CA LYS K 317 -1.92 -12.63 1.61
C LYS K 317 -2.85 -12.99 0.46
N LEU K 318 -4.13 -12.65 0.59
CA LEU K 318 -5.09 -12.94 -0.46
C LEU K 318 -4.77 -12.09 -1.69
N LEU K 319 -4.40 -10.83 -1.46
CA LEU K 319 -4.06 -9.94 -2.57
C LEU K 319 -2.80 -10.48 -3.27
N GLN K 320 -1.80 -10.87 -2.49
CA GLN K 320 -0.57 -11.43 -3.03
C GLN K 320 -0.92 -12.64 -3.89
N LYS K 321 -1.86 -13.45 -3.41
CA LYS K 321 -2.28 -14.62 -4.16
C LYS K 321 -2.87 -14.22 -5.51
N ILE K 322 -3.62 -13.12 -5.53
CA ILE K 322 -4.22 -12.66 -6.78
C ILE K 322 -3.10 -12.18 -7.72
N LEU K 323 -2.21 -11.33 -7.22
CA LEU K 323 -1.13 -10.83 -8.05
C LEU K 323 -0.27 -11.98 -8.61
N GLU K 324 -0.10 -13.04 -7.83
CA GLU K 324 0.69 -14.20 -8.24
C GLU K 324 0.00 -15.08 -9.27
N GLU K 325 -1.32 -15.13 -9.24
CA GLU K 325 -2.05 -15.99 -10.16
C GLU K 325 -2.79 -15.26 -11.28
N ASP K 326 -2.45 -13.99 -11.50
CA ASP K 326 -3.06 -13.21 -12.55
C ASP K 326 -2.10 -12.10 -12.96
N GLU K 327 -1.71 -12.10 -14.23
CA GLU K 327 -0.76 -11.12 -14.75
C GLU K 327 -1.32 -9.73 -14.99
N ARG K 328 -2.65 -9.61 -15.08
CA ARG K 328 -3.26 -8.32 -15.32
C ARG K 328 -3.11 -7.31 -14.18
N LYS K 329 -3.23 -6.04 -14.52
CA LYS K 329 -3.13 -4.97 -13.54
C LYS K 329 -4.52 -4.83 -12.91
N ILE K 330 -4.56 -4.36 -11.67
CA ILE K 330 -5.82 -4.20 -10.97
C ILE K 330 -6.37 -2.78 -11.09
N ARG K 331 -7.68 -2.70 -11.30
CA ARG K 331 -8.37 -1.43 -11.46
C ARG K 331 -9.13 -1.03 -10.18
N ARG K 332 -9.89 -1.97 -9.63
CA ARG K 332 -10.65 -1.75 -8.40
C ARG K 332 -10.25 -2.84 -7.41
N ILE K 333 -10.22 -2.50 -6.12
CA ILE K 333 -9.83 -3.48 -5.11
C ILE K 333 -10.74 -3.34 -3.90
N GLY K 334 -11.07 -4.48 -3.31
CA GLY K 334 -11.94 -4.43 -2.15
C GLY K 334 -11.95 -5.71 -1.34
N VAL K 335 -12.84 -5.76 -0.35
CA VAL K 335 -12.96 -6.91 0.51
C VAL K 335 -14.42 -7.15 0.85
N ARG K 336 -14.74 -8.38 1.24
CA ARG K 336 -16.09 -8.71 1.63
C ARG K 336 -16.02 -9.72 2.77
N PHE K 337 -16.81 -9.48 3.81
CA PHE K 337 -16.84 -10.36 4.98
C PHE K 337 -18.18 -11.09 5.00
N SER K 338 -18.17 -12.33 5.46
CA SER K 338 -19.39 -13.11 5.54
C SER K 338 -19.29 -14.17 6.63
N LYS K 339 -20.33 -15.01 6.75
CA LYS K 339 -20.38 -16.06 7.76
C LYS K 339 -20.27 -15.44 9.16
N PHE K 340 -21.25 -14.61 9.48
CA PHE K 340 -21.27 -13.92 10.77
C PHE K 340 -21.67 -14.85 11.91
N ILE K 341 -21.06 -14.65 13.07
CA ILE K 341 -21.37 -15.48 14.22
C ILE K 341 -22.73 -15.14 14.80
N MET L 1 -35.15 -38.03 43.66
CA MET L 1 -34.02 -37.10 43.97
C MET L 1 -33.90 -36.02 42.90
N ILE L 2 -33.82 -34.77 43.36
CA ILE L 2 -33.68 -33.63 42.45
C ILE L 2 -32.40 -32.89 42.80
N VAL L 3 -31.54 -32.71 41.81
CA VAL L 3 -30.26 -32.04 42.02
C VAL L 3 -30.19 -30.76 41.22
N LEU L 4 -29.75 -29.68 41.86
CA LEU L 4 -29.64 -28.40 41.18
C LEU L 4 -28.15 -28.05 41.20
N PHE L 5 -27.58 -27.87 40.01
CA PHE L 5 -26.17 -27.55 39.82
C PHE L 5 -26.02 -26.08 39.39
N VAL L 6 -25.08 -25.37 40.02
CA VAL L 6 -24.85 -23.96 39.70
C VAL L 6 -23.43 -23.80 39.13
N ASP L 7 -23.35 -23.12 37.99
CA ASP L 7 -22.08 -22.92 37.28
C ASP L 7 -21.96 -21.44 36.87
N PHE L 8 -21.10 -20.69 37.57
CA PHE L 8 -20.91 -19.25 37.34
C PHE L 8 -20.46 -18.99 35.91
N ASP L 9 -20.98 -17.96 35.24
CA ASP L 9 -20.58 -17.71 33.86
C ASP L 9 -19.21 -17.05 33.70
N TYR L 10 -18.39 -17.57 32.78
CA TYR L 10 -17.04 -17.06 32.49
C TYR L 10 -16.52 -16.32 33.72
N PHE L 11 -16.58 -17.03 34.85
CA PHE L 11 -16.27 -16.48 36.16
C PHE L 11 -15.20 -15.44 36.39
N TYR L 12 -13.94 -15.78 36.16
CA TYR L 12 -12.88 -14.81 36.41
C TYR L 12 -13.08 -13.53 35.59
N ALA L 13 -13.38 -13.68 34.31
CA ALA L 13 -13.60 -12.52 33.46
C ALA L 13 -14.84 -11.73 33.89
N GLN L 14 -15.90 -12.42 34.32
CA GLN L 14 -17.10 -11.71 34.73
C GLN L 14 -16.85 -10.90 36.03
N VAL L 15 -16.08 -11.45 36.95
CA VAL L 15 -15.77 -10.74 38.19
C VAL L 15 -15.03 -9.43 37.84
N GLU L 16 -14.06 -9.51 36.94
CA GLU L 16 -13.33 -8.32 36.52
C GLU L 16 -14.28 -7.28 35.90
N GLU L 17 -15.29 -7.73 35.17
CA GLU L 17 -16.26 -6.81 34.55
C GLU L 17 -17.13 -6.12 35.60
N VAL L 18 -17.46 -6.83 36.69
CA VAL L 18 -18.27 -6.22 37.74
C VAL L 18 -17.42 -5.17 38.47
N LEU L 19 -16.15 -5.49 38.69
CA LEU L 19 -15.23 -4.59 39.38
C LEU L 19 -14.86 -3.39 38.51
N ASN L 20 -14.94 -3.57 37.19
CA ASN L 20 -14.60 -2.52 36.24
C ASN L 20 -15.56 -2.61 35.05
N PRO L 21 -16.75 -1.99 35.19
CA PRO L 21 -17.76 -2.01 34.11
C PRO L 21 -17.29 -1.46 32.77
N SER L 22 -16.16 -0.75 32.74
CA SER L 22 -15.67 -0.21 31.48
C SER L 22 -15.21 -1.34 30.57
N LEU L 23 -15.16 -2.56 31.11
CA LEU L 23 -14.74 -3.72 30.34
C LEU L 23 -15.87 -4.39 29.57
N LYS L 24 -17.11 -4.12 29.98
CA LYS L 24 -18.27 -4.71 29.32
C LYS L 24 -18.34 -4.35 27.84
N GLY L 25 -18.72 -5.32 27.02
CA GLY L 25 -18.81 -5.08 25.59
C GLY L 25 -17.48 -5.24 24.88
N LYS L 26 -16.43 -5.55 25.64
CA LYS L 26 -15.12 -5.74 25.05
C LYS L 26 -14.61 -7.14 25.32
N PRO L 27 -13.69 -7.63 24.48
CA PRO L 27 -13.17 -8.98 24.73
C PRO L 27 -12.21 -8.89 25.92
N VAL L 28 -12.40 -9.77 26.89
CA VAL L 28 -11.56 -9.78 28.09
C VAL L 28 -10.93 -11.14 28.25
N VAL L 29 -9.62 -11.15 28.50
CA VAL L 29 -8.86 -12.38 28.68
C VAL L 29 -8.09 -12.36 30.00
N VAL L 30 -8.40 -13.29 30.89
CA VAL L 30 -7.70 -13.37 32.18
C VAL L 30 -6.51 -14.30 32.01
N CYS L 31 -5.32 -13.79 32.23
CA CYS L 31 -4.10 -14.55 32.03
C CYS L 31 -3.25 -14.92 33.24
N VAL L 32 -2.54 -16.03 33.09
CA VAL L 32 -1.62 -16.49 34.12
C VAL L 32 -0.23 -16.22 33.53
N PHE L 33 0.36 -15.10 33.92
CA PHE L 33 1.67 -14.72 33.41
C PHE L 33 2.81 -15.50 34.08
N SER L 34 3.61 -16.18 33.27
CA SER L 34 4.75 -17.01 33.72
C SER L 34 5.87 -16.22 34.38
N GLY L 35 6.33 -15.17 33.70
CA GLY L 35 7.42 -14.37 34.20
C GLY L 35 8.70 -14.65 33.43
N ARG L 36 8.66 -15.62 32.51
CA ARG L 36 9.83 -15.98 31.70
C ARG L 36 10.17 -14.89 30.68
N PHE L 37 9.14 -14.16 30.25
CA PHE L 37 9.33 -13.09 29.29
C PHE L 37 8.03 -12.31 29.17
N GLU L 38 8.03 -11.29 28.33
CA GLU L 38 6.86 -10.46 28.13
C GLU L 38 5.73 -11.30 27.54
N ASP L 39 4.67 -11.50 28.32
CA ASP L 39 3.49 -12.26 27.89
C ASP L 39 3.66 -13.77 27.92
N SER L 40 4.64 -14.26 28.64
CA SER L 40 4.83 -15.71 28.75
C SER L 40 3.68 -16.18 29.63
N GLY L 41 3.16 -17.38 29.39
CA GLY L 41 2.07 -17.85 30.21
C GLY L 41 0.89 -18.36 29.41
N ALA L 42 -0.22 -18.63 30.09
CA ALA L 42 -1.41 -19.15 29.47
C ALA L 42 -2.68 -18.46 29.96
N VAL L 43 -3.75 -18.64 29.20
CA VAL L 43 -5.06 -18.06 29.50
C VAL L 43 -5.84 -18.93 30.49
N ALA L 44 -6.37 -18.32 31.55
CA ALA L 44 -7.16 -19.06 32.54
C ALA L 44 -8.59 -19.14 32.00
N THR L 45 -9.09 -18.01 31.48
CA THR L 45 -10.41 -17.94 30.87
C THR L 45 -10.60 -16.60 30.18
N ALA L 46 -11.70 -16.46 29.46
CA ALA L 46 -11.99 -15.23 28.73
C ALA L 46 -13.50 -15.10 28.60
N ASN L 47 -14.00 -13.88 28.42
CA ASN L 47 -15.44 -13.71 28.28
C ASN L 47 -15.89 -14.23 26.91
N TYR L 48 -17.19 -14.35 26.70
CA TYR L 48 -17.69 -14.92 25.45
C TYR L 48 -17.33 -14.13 24.18
N GLU L 49 -17.17 -12.82 24.28
CA GLU L 49 -16.79 -12.07 23.10
C GLU L 49 -15.39 -12.52 22.64
N ALA L 50 -14.50 -12.77 23.58
CA ALA L 50 -13.14 -13.21 23.22
C ALA L 50 -13.18 -14.64 22.66
N ARG L 51 -14.09 -15.46 23.19
CA ARG L 51 -14.21 -16.83 22.73
C ARG L 51 -14.63 -16.93 21.26
N LYS L 52 -15.42 -15.97 20.79
CA LYS L 52 -15.86 -15.97 19.39
C LYS L 52 -14.67 -15.92 18.46
N PHE L 53 -13.58 -15.29 18.92
CA PHE L 53 -12.37 -15.16 18.12
C PHE L 53 -11.43 -16.34 18.32
N GLY L 54 -11.91 -17.35 19.05
CA GLY L 54 -11.11 -18.53 19.29
C GLY L 54 -10.24 -18.50 20.53
N VAL L 55 -10.34 -17.45 21.34
CA VAL L 55 -9.54 -17.39 22.55
C VAL L 55 -10.26 -18.20 23.62
N LYS L 56 -9.54 -19.12 24.26
CA LYS L 56 -10.14 -19.94 25.30
C LYS L 56 -9.07 -20.40 26.30
N ALA L 57 -9.55 -20.90 27.44
CA ALA L 57 -8.68 -21.36 28.50
C ALA L 57 -7.64 -22.35 28.02
N GLY L 58 -6.42 -22.22 28.55
CA GLY L 58 -5.36 -23.13 28.20
C GLY L 58 -4.44 -22.76 27.05
N ILE L 59 -4.83 -21.81 26.20
CA ILE L 59 -3.95 -21.47 25.10
C ILE L 59 -2.93 -20.43 25.54
N PRO L 60 -1.74 -20.46 24.92
CA PRO L 60 -0.70 -19.50 25.27
C PRO L 60 -1.18 -18.06 25.12
N ILE L 61 -0.74 -17.20 26.01
CA ILE L 61 -1.12 -15.80 25.94
C ILE L 61 -0.68 -15.21 24.60
N VAL L 62 0.51 -15.59 24.14
CA VAL L 62 1.00 -15.06 22.86
C VAL L 62 0.11 -15.48 21.70
N GLU L 63 -0.55 -16.65 21.81
CA GLU L 63 -1.43 -17.08 20.74
C GLU L 63 -2.70 -16.23 20.78
N ALA L 64 -3.16 -15.92 21.99
CA ALA L 64 -4.35 -15.09 22.13
C ALA L 64 -4.07 -13.71 21.55
N LYS L 65 -2.88 -13.18 21.85
CA LYS L 65 -2.51 -11.86 21.35
C LYS L 65 -2.36 -11.84 19.84
N LYS L 66 -1.96 -12.97 19.28
CA LYS L 66 -1.79 -13.10 17.85
C LYS L 66 -3.15 -12.91 17.15
N ILE L 67 -4.18 -13.59 17.66
CA ILE L 67 -5.50 -13.49 17.04
C ILE L 67 -6.42 -12.36 17.50
N LEU L 68 -6.18 -11.83 18.70
CA LEU L 68 -6.98 -10.75 19.26
C LEU L 68 -6.04 -9.79 19.98
N PRO L 69 -5.16 -9.10 19.23
CA PRO L 69 -4.22 -8.18 19.87
C PRO L 69 -4.84 -7.03 20.66
N ASN L 70 -6.05 -6.63 20.32
CA ASN L 70 -6.67 -5.52 21.03
C ASN L 70 -7.69 -5.86 22.10
N ALA L 71 -7.65 -7.08 22.61
CA ALA L 71 -8.56 -7.46 23.68
C ALA L 71 -7.91 -6.91 24.96
N VAL L 72 -8.62 -6.98 26.08
CA VAL L 72 -8.07 -6.52 27.34
C VAL L 72 -7.48 -7.74 28.04
N TYR L 73 -6.17 -7.70 28.28
CA TYR L 73 -5.48 -8.80 28.94
C TYR L 73 -5.22 -8.44 30.39
N LEU L 74 -5.81 -9.21 31.31
CA LEU L 74 -5.67 -8.94 32.73
C LEU L 74 -4.98 -10.08 33.44
N PRO L 75 -4.19 -9.77 34.47
CA PRO L 75 -3.50 -10.83 35.20
C PRO L 75 -4.55 -11.48 36.09
N MET L 76 -4.37 -12.76 36.37
CA MET L 76 -5.33 -13.45 37.21
C MET L 76 -5.16 -12.98 38.65
N ARG L 77 -6.27 -12.60 39.27
CA ARG L 77 -6.28 -12.15 40.66
C ARG L 77 -7.09 -13.17 41.46
N LYS L 78 -6.49 -14.33 41.68
CA LYS L 78 -7.11 -15.45 42.38
C LYS L 78 -7.75 -15.12 43.72
N GLU L 79 -7.07 -14.33 44.54
CA GLU L 79 -7.58 -13.98 45.87
C GLU L 79 -8.93 -13.27 45.73
N VAL L 80 -9.04 -12.42 44.73
CA VAL L 80 -10.29 -11.70 44.49
C VAL L 80 -11.40 -12.69 44.11
N TYR L 81 -11.12 -13.51 43.11
CA TYR L 81 -12.11 -14.48 42.64
C TYR L 81 -12.54 -15.45 43.75
N GLN L 82 -11.60 -15.83 44.61
CA GLN L 82 -11.92 -16.76 45.68
C GLN L 82 -12.85 -16.11 46.71
N GLN L 83 -12.64 -14.83 46.99
CA GLN L 83 -13.50 -14.13 47.94
C GLN L 83 -14.90 -13.95 47.39
N VAL L 84 -15.01 -13.57 46.12
CA VAL L 84 -16.31 -13.40 45.50
C VAL L 84 -17.02 -14.76 45.50
N SER L 85 -16.25 -15.80 45.18
CA SER L 85 -16.78 -17.16 45.15
C SER L 85 -17.36 -17.59 46.49
N SER L 86 -16.57 -17.44 47.55
CA SER L 86 -17.03 -17.85 48.87
C SER L 86 -18.33 -17.14 49.26
N ARG L 87 -18.46 -15.87 48.88
CA ARG L 87 -19.69 -15.13 49.18
C ARG L 87 -20.87 -15.75 48.44
N ILE L 88 -20.67 -16.14 47.18
CA ILE L 88 -21.77 -16.73 46.43
C ILE L 88 -22.10 -18.11 47.00
N MET L 89 -21.07 -18.89 47.32
CA MET L 89 -21.28 -20.22 47.88
C MET L 89 -22.07 -20.12 49.20
N ASN L 90 -21.82 -19.05 49.96
CA ASN L 90 -22.54 -18.87 51.22
C ASN L 90 -24.02 -18.59 50.92
N LEU L 91 -24.27 -17.91 49.82
CA LEU L 91 -25.65 -17.64 49.41
C LEU L 91 -26.32 -18.97 49.05
N LEU L 92 -25.61 -19.79 48.29
CA LEU L 92 -26.18 -21.08 47.89
C LEU L 92 -26.47 -21.98 49.10
N ARG L 93 -25.61 -21.94 50.11
CA ARG L 93 -25.80 -22.76 51.31
C ARG L 93 -27.13 -22.44 51.97
N GLU L 94 -27.64 -21.23 51.76
CA GLU L 94 -28.91 -20.83 52.35
C GLU L 94 -30.10 -21.56 51.71
N TYR L 95 -29.94 -22.03 50.48
CA TYR L 95 -31.03 -22.72 49.81
C TYR L 95 -31.09 -24.22 50.08
N SER L 96 -29.96 -24.78 50.52
CA SER L 96 -29.90 -26.19 50.86
C SER L 96 -28.65 -26.50 51.67
N GLU L 97 -28.84 -27.23 52.77
CA GLU L 97 -27.72 -27.62 53.63
C GLU L 97 -26.95 -28.74 52.95
N LYS L 98 -27.62 -29.44 52.04
CA LYS L 98 -26.98 -30.54 51.29
C LYS L 98 -26.37 -29.90 50.06
N ILE L 99 -25.13 -29.46 50.21
CA ILE L 99 -24.44 -28.80 49.12
C ILE L 99 -23.03 -29.33 48.96
N GLU L 100 -22.62 -29.49 47.70
CA GLU L 100 -21.30 -29.99 47.34
C GLU L 100 -20.60 -28.94 46.47
N ILE L 101 -19.63 -28.25 47.06
CA ILE L 101 -18.88 -27.23 46.33
C ILE L 101 -17.78 -27.98 45.59
N ALA L 102 -17.98 -28.18 44.29
CA ALA L 102 -17.04 -28.92 43.46
C ALA L 102 -15.74 -28.19 43.19
N SER L 103 -15.82 -26.89 42.98
CA SER L 103 -14.65 -26.09 42.69
C SER L 103 -14.98 -24.61 42.87
N ILE L 104 -14.06 -23.74 42.51
CA ILE L 104 -14.27 -22.31 42.71
C ILE L 104 -15.55 -21.73 42.09
N ASP L 105 -16.07 -22.34 41.03
CA ASP L 105 -17.26 -21.77 40.43
C ASP L 105 -18.39 -22.74 40.10
N GLU L 106 -18.40 -23.88 40.79
CA GLU L 106 -19.42 -24.90 40.59
C GLU L 106 -19.86 -25.53 41.91
N ALA L 107 -21.16 -25.79 42.03
CA ALA L 107 -21.70 -26.41 43.24
C ALA L 107 -22.98 -27.16 42.96
N TYR L 108 -23.15 -28.28 43.67
CA TYR L 108 -24.34 -29.09 43.53
C TYR L 108 -25.18 -28.96 44.82
N LEU L 109 -26.49 -28.82 44.65
CA LEU L 109 -27.41 -28.73 45.78
C LEU L 109 -28.45 -29.82 45.64
N ASP L 110 -28.69 -30.54 46.73
CA ASP L 110 -29.72 -31.57 46.71
C ASP L 110 -30.96 -30.84 47.23
N ILE L 111 -31.89 -30.54 46.34
CA ILE L 111 -33.10 -29.82 46.74
C ILE L 111 -34.33 -30.69 46.84
N SER L 112 -34.10 -31.99 46.96
CA SER L 112 -35.17 -32.98 47.06
C SER L 112 -36.18 -32.68 48.15
N ASP L 113 -35.71 -32.19 49.30
CA ASP L 113 -36.58 -31.88 50.44
C ASP L 113 -37.16 -30.48 50.33
N LYS L 114 -36.78 -29.75 49.29
CA LYS L 114 -37.24 -28.37 49.12
C LYS L 114 -38.34 -28.14 48.09
N VAL L 115 -38.46 -29.04 47.11
CA VAL L 115 -39.46 -28.87 46.07
C VAL L 115 -40.16 -30.19 45.79
N ARG L 116 -41.35 -30.12 45.20
CA ARG L 116 -42.12 -31.31 44.91
C ARG L 116 -41.96 -31.86 43.49
N ASP L 117 -41.58 -31.02 42.55
CA ASP L 117 -41.42 -31.45 41.17
C ASP L 117 -40.45 -30.54 40.42
N TYR L 118 -40.22 -30.81 39.14
CA TYR L 118 -39.29 -30.00 38.35
C TYR L 118 -39.77 -28.58 38.10
N ARG L 119 -41.10 -28.38 38.05
CA ARG L 119 -41.60 -27.03 37.87
C ARG L 119 -41.13 -26.19 39.05
N GLU L 120 -41.24 -26.74 40.26
CA GLU L 120 -40.81 -26.04 41.45
C GLU L 120 -39.29 -25.91 41.50
N ALA L 121 -38.58 -26.93 41.02
CA ALA L 121 -37.12 -26.89 41.00
C ALA L 121 -36.66 -25.75 40.08
N TYR L 122 -37.36 -25.62 38.96
CA TYR L 122 -37.06 -24.58 37.99
C TYR L 122 -37.28 -23.19 38.62
N ASN L 123 -38.39 -23.02 39.33
CA ASN L 123 -38.67 -21.75 39.98
C ASN L 123 -37.62 -21.45 41.05
N LEU L 124 -37.17 -22.50 41.76
CA LEU L 124 -36.15 -22.30 42.78
C LEU L 124 -34.87 -21.85 42.07
N GLY L 125 -34.63 -22.43 40.91
CA GLY L 125 -33.45 -22.06 40.12
C GLY L 125 -33.46 -20.59 39.75
N LEU L 126 -34.63 -20.07 39.38
CA LEU L 126 -34.75 -18.65 39.02
C LEU L 126 -34.50 -17.77 40.26
N GLU L 127 -35.01 -18.22 41.39
CA GLU L 127 -34.85 -17.53 42.67
C GLU L 127 -33.36 -17.39 42.98
N ILE L 128 -32.64 -18.49 42.88
CA ILE L 128 -31.20 -18.47 43.12
C ILE L 128 -30.48 -17.53 42.15
N LYS L 129 -30.76 -17.65 40.86
CA LYS L 129 -30.13 -16.78 39.88
C LYS L 129 -30.38 -15.30 40.22
N ASN L 130 -31.63 -14.96 40.54
CA ASN L 130 -31.96 -13.59 40.89
C ASN L 130 -31.27 -13.13 42.17
N LYS L 131 -31.16 -14.02 43.15
CA LYS L 131 -30.53 -13.68 44.41
C LYS L 131 -29.03 -13.39 44.21
N ILE L 132 -28.37 -14.21 43.41
CA ILE L 132 -26.94 -14.01 43.15
C ILE L 132 -26.72 -12.73 42.34
N LEU L 133 -27.63 -12.45 41.41
CA LEU L 133 -27.54 -11.25 40.59
C LEU L 133 -27.78 -10.03 41.49
N GLU L 134 -28.75 -10.16 42.37
CA GLU L 134 -29.13 -9.10 43.32
C GLU L 134 -27.99 -8.76 44.28
N LYS L 135 -27.37 -9.77 44.86
CA LYS L 135 -26.28 -9.59 45.82
C LYS L 135 -24.87 -9.37 45.25
N GLU L 136 -24.55 -10.01 44.13
CA GLU L 136 -23.21 -9.88 43.57
C GLU L 136 -23.14 -9.43 42.11
N LYS L 137 -24.29 -9.26 41.48
CA LYS L 137 -24.33 -8.84 40.07
C LYS L 137 -23.59 -9.81 39.14
N ILE L 138 -23.61 -11.08 39.51
CA ILE L 138 -22.96 -12.14 38.74
C ILE L 138 -24.03 -13.08 38.18
N THR L 139 -23.96 -13.36 36.88
CA THR L 139 -24.93 -14.27 36.24
C THR L 139 -24.36 -15.69 36.34
N VAL L 140 -25.24 -16.67 36.47
CA VAL L 140 -24.80 -18.05 36.58
C VAL L 140 -25.74 -18.93 35.74
N THR L 141 -25.34 -20.17 35.52
CA THR L 141 -26.18 -21.09 34.77
C THR L 141 -26.60 -22.19 35.74
N VAL L 142 -27.88 -22.55 35.68
CA VAL L 142 -28.44 -23.59 36.54
C VAL L 142 -28.83 -24.83 35.75
N GLY L 143 -28.39 -25.98 36.22
CA GLY L 143 -28.71 -27.25 35.59
C GLY L 143 -29.50 -28.05 36.61
N ILE L 144 -30.60 -28.66 36.19
CA ILE L 144 -31.43 -29.43 37.11
C ILE L 144 -31.79 -30.79 36.53
N SER L 145 -31.60 -31.85 37.31
CA SER L 145 -31.97 -33.18 36.85
C SER L 145 -32.10 -34.13 38.03
N LYS L 146 -32.18 -35.43 37.73
CA LYS L 146 -32.34 -36.43 38.77
C LYS L 146 -31.06 -36.83 39.49
N ASN L 147 -29.91 -36.49 38.91
CA ASN L 147 -28.63 -36.79 39.58
C ASN L 147 -27.57 -35.76 39.21
N LYS L 148 -26.41 -35.83 39.84
CA LYS L 148 -25.35 -34.86 39.60
C LYS L 148 -24.84 -34.79 38.18
N VAL L 149 -24.69 -35.95 37.55
CA VAL L 149 -24.18 -36.00 36.19
C VAL L 149 -25.09 -35.30 35.19
N PHE L 150 -26.38 -35.61 35.22
CA PHE L 150 -27.29 -34.97 34.30
C PHE L 150 -27.58 -33.51 34.65
N ALA L 151 -27.42 -33.14 35.91
CA ALA L 151 -27.64 -31.76 36.30
C ALA L 151 -26.50 -30.96 35.66
N LYS L 152 -25.30 -31.51 35.70
CA LYS L 152 -24.13 -30.84 35.11
C LYS L 152 -24.29 -30.75 33.59
N ILE L 153 -24.75 -31.83 32.97
CA ILE L 153 -24.95 -31.81 31.52
C ILE L 153 -25.97 -30.74 31.14
N ALA L 154 -27.00 -30.55 31.99
CA ALA L 154 -28.03 -29.56 31.72
C ALA L 154 -27.41 -28.17 31.68
N ALA L 155 -26.54 -27.88 32.65
CA ALA L 155 -25.87 -26.59 32.69
C ALA L 155 -24.97 -26.43 31.46
N ASP L 156 -24.26 -27.50 31.09
CA ASP L 156 -23.38 -27.45 29.93
C ASP L 156 -24.19 -27.07 28.68
N MET L 157 -25.41 -27.58 28.60
CA MET L 157 -26.27 -27.29 27.47
C MET L 157 -26.84 -25.88 27.48
N ALA L 158 -27.03 -25.31 28.67
CA ALA L 158 -27.63 -23.98 28.78
C ALA L 158 -26.74 -22.76 28.99
N LYS L 159 -25.47 -22.95 29.40
CA LYS L 159 -24.61 -21.79 29.64
C LYS L 159 -24.33 -21.00 28.35
N PRO L 160 -24.11 -19.67 28.47
CA PRO L 160 -24.11 -18.89 29.70
C PRO L 160 -25.46 -18.27 30.05
N ASN L 161 -25.59 -17.80 31.28
CA ASN L 161 -26.81 -17.16 31.78
C ASN L 161 -28.07 -17.95 31.43
N GLY L 162 -28.09 -19.24 31.77
CA GLY L 162 -29.26 -20.01 31.43
C GLY L 162 -29.77 -20.85 32.58
N ILE L 163 -30.81 -21.62 32.30
CA ILE L 163 -31.39 -22.52 33.27
C ILE L 163 -32.05 -23.61 32.46
N LYS L 164 -31.75 -24.85 32.80
CA LYS L 164 -32.30 -25.98 32.05
C LYS L 164 -32.60 -27.17 32.93
N VAL L 165 -33.76 -27.78 32.69
CA VAL L 165 -34.20 -28.97 33.39
C VAL L 165 -34.12 -30.15 32.43
N ILE L 166 -33.58 -31.27 32.91
CA ILE L 166 -33.53 -32.49 32.10
C ILE L 166 -34.40 -33.48 32.87
N ASP L 167 -35.65 -33.62 32.45
CA ASP L 167 -36.58 -34.53 33.15
C ASP L 167 -36.32 -36.00 32.86
N ASP L 168 -37.04 -36.87 33.56
CA ASP L 168 -36.86 -38.32 33.40
C ASP L 168 -36.88 -38.79 31.96
N GLU L 169 -37.77 -38.21 31.16
CA GLU L 169 -37.89 -38.59 29.75
C GLU L 169 -36.68 -38.13 28.93
N GLU L 170 -36.15 -36.95 29.20
CA GLU L 170 -35.00 -36.51 28.43
C GLU L 170 -33.75 -37.30 28.82
N VAL L 171 -33.70 -37.76 30.07
CA VAL L 171 -32.55 -38.55 30.51
C VAL L 171 -32.51 -39.82 29.67
N LYS L 172 -33.66 -40.46 29.52
CA LYS L 172 -33.74 -41.69 28.73
C LYS L 172 -33.33 -41.42 27.30
N ARG L 173 -33.72 -40.26 26.77
CA ARG L 173 -33.36 -39.90 25.41
C ARG L 173 -31.86 -39.62 25.30
N LEU L 174 -31.31 -38.91 26.27
CA LEU L 174 -29.88 -38.59 26.24
C LEU L 174 -29.06 -39.85 26.36
N ILE L 175 -29.54 -40.81 27.15
CA ILE L 175 -28.82 -42.07 27.31
C ILE L 175 -28.69 -42.73 25.93
N ARG L 176 -29.66 -42.48 25.05
CA ARG L 176 -29.62 -43.07 23.71
C ARG L 176 -29.01 -42.17 22.64
N GLU L 177 -29.14 -40.85 22.80
CA GLU L 177 -28.63 -39.92 21.79
C GLU L 177 -27.39 -39.09 22.13
N LEU L 178 -27.18 -38.80 23.40
CA LEU L 178 -26.04 -37.99 23.80
C LEU L 178 -24.70 -38.63 23.49
N ASP L 179 -23.82 -37.88 22.83
CA ASP L 179 -22.50 -38.37 22.49
C ASP L 179 -21.79 -38.68 23.82
N ILE L 180 -21.44 -39.94 24.04
CA ILE L 180 -20.79 -40.34 25.28
C ILE L 180 -19.58 -39.49 25.64
N ALA L 181 -18.97 -38.86 24.64
CA ALA L 181 -17.81 -38.01 24.88
C ALA L 181 -18.22 -36.76 25.66
N ASP L 182 -19.50 -36.42 25.64
CA ASP L 182 -20.00 -35.25 26.37
C ASP L 182 -20.38 -35.58 27.81
N VAL L 183 -20.15 -36.82 28.21
CA VAL L 183 -20.46 -37.22 29.58
C VAL L 183 -19.30 -36.80 30.47
N PRO L 184 -19.59 -36.11 31.58
CA PRO L 184 -18.53 -35.67 32.50
C PRO L 184 -17.62 -36.86 32.86
N GLY L 185 -16.31 -36.63 32.86
CA GLY L 185 -15.38 -37.69 33.21
C GLY L 185 -14.85 -38.44 32.00
N ILE L 186 -15.44 -38.20 30.84
CA ILE L 186 -15.01 -38.87 29.62
C ILE L 186 -14.24 -37.87 28.77
N GLY L 187 -12.91 -38.00 28.75
CA GLY L 187 -12.10 -37.10 27.95
C GLY L 187 -11.74 -37.73 26.62
N ASN L 188 -10.93 -37.02 25.83
CA ASN L 188 -10.54 -37.52 24.50
C ASN L 188 -9.93 -38.92 24.55
N ILE L 189 -9.01 -39.14 25.49
CA ILE L 189 -8.37 -40.45 25.59
C ILE L 189 -9.39 -41.57 25.80
N THR L 190 -10.30 -41.40 26.77
CA THR L 190 -11.31 -42.43 27.02
C THR L 190 -12.30 -42.54 25.86
N ALA L 191 -12.65 -41.40 25.26
CA ALA L 191 -13.58 -41.38 24.14
C ALA L 191 -13.05 -42.20 22.96
N GLU L 192 -11.75 -42.10 22.71
CA GLU L 192 -11.14 -42.84 21.60
C GLU L 192 -11.18 -44.34 21.90
N LYS L 193 -10.87 -44.71 23.14
CA LYS L 193 -10.89 -46.11 23.53
C LYS L 193 -12.28 -46.71 23.40
N LEU L 194 -13.30 -45.90 23.71
CA LEU L 194 -14.67 -46.39 23.61
C LEU L 194 -15.08 -46.58 22.17
N LYS L 195 -14.60 -45.72 21.29
CA LYS L 195 -14.94 -45.81 19.88
C LYS L 195 -14.44 -47.13 19.31
N LYS L 196 -13.31 -47.59 19.83
CA LYS L 196 -12.73 -48.85 19.39
C LYS L 196 -13.68 -50.01 19.70
N LEU L 197 -14.48 -49.86 20.75
CA LEU L 197 -15.44 -50.89 21.14
C LEU L 197 -16.77 -50.68 20.45
N GLY L 198 -16.88 -49.61 19.66
CA GLY L 198 -18.13 -49.32 18.99
C GLY L 198 -19.12 -48.74 19.98
N ILE L 199 -18.60 -47.91 20.89
CA ILE L 199 -19.42 -47.26 21.90
C ILE L 199 -19.34 -45.75 21.70
N ASN L 200 -20.48 -45.15 21.36
CA ASN L 200 -20.54 -43.71 21.15
C ASN L 200 -21.66 -43.06 21.94
N LYS L 201 -22.50 -43.89 22.54
CA LYS L 201 -23.63 -43.43 23.35
C LYS L 201 -23.65 -44.27 24.62
N LEU L 202 -24.23 -43.73 25.70
CA LEU L 202 -24.30 -44.47 26.95
C LEU L 202 -24.96 -45.83 26.77
N VAL L 203 -26.05 -45.88 26.01
CA VAL L 203 -26.77 -47.13 25.78
C VAL L 203 -25.84 -48.25 25.30
N ASP L 204 -24.90 -47.90 24.42
CA ASP L 204 -23.97 -48.88 23.88
C ASP L 204 -23.24 -49.72 24.93
N THR L 205 -22.90 -49.11 26.07
CA THR L 205 -22.18 -49.83 27.11
C THR L 205 -22.97 -50.99 27.70
N LEU L 206 -24.26 -51.07 27.37
CA LEU L 206 -25.10 -52.13 27.90
C LEU L 206 -25.14 -53.37 27.00
N SER L 207 -24.68 -53.24 25.77
CA SER L 207 -24.68 -54.35 24.83
C SER L 207 -23.29 -54.91 24.62
N ILE L 208 -22.38 -54.62 25.55
CA ILE L 208 -21.01 -55.09 25.48
C ILE L 208 -20.75 -55.91 26.73
N GLU L 209 -19.88 -56.91 26.63
CA GLU L 209 -19.56 -57.73 27.80
C GLU L 209 -18.89 -56.81 28.81
N PHE L 210 -19.35 -56.84 30.05
CA PHE L 210 -18.77 -55.99 31.08
C PHE L 210 -17.25 -56.10 31.09
N ASP L 211 -16.75 -57.31 31.25
CA ASP L 211 -15.31 -57.54 31.28
C ASP L 211 -14.59 -56.90 30.10
N LYS L 212 -15.25 -56.85 28.96
CA LYS L 212 -14.69 -56.25 27.76
C LYS L 212 -14.52 -54.75 28.04
N LEU L 213 -15.60 -54.11 28.43
CA LEU L 213 -15.59 -52.69 28.75
C LEU L 213 -14.56 -52.39 29.82
N LYS L 214 -14.61 -53.16 30.91
CA LYS L 214 -13.68 -52.99 32.02
C LYS L 214 -12.24 -53.15 31.55
N GLY L 215 -12.01 -54.09 30.66
CA GLY L 215 -10.67 -54.33 30.16
C GLY L 215 -10.12 -53.14 29.39
N MET L 216 -11.02 -52.36 28.77
CA MET L 216 -10.61 -51.20 27.98
C MET L 216 -10.42 -49.90 28.75
N ILE L 217 -11.41 -49.55 29.58
CA ILE L 217 -11.36 -48.29 30.31
C ILE L 217 -11.18 -48.37 31.83
N GLY L 218 -11.09 -49.58 32.36
CA GLY L 218 -10.93 -49.74 33.79
C GLY L 218 -12.27 -49.97 34.46
N GLU L 219 -12.25 -50.61 35.62
CA GLU L 219 -13.48 -50.92 36.32
C GLU L 219 -14.26 -49.67 36.77
N ALA L 220 -13.55 -48.67 37.29
CA ALA L 220 -14.21 -47.45 37.74
C ALA L 220 -15.07 -46.80 36.65
N LYS L 221 -14.46 -46.48 35.51
CA LYS L 221 -15.17 -45.85 34.40
C LYS L 221 -16.31 -46.73 33.92
N ALA L 222 -16.06 -48.03 33.87
CA ALA L 222 -17.05 -48.98 33.40
C ALA L 222 -18.32 -48.98 34.27
N LYS L 223 -18.15 -49.11 35.58
CA LYS L 223 -19.30 -49.12 36.47
C LYS L 223 -20.06 -47.79 36.38
N TYR L 224 -19.30 -46.71 36.36
CA TYR L 224 -19.86 -45.37 36.26
C TYR L 224 -20.74 -45.25 35.02
N LEU L 225 -20.19 -45.55 33.85
CA LEU L 225 -20.96 -45.45 32.61
C LEU L 225 -22.18 -46.37 32.60
N ILE L 226 -22.01 -47.59 33.09
CA ILE L 226 -23.12 -48.54 33.11
C ILE L 226 -24.23 -48.07 34.06
N SER L 227 -23.85 -47.56 35.23
CA SER L 227 -24.86 -47.08 36.19
C SER L 227 -25.65 -45.92 35.59
N LEU L 228 -24.98 -45.11 34.77
CA LEU L 228 -25.64 -43.98 34.12
C LEU L 228 -26.56 -44.52 33.03
N ALA L 229 -26.04 -45.46 32.25
CA ALA L 229 -26.81 -46.07 31.17
C ALA L 229 -28.04 -46.80 31.70
N ARG L 230 -27.89 -47.49 32.84
CA ARG L 230 -29.00 -48.22 33.44
C ARG L 230 -29.88 -47.24 34.20
N ASP L 231 -29.49 -45.97 34.18
CA ASP L 231 -30.23 -44.91 34.88
C ASP L 231 -30.40 -45.29 36.36
N GLU L 232 -29.31 -45.77 36.95
CA GLU L 232 -29.33 -46.17 38.35
C GLU L 232 -28.32 -45.36 39.17
N TYR L 233 -27.69 -44.39 38.53
CA TYR L 233 -26.70 -43.53 39.19
C TYR L 233 -27.40 -42.63 40.21
N ASN L 234 -26.85 -42.55 41.42
CA ASN L 234 -27.45 -41.71 42.44
C ASN L 234 -26.48 -41.33 43.54
N GLU L 235 -25.27 -40.91 43.16
CA GLU L 235 -24.26 -40.49 44.11
C GLU L 235 -24.79 -39.33 44.94
N PRO L 236 -24.76 -39.44 46.27
CA PRO L 236 -25.26 -38.35 47.11
C PRO L 236 -24.42 -37.08 47.03
N ILE L 237 -25.05 -35.96 47.33
CA ILE L 237 -24.36 -34.68 47.34
C ILE L 237 -23.71 -34.64 48.72
N ARG L 238 -22.40 -34.54 48.78
CA ARG L 238 -21.72 -34.51 50.07
C ARG L 238 -20.66 -33.42 50.17
N THR L 239 -20.45 -32.95 51.40
CA THR L 239 -19.48 -31.90 51.67
C THR L 239 -18.12 -32.25 51.10
N ARG L 240 -17.52 -31.30 50.40
CA ARG L 240 -16.20 -31.51 49.81
C ARG L 240 -15.12 -31.43 50.89
N VAL L 241 -14.23 -32.40 50.91
CA VAL L 241 -13.14 -32.43 51.89
C VAL L 241 -11.80 -32.39 51.17
N ARG L 242 -11.08 -31.28 51.30
CA ARG L 242 -9.79 -31.14 50.64
C ARG L 242 -8.86 -32.29 51.01
N LYS L 243 -8.29 -32.95 50.01
CA LYS L 243 -7.38 -34.06 50.24
C LYS L 243 -5.93 -33.70 49.94
N SER L 244 -5.71 -32.55 49.30
CA SER L 244 -4.35 -32.11 49.00
C SER L 244 -4.27 -30.62 48.71
N ILE L 245 -3.10 -30.06 49.03
CA ILE L 245 -2.83 -28.65 48.80
C ILE L 245 -1.41 -28.51 48.28
N GLY L 246 -1.23 -27.70 47.26
CA GLY L 246 0.09 -27.51 46.70
C GLY L 246 0.27 -26.22 45.95
N ARG L 247 1.48 -26.04 45.41
CA ARG L 247 1.83 -24.86 44.64
C ARG L 247 2.97 -25.24 43.71
N ILE L 248 2.91 -24.77 42.46
CA ILE L 248 3.94 -25.03 41.48
C ILE L 248 4.18 -23.74 40.73
N VAL L 249 5.46 -23.39 40.54
CA VAL L 249 5.82 -22.16 39.86
C VAL L 249 6.71 -22.39 38.65
N THR L 250 6.77 -21.38 37.79
CA THR L 250 7.58 -21.43 36.58
C THR L 250 8.91 -20.71 36.81
N MET L 251 10.01 -21.36 36.49
CA MET L 251 11.32 -20.73 36.68
C MET L 251 11.63 -19.80 35.51
N LYS L 252 12.39 -18.74 35.77
CA LYS L 252 12.75 -17.79 34.72
C LYS L 252 13.37 -18.54 33.54
N ARG L 253 14.19 -19.54 33.84
CA ARG L 253 14.83 -20.33 32.81
C ARG L 253 14.94 -21.78 33.22
N ASN L 254 14.94 -22.67 32.25
CA ASN L 254 15.04 -24.08 32.55
C ASN L 254 16.38 -24.32 33.21
N SER L 255 16.51 -25.44 33.91
CA SER L 255 17.74 -25.75 34.61
C SER L 255 17.64 -27.08 35.33
N ARG L 256 18.81 -27.63 35.66
CA ARG L 256 18.88 -28.87 36.40
C ARG L 256 19.96 -28.65 37.46
N ASN L 257 20.09 -27.38 37.85
CA ASN L 257 21.04 -26.95 38.87
C ASN L 257 20.27 -26.88 40.19
N LEU L 258 20.50 -27.87 41.04
CA LEU L 258 19.84 -27.95 42.34
C LEU L 258 19.73 -26.61 43.06
N GLU L 259 20.86 -25.90 43.17
CA GLU L 259 20.88 -24.62 43.86
C GLU L 259 20.11 -23.52 43.13
N GLU L 260 19.91 -23.71 41.84
CA GLU L 260 19.18 -22.73 41.05
C GLU L 260 17.68 -22.98 41.21
N ILE L 261 17.33 -24.26 41.37
CA ILE L 261 15.93 -24.67 41.52
C ILE L 261 15.34 -24.48 42.92
N LYS L 262 16.15 -24.65 43.95
CA LYS L 262 15.70 -24.52 45.34
C LYS L 262 14.92 -23.27 45.72
N PRO L 263 15.40 -22.08 45.32
CA PRO L 263 14.67 -20.85 45.66
C PRO L 263 13.21 -20.92 45.23
N TYR L 264 12.97 -21.49 44.06
CA TYR L 264 11.60 -21.62 43.55
C TYR L 264 10.84 -22.65 44.39
N LEU L 265 11.47 -23.77 44.66
CA LEU L 265 10.85 -24.84 45.43
C LEU L 265 10.46 -24.40 46.83
N PHE L 266 11.36 -23.69 47.51
CA PHE L 266 11.08 -23.22 48.86
C PHE L 266 9.95 -22.19 48.84
N ARG L 267 9.92 -21.37 47.80
CA ARG L 267 8.89 -20.35 47.66
C ARG L 267 7.55 -21.07 47.53
N ALA L 268 7.55 -22.20 46.82
CA ALA L 268 6.33 -22.98 46.64
C ALA L 268 5.87 -23.53 47.98
N ILE L 269 6.82 -23.94 48.80
CA ILE L 269 6.49 -24.48 50.12
C ILE L 269 5.93 -23.37 51.01
N GLU L 270 6.59 -22.21 51.00
CA GLU L 270 6.12 -21.08 51.79
C GLU L 270 4.67 -20.74 51.48
N GLU L 271 4.41 -20.39 50.22
CA GLU L 271 3.07 -20.01 49.78
C GLU L 271 2.09 -21.17 49.91
N SER L 272 2.63 -22.35 50.19
CA SER L 272 1.84 -23.57 50.31
C SER L 272 1.48 -23.93 51.76
N TYR L 273 2.48 -23.94 52.64
CA TYR L 273 2.27 -24.28 54.04
C TYR L 273 1.25 -23.32 54.62
N TYR L 274 1.24 -22.13 54.05
CA TYR L 274 0.32 -21.09 54.45
C TYR L 274 -1.11 -21.59 54.20
N LYS L 275 -1.38 -21.99 52.96
CA LYS L 275 -2.70 -22.48 52.60
C LYS L 275 -3.14 -23.69 53.42
N LEU L 276 -2.20 -24.36 54.09
CA LEU L 276 -2.54 -25.52 54.91
C LEU L 276 -3.42 -25.12 56.08
N ASP L 277 -2.84 -24.36 57.02
CA ASP L 277 -3.56 -23.89 58.20
C ASP L 277 -4.33 -24.99 58.91
N LYS L 278 -3.91 -25.30 60.13
CA LYS L 278 -4.54 -26.35 60.93
C LYS L 278 -4.30 -27.73 60.33
N ARG L 279 -4.60 -27.91 59.06
CA ARG L 279 -4.38 -29.20 58.41
C ARG L 279 -2.88 -29.50 58.44
N ILE L 280 -2.52 -30.70 58.89
CA ILE L 280 -1.13 -31.11 58.95
C ILE L 280 -0.99 -32.34 58.06
N PRO L 281 -0.17 -32.24 56.99
CA PRO L 281 0.03 -33.36 56.07
C PRO L 281 1.06 -34.38 56.52
N LYS L 282 0.85 -35.63 56.13
CA LYS L 282 1.78 -36.71 56.46
C LYS L 282 2.52 -37.12 55.20
N ALA L 283 2.08 -36.59 54.06
CA ALA L 283 2.71 -36.91 52.78
C ALA L 283 3.14 -35.65 52.02
N ILE L 284 4.28 -35.74 51.34
CA ILE L 284 4.80 -34.63 50.54
C ILE L 284 5.29 -35.14 49.20
N HIS L 285 4.99 -34.39 48.14
CA HIS L 285 5.40 -34.73 46.77
C HIS L 285 6.06 -33.51 46.11
N VAL L 286 7.19 -33.71 45.46
CA VAL L 286 7.83 -32.61 44.74
C VAL L 286 7.47 -32.89 43.30
N VAL L 287 6.86 -31.90 42.65
CA VAL L 287 6.41 -32.05 41.26
C VAL L 287 7.24 -31.19 40.32
N ALA L 288 7.73 -31.80 39.25
CA ALA L 288 8.53 -31.08 38.28
C ALA L 288 8.01 -31.24 36.85
N VAL L 289 7.97 -30.13 36.13
CA VAL L 289 7.54 -30.15 34.74
C VAL L 289 8.84 -29.98 33.96
N THR L 290 9.17 -30.97 33.12
CA THR L 290 10.41 -30.92 32.35
C THR L 290 10.36 -29.91 31.20
N GLU L 291 11.51 -29.68 30.58
CA GLU L 291 11.61 -28.74 29.47
C GLU L 291 10.72 -29.13 28.31
N ASP L 292 10.43 -30.42 28.18
CA ASP L 292 9.56 -30.88 27.10
C ASP L 292 8.12 -31.01 27.59
N LEU L 293 7.83 -30.35 28.70
CA LEU L 293 6.50 -30.32 29.30
C LEU L 293 5.98 -31.65 29.87
N ASP L 294 6.88 -32.57 30.18
CA ASP L 294 6.48 -33.85 30.76
C ASP L 294 6.46 -33.64 32.28
N ILE L 295 5.60 -34.38 32.98
CA ILE L 295 5.50 -34.25 34.42
C ILE L 295 6.18 -35.39 35.18
N VAL L 296 7.09 -35.02 36.08
CA VAL L 296 7.84 -35.98 36.90
C VAL L 296 7.68 -35.61 38.37
N SER L 297 7.47 -36.61 39.23
CA SER L 297 7.32 -36.34 40.65
C SER L 297 7.87 -37.47 41.51
N ARG L 298 8.25 -37.09 42.73
CA ARG L 298 8.79 -38.01 43.72
C ARG L 298 8.19 -37.59 45.07
N GLY L 299 7.73 -38.57 45.85
CA GLY L 299 7.14 -38.22 47.12
C GLY L 299 7.52 -39.14 48.26
N ARG L 300 7.01 -38.82 49.45
CA ARG L 300 7.27 -39.60 50.64
C ARG L 300 6.15 -39.41 51.64
N THR L 301 5.74 -40.51 52.28
CA THR L 301 4.70 -40.46 53.30
C THR L 301 5.41 -40.72 54.62
N PHE L 302 5.17 -39.86 55.61
CA PHE L 302 5.78 -40.03 56.92
C PHE L 302 4.77 -40.64 57.88
N PRO L 303 5.26 -41.27 58.96
CA PRO L 303 4.34 -41.88 59.93
C PRO L 303 3.85 -40.80 60.91
N HIS L 304 4.12 -39.55 60.57
CA HIS L 304 3.72 -38.42 61.40
C HIS L 304 3.48 -37.17 60.54
N GLY L 305 2.98 -36.11 61.17
CA GLY L 305 2.74 -34.87 60.44
C GLY L 305 4.05 -34.19 60.08
N ILE L 306 4.06 -33.51 58.94
CA ILE L 306 5.25 -32.83 58.45
C ILE L 306 5.34 -31.36 58.87
N SER L 307 6.41 -31.01 59.57
CA SER L 307 6.59 -29.61 59.99
C SER L 307 7.17 -28.87 58.78
N LYS L 308 7.13 -27.55 58.83
CA LYS L 308 7.64 -26.73 57.75
C LYS L 308 9.11 -27.07 57.49
N GLU L 309 9.88 -27.20 58.56
CA GLU L 309 11.30 -27.53 58.46
C GLU L 309 11.51 -28.89 57.82
N THR L 310 10.68 -29.87 58.19
CA THR L 310 10.82 -31.20 57.61
C THR L 310 10.49 -31.12 56.12
N ALA L 311 9.50 -30.30 55.77
CA ALA L 311 9.11 -30.14 54.38
C ALA L 311 10.27 -29.59 53.57
N TYR L 312 10.92 -28.53 54.06
CA TYR L 312 12.06 -27.96 53.35
C TYR L 312 13.13 -29.01 53.11
N SER L 313 13.51 -29.70 54.18
CA SER L 313 14.53 -30.74 54.11
C SER L 313 14.16 -31.89 53.18
N GLU L 314 12.95 -32.40 53.29
CA GLU L 314 12.53 -33.51 52.44
C GLU L 314 12.35 -33.09 50.98
N SER L 315 11.89 -31.86 50.76
CA SER L 315 11.68 -31.37 49.39
C SER L 315 13.00 -31.39 48.62
N VAL L 316 14.07 -30.96 49.28
CA VAL L 316 15.38 -30.93 48.67
C VAL L 316 15.82 -32.36 48.31
N LYS L 317 15.56 -33.31 49.19
CA LYS L 317 15.92 -34.71 48.93
C LYS L 317 15.15 -35.28 47.74
N LEU L 318 13.86 -34.96 47.66
CA LEU L 318 13.03 -35.45 46.56
C LEU L 318 13.44 -34.82 45.22
N LEU L 319 13.85 -33.56 45.27
CA LEU L 319 14.29 -32.85 44.06
C LEU L 319 15.59 -33.48 43.56
N GLN L 320 16.52 -33.76 44.46
CA GLN L 320 17.79 -34.37 44.06
C GLN L 320 17.50 -35.73 43.42
N LYS L 321 16.50 -36.43 43.93
CA LYS L 321 16.14 -37.74 43.40
C LYS L 321 15.63 -37.62 41.96
N ILE L 322 14.80 -36.61 41.71
CA ILE L 322 14.28 -36.38 40.37
C ILE L 322 15.43 -36.07 39.42
N LEU L 323 16.36 -35.25 39.89
CA LEU L 323 17.52 -34.87 39.09
C LEU L 323 18.39 -36.10 38.76
N GLU L 324 18.67 -36.91 39.77
CA GLU L 324 19.47 -38.11 39.58
C GLU L 324 18.78 -39.17 38.72
N GLU L 325 17.45 -39.12 38.68
CA GLU L 325 16.69 -40.09 37.91
C GLU L 325 16.12 -39.62 36.57
N ASP L 326 16.27 -38.33 36.28
CA ASP L 326 15.78 -37.77 35.01
C ASP L 326 16.85 -36.82 34.48
N GLU L 327 17.25 -37.00 33.23
CA GLU L 327 18.30 -36.17 32.64
C GLU L 327 17.85 -34.79 32.16
N ARG L 328 16.59 -34.68 31.74
CA ARG L 328 16.05 -33.43 31.24
C ARG L 328 16.15 -32.24 32.21
N LYS L 329 16.07 -31.04 31.66
CA LYS L 329 16.11 -29.82 32.46
C LYS L 329 14.71 -29.55 32.98
N ILE L 330 14.60 -28.79 34.07
CA ILE L 330 13.32 -28.49 34.68
C ILE L 330 12.80 -27.10 34.30
N ARG L 331 11.51 -27.02 33.99
CA ARG L 331 10.86 -25.77 33.62
C ARG L 331 10.00 -25.22 34.75
N ARG L 332 9.22 -26.10 35.38
CA ARG L 332 8.38 -25.71 36.51
C ARG L 332 8.66 -26.65 37.67
N ILE L 333 8.59 -26.14 38.89
CA ILE L 333 8.85 -26.95 40.06
C ILE L 333 7.85 -26.62 41.14
N GLY L 334 7.43 -27.63 41.89
CA GLY L 334 6.47 -27.37 42.94
C GLY L 334 6.33 -28.49 43.96
N VAL L 335 5.38 -28.30 44.87
CA VAL L 335 5.14 -29.27 45.92
C VAL L 335 3.65 -29.46 46.17
N ARG L 336 3.27 -30.63 46.66
CA ARG L 336 1.88 -30.93 46.98
C ARG L 336 1.86 -31.72 48.29
N PHE L 337 1.06 -31.27 49.25
CA PHE L 337 0.95 -31.92 50.56
C PHE L 337 -0.38 -32.67 50.64
N SER L 338 -0.36 -33.86 51.23
CA SER L 338 -1.58 -34.65 51.34
C SER L 338 -1.60 -35.54 52.58
N LYS L 339 -2.60 -36.42 52.65
CA LYS L 339 -2.77 -37.31 53.80
C LYS L 339 -2.80 -36.52 55.09
N PHE L 340 -3.79 -35.64 55.21
CA PHE L 340 -3.93 -34.79 56.38
C PHE L 340 -4.32 -35.56 57.65
N ILE L 341 -3.86 -35.09 58.80
CA ILE L 341 -4.17 -35.73 60.07
C ILE L 341 -5.60 -35.42 60.49
CA CA M . 10.31 20.19 -32.65
MG MG N . 11.67 34.07 -26.28
C4 DDY O . 17.34 26.45 -35.24
PB DDY O . 12.75 21.49 -30.50
PA DDY O . 13.65 20.48 -33.06
C2 DDY O . 17.02 24.97 -37.16
C5 DDY O . 16.28 25.83 -34.58
O2 DDY O . 17.37 24.60 -38.27
O3B DDY O . 13.53 20.24 -29.88
O1B DDY O . 11.33 21.11 -30.60
O2B DDY O . 13.09 22.69 -29.73
O3A DDY O . 13.41 21.67 -31.99
O1A DDY O . 12.50 19.57 -33.13
O2A DDY O . 14.98 19.87 -32.79
O5' DDY O . 13.76 21.33 -34.42
C5' DDY O . 12.88 21.11 -35.53
C4' DDY O . 13.53 21.71 -36.78
O4' DDY O . 13.80 23.13 -36.63
C3' DDY O . 14.75 21.17 -36.95
C2' DDY O . 15.66 22.09 -37.17
C1' DDY O . 15.13 23.31 -37.20
N1 DDY O . 15.94 24.35 -36.49
C6 DDY O . 15.57 24.79 -35.19
N4 DDY O . 17.99 27.46 -34.67
N3 DDY O . 17.71 26.03 -36.52
CA CA P . 29.49 -3.99 9.69
MG MG Q . 32.23 7.91 18.74
C4 DDY R . 38.51 3.03 8.92
PB DDY R . 32.03 -3.65 12.25
PA DDY R . 33.00 -4.14 9.58
C2 DDY R . 37.50 1.84 7.03
C5 DDY R . 37.44 2.66 9.74
O2 DDY R . 37.54 1.48 5.86
O3B DDY R . 32.61 -4.50 13.48
O1B DDY R . 30.83 -4.37 11.78
O2B DDY R . 31.89 -2.24 12.67
O3A DDY R . 33.23 -3.75 11.15
O1A DDY R . 31.90 -5.12 9.46
O2A DDY R . 34.33 -4.49 9.03
O5' DDY R . 32.53 -2.75 8.92
C5' DDY R . 33.18 -1.53 9.25
C4' DDY R . 33.68 -0.80 7.99
O4' DDY R . 34.22 0.51 8.29
C3' DDY R . 34.66 -1.42 7.36
C2' DDY R . 35.58 -0.56 6.96
C1' DDY R . 35.26 0.69 7.29
N1 DDY R . 36.41 1.48 7.85
C6 DDY R . 36.39 1.90 9.21
N4 DDY R . 39.50 3.78 9.41
N3 DDY R . 38.54 2.61 7.56
CA CA S . -37.29 2.16 -7.37
MG MG T . -35.28 -9.48 -17.47
C4 DDY U . -28.19 0.50 -10.51
PB DDY U . -36.23 2.08 -10.68
PA DDY U . -34.47 3.53 -8.94
C2 DDY U . -27.94 1.61 -8.35
C5 DDY U . -29.58 0.46 -10.35
O2 DDY U . -27.23 2.11 -7.48
O3B DDY U . -36.61 3.49 -11.31
O1B DDY U . -37.24 1.78 -9.66
O2B DDY U . -36.04 1.11 -11.77
O3A DDY U . -34.79 2.35 -9.99
O1A DDY U . -35.64 3.81 -8.08
O2A DDY U . -33.89 4.67 -9.68
O5' DDY U . -33.31 2.83 -8.06
C5' DDY U . -33.45 2.62 -6.66
C4' DDY U . -32.05 2.50 -6.04
O4' DDY U . -31.29 1.44 -6.68
C3' DDY U . -31.36 3.60 -6.33
C2' DDY U . -30.17 3.32 -6.83
C1' DDY U . -29.97 2.01 -6.89
N1 DDY U . -29.35 1.56 -8.18
C6 DDY U . -30.15 0.98 -9.19
N4 DDY U . -27.64 -0.03 -11.60
N3 DDY U . -27.37 1.07 -9.51
CA CA V . -18.27 -21.56 34.71
MG MG W . -15.59 -34.91 27.15
C4 DDY X . -8.87 -23.93 32.66
PB DDY X . -17.01 -22.09 31.49
PA DDY X . -15.39 -20.43 33.21
C2 DDY X . -8.79 -22.41 34.57
C5 DDY X . -10.27 -23.94 32.70
O2 DDY X . -8.15 -21.74 35.38
O3B DDY X . -17.31 -20.80 30.59
O1B DDY X . -18.12 -22.24 32.44
O2B DDY X . -16.72 -23.22 30.59
O3A DDY X . -15.63 -21.73 32.28
O1A DDY X . -16.57 -20.11 34.01
O2A DDY X . -14.81 -19.37 32.36
O5' DDY X . -14.24 -20.98 34.19
C5' DDY X . -14.39 -20.97 35.60
C4' DDY X . -13.02 -20.98 36.26
O4' DDY X . -12.27 -22.16 35.91
C3' DDY X . -12.29 -19.98 35.77
C2' DDY X . -11.08 -20.39 35.43
C1' DDY X . -10.91 -21.67 35.70
N1 DDY X . -10.19 -22.42 34.62
C6 DDY X . -10.93 -23.19 33.67
N4 DDY X . -8.22 -24.64 31.73
N3 DDY X . -8.13 -23.17 33.59
#